data_5ZSC
#
_entry.id   5ZSC
#
_cell.length_a   98.571
_cell.length_b   138.830
_cell.length_c   149.513
_cell.angle_alpha   90.00
_cell.angle_beta   90.00
_cell.angle_gamma   90.00
#
_symmetry.space_group_name_H-M   'P 21 21 21'
#
loop_
_entity.id
_entity.type
_entity.pdbx_description
1 polymer 'Toll-like receptor 7'
2 polymer "RNA (5'-R(P*UP*UP*CP*A)-3')"
3 branched 2-acetamido-2-deoxy-beta-D-glucopyranose-(1-4)-2-acetamido-2-deoxy-beta-D-glucopyranose
4 non-polymer 2-acetamido-2-deoxy-beta-D-glucopyranose
5 non-polymer 1-[[4-(aminomethyl)phenyl]methyl]-2-butyl-imidazo[4,5-c]quinolin-4-amine
6 non-polymer 'SULFATE ION'
7 water water
#
loop_
_entity_poly.entity_id
_entity_poly.type
_entity_poly.pdbx_seq_one_letter_code
_entity_poly.pdbx_strand_id
1 'polypeptide(L)'
;RSPWARWFPKTLPCDVTLDVSKNHVIVDCTDKHLTEIPGGIPTNTTNLTLTINHIPDISPASFHRLVHLVEIDFRCNCVP
IRLGSKSNMCPRRLQIKPRSFSGLTYLKSLYLDGNQLLEIPQGLPPSLQLLSLEANNIFSIRKEQLTELANIEILYLGQN
CYYRNPCYVSYSIEKDAFLNLTKLKVLSLKDNNVTTVPTVLPSTLTELYLYNNMIAEIQEDDFNNLNQLQILDLSGNCPR
CYNAPFPCTPCKNNSPLQIPVNAFDALTELKVLRLHSNSLQHVPPRWFKNINNLQELDLSQNFLAKEIGDAKFLHFLPNL
IQLDLSFNFELQVYRASMNLSQAFSSLKSLKILRIRGYVFKELKSFQLSPLHNLQNLEVLDLGTNFIKIANLSMFKQFKR
LKVIDLSVNKISPSGDSLVPRGSSNARTSVESYEPQVLEQLYYFRYDKYARSCRFKNKEASFTSVQESCYKYGQTLDLSK
NSIFFIKSSDFQHLSFLKCLNLSGNLISQTLNGSEFQPLAELRYLDFSNNRLDLLHSTAFEELRKLEVLDISSNSHYFQS
EGITHMLNFTKNLKVLQKLMMNDNDISSSTSRTMESESLRTLEFRGNHLDVLWRDGDNRYLQLFKNLLKLEELDISKNSL
SFLPSGVFDGMPPNLKNLSLAKNGLKSFIWEKLRYLKNLETLDLSHNQLTTVPERLSNCSRSLKNLILKNNQIRSLTKYF
LQDAFQLRYLDLSSNKIQMIQKTSFPENVLNNLKMLLLHHNRFLCTCDAVWFVWWVQHTEVTIPYLATDVTCVGPGAHKG
QSVISLDLYTCELDLTNEFLVPR
;
B,A
2 'polyribonucleotide' CCUUCA C,D
#
loop_
_chem_comp.id
_chem_comp.type
_chem_comp.name
_chem_comp.formula
A RNA linking ADENOSINE-5'-MONOPHOSPHATE 'C10 H14 N5 O7 P'
C RNA linking CYTIDINE-5'-MONOPHOSPHATE 'C9 H14 N3 O8 P'
IDQ non-polymer 1-[[4-(aminomethyl)phenyl]methyl]-2-butyl-imidazo[4,5-c]quinolin-4-amine 'C22 H25 N5'
NAG D-saccharide, beta linking 2-acetamido-2-deoxy-beta-D-glucopyranose 'C8 H15 N O6'
SO4 non-polymer 'SULFATE ION' 'O4 S -2'
U RNA linking URIDINE-5'-MONOPHOSPHATE 'C9 H13 N2 O9 P'
#
# COMPACT_ATOMS: atom_id res chain seq x y z
N ALA A 5 31.69 -33.34 4.08
CA ALA A 5 32.28 -33.01 2.79
C ALA A 5 33.33 -31.92 2.98
N ARG A 6 33.12 -31.04 3.96
CA ARG A 6 34.15 -30.10 4.40
C ARG A 6 34.85 -30.70 5.61
N TRP A 7 36.17 -30.54 5.68
CA TRP A 7 36.88 -30.98 6.87
C TRP A 7 37.04 -29.86 7.89
N PHE A 8 37.09 -28.61 7.45
CA PHE A 8 37.26 -27.48 8.36
C PHE A 8 36.14 -26.48 8.11
N PRO A 9 35.15 -26.40 9.00
CA PRO A 9 34.05 -25.45 8.80
C PRO A 9 34.56 -24.01 8.78
N LYS A 10 33.93 -23.20 7.93
CA LYS A 10 34.24 -21.78 7.86
C LYS A 10 33.44 -21.04 8.92
N THR A 11 34.13 -20.47 9.89
CA THR A 11 33.47 -19.72 10.95
C THR A 11 33.66 -18.20 10.83
N LEU A 12 34.58 -17.75 9.98
CA LEU A 12 34.82 -16.33 9.79
C LEU A 12 33.54 -15.64 9.31
N PRO A 13 33.16 -14.49 9.90
CA PRO A 13 31.87 -13.88 9.55
C PRO A 13 31.90 -13.06 8.28
N CYS A 14 32.79 -13.38 7.33
CA CYS A 14 32.94 -12.63 6.11
C CYS A 14 32.81 -13.58 4.93
N ASP A 15 32.38 -13.06 3.78
CA ASP A 15 32.38 -13.88 2.59
C ASP A 15 33.78 -13.95 2.00
N VAL A 16 34.23 -15.16 1.67
CA VAL A 16 35.57 -15.36 1.13
C VAL A 16 35.44 -15.95 -0.28
N THR A 17 36.09 -15.31 -1.24
CA THR A 17 36.02 -15.68 -2.65
C THR A 17 37.43 -15.84 -3.19
N LEU A 18 37.56 -16.73 -4.17
CA LEU A 18 38.81 -16.99 -4.86
C LEU A 18 38.59 -16.80 -6.35
N ASP A 19 39.30 -15.84 -6.93
CA ASP A 19 39.38 -15.71 -8.38
C ASP A 19 40.87 -15.86 -8.69
N VAL A 20 41.29 -17.11 -8.93
CA VAL A 20 42.72 -17.40 -9.05
C VAL A 20 43.28 -17.04 -10.41
N SER A 21 42.41 -16.69 -11.37
CA SER A 21 42.89 -16.00 -12.58
C SER A 21 43.73 -14.79 -12.21
N LYS A 22 43.14 -13.86 -11.46
CA LYS A 22 43.81 -12.66 -10.97
C LYS A 22 44.51 -12.87 -9.63
N ASN A 23 44.70 -14.13 -9.20
CA ASN A 23 45.10 -14.55 -7.85
C ASN A 23 44.66 -13.57 -6.76
N HIS A 24 43.36 -13.29 -6.70
CA HIS A 24 42.79 -12.46 -5.65
C HIS A 24 42.12 -13.35 -4.60
N VAL A 25 42.39 -13.06 -3.33
CA VAL A 25 41.64 -13.66 -2.23
C VAL A 25 40.79 -12.55 -1.63
N ILE A 26 39.49 -12.62 -1.90
CA ILE A 26 38.53 -11.54 -1.64
C ILE A 26 37.77 -11.85 -0.37
N VAL A 27 37.97 -11.01 0.65
CA VAL A 27 37.32 -11.15 1.94
C VAL A 27 36.38 -9.96 2.12
N ASP A 28 35.08 -10.22 2.20
CA ASP A 28 34.06 -9.17 2.27
C ASP A 28 33.31 -9.28 3.59
N CYS A 29 33.65 -8.39 4.53
CA CYS A 29 33.02 -8.28 5.83
C CYS A 29 32.08 -7.09 5.91
N THR A 30 31.47 -6.71 4.79
CA THR A 30 30.59 -5.54 4.79
C THR A 30 29.45 -5.73 5.77
N ASP A 31 29.25 -4.76 6.65
CA ASP A 31 28.06 -4.69 7.48
C ASP A 31 27.86 -5.97 8.28
N LYS A 32 28.81 -6.24 9.18
CA LYS A 32 28.75 -7.46 9.98
C LYS A 32 28.75 -7.14 11.48
N HIS A 33 28.47 -5.89 11.84
CA HIS A 33 28.41 -5.49 13.23
C HIS A 33 29.68 -5.85 13.97
N LEU A 34 30.81 -5.72 13.28
CA LEU A 34 32.09 -6.01 13.88
C LEU A 34 32.56 -4.84 14.71
N THR A 35 33.08 -5.15 15.90
CA THR A 35 33.77 -4.15 16.69
C THR A 35 35.27 -4.33 16.67
N GLU A 36 35.77 -5.39 16.06
CA GLU A 36 37.20 -5.50 15.80
C GLU A 36 37.36 -6.32 14.53
N ILE A 37 38.52 -6.16 13.90
CA ILE A 37 38.80 -7.02 12.74
C ILE A 37 38.74 -8.47 13.18
N PRO A 38 38.00 -9.33 12.48
CA PRO A 38 37.85 -10.71 12.97
C PRO A 38 39.14 -11.48 12.84
N GLY A 39 39.35 -12.42 13.77
CA GLY A 39 40.51 -13.27 13.68
C GLY A 39 40.38 -14.29 12.57
N GLY A 40 41.52 -14.74 12.06
CA GLY A 40 41.49 -15.80 11.09
C GLY A 40 41.19 -15.36 9.68
N ILE A 41 41.38 -14.08 9.36
CA ILE A 41 41.31 -13.67 7.95
C ILE A 41 42.42 -14.39 7.20
N PRO A 42 42.17 -14.93 6.00
CA PRO A 42 43.22 -15.64 5.27
C PRO A 42 44.49 -14.83 5.14
N THR A 43 45.63 -15.50 5.32
CA THR A 43 46.93 -14.83 5.18
C THR A 43 47.18 -14.35 3.76
N ASN A 44 46.60 -15.03 2.77
CA ASN A 44 46.76 -14.64 1.37
C ASN A 44 45.74 -13.59 0.92
N THR A 45 45.02 -12.95 1.84
CA THR A 45 43.97 -12.02 1.45
C THR A 45 44.55 -10.84 0.66
N THR A 46 44.00 -10.59 -0.52
CA THR A 46 44.40 -9.43 -1.32
C THR A 46 43.40 -8.27 -1.25
N ASN A 47 42.10 -8.54 -1.19
CA ASN A 47 41.07 -7.50 -1.12
C ASN A 47 40.27 -7.72 0.16
N LEU A 48 40.38 -6.81 1.12
CA LEU A 48 39.67 -6.90 2.38
C LEU A 48 38.71 -5.73 2.52
N THR A 49 37.42 -6.04 2.67
CA THR A 49 36.37 -5.03 2.79
C THR A 49 35.77 -5.08 4.17
N LEU A 50 35.82 -3.96 4.87
CA LEU A 50 35.31 -3.84 6.22
C LEU A 50 34.33 -2.68 6.36
N THR A 51 33.75 -2.22 5.25
CA THR A 51 32.91 -1.02 5.32
C THR A 51 31.63 -1.32 6.10
N ILE A 52 31.13 -0.28 6.79
CA ILE A 52 29.93 -0.33 7.62
C ILE A 52 30.12 -1.30 8.78
N ASN A 53 31.03 -0.96 9.68
CA ASN A 53 31.21 -1.70 10.91
C ASN A 53 31.53 -0.65 11.96
N HIS A 54 31.89 -1.08 13.16
CA HIS A 54 32.18 -0.14 14.24
C HIS A 54 33.52 -0.47 14.88
N ILE A 55 34.52 -0.73 14.04
CA ILE A 55 35.87 -1.03 14.51
C ILE A 55 36.50 0.30 14.92
N PRO A 56 36.78 0.52 16.20
CA PRO A 56 37.17 1.86 16.66
C PRO A 56 38.59 2.26 16.31
N ASP A 57 39.45 1.35 15.86
CA ASP A 57 40.83 1.74 15.67
C ASP A 57 41.53 0.78 14.71
N ILE A 58 42.63 1.26 14.16
CA ILE A 58 43.54 0.47 13.34
C ILE A 58 44.93 0.61 13.96
N SER A 59 45.70 -0.46 13.90
CA SER A 59 47.02 -0.49 14.52
C SER A 59 47.88 -1.45 13.71
N PRO A 60 49.18 -1.52 13.99
CA PRO A 60 50.01 -2.51 13.27
C PRO A 60 49.48 -3.94 13.38
N ALA A 61 48.80 -4.27 14.48
CA ALA A 61 48.18 -5.58 14.62
C ALA A 61 47.03 -5.78 13.64
N SER A 62 46.42 -4.70 13.13
CA SER A 62 45.23 -4.83 12.30
C SER A 62 45.49 -5.73 11.10
N PHE A 63 46.59 -5.48 10.38
CA PHE A 63 46.90 -6.19 9.14
C PHE A 63 48.24 -6.91 9.23
N HIS A 64 48.68 -7.23 10.46
CA HIS A 64 50.01 -7.77 10.70
C HIS A 64 50.38 -8.91 9.75
N ARG A 65 49.51 -9.91 9.64
CA ARG A 65 49.80 -11.09 8.84
C ARG A 65 49.50 -10.91 7.35
N LEU A 66 48.76 -9.87 7.00
CA LEU A 66 48.17 -9.75 5.66
C LEU A 66 49.05 -8.93 4.72
N VAL A 67 50.28 -9.40 4.55
CA VAL A 67 51.27 -8.68 3.75
C VAL A 67 50.90 -8.63 2.27
N HIS A 68 49.97 -9.47 1.80
CA HIS A 68 49.68 -9.46 0.37
C HIS A 68 48.47 -8.57 0.01
N LEU A 69 48.03 -7.71 0.92
CA LEU A 69 46.87 -6.86 0.66
C LEU A 69 47.16 -5.87 -0.48
N VAL A 70 46.35 -5.93 -1.53
CA VAL A 70 46.38 -4.88 -2.55
C VAL A 70 45.31 -3.80 -2.32
N GLU A 71 44.24 -4.11 -1.57
CA GLU A 71 43.15 -3.18 -1.33
C GLU A 71 42.59 -3.36 0.07
N ILE A 72 42.48 -2.26 0.80
CA ILE A 72 41.73 -2.22 2.03
C ILE A 72 40.57 -1.26 1.83
N ASP A 73 39.36 -1.74 2.03
CA ASP A 73 38.17 -0.90 2.03
C ASP A 73 37.67 -0.83 3.46
N PHE A 74 38.07 0.23 4.16
CA PHE A 74 37.75 0.46 5.56
C PHE A 74 36.85 1.68 5.72
N ARG A 75 35.84 1.80 4.85
CA ARG A 75 34.94 2.95 4.88
C ARG A 75 33.89 2.82 5.98
N CYS A 76 33.39 3.98 6.41
CA CYS A 76 32.15 4.09 7.19
C CYS A 76 32.18 3.22 8.45
N ASN A 77 33.27 3.31 9.20
CA ASN A 77 33.27 2.79 10.55
C ASN A 77 33.06 3.87 11.59
N CYS A 78 33.01 5.15 11.18
CA CYS A 78 32.66 6.26 12.07
C CYS A 78 32.10 7.38 11.21
N VAL A 79 30.91 7.21 10.69
CA VAL A 79 30.35 8.16 9.73
C VAL A 79 30.03 9.47 10.43
N PRO A 80 30.27 10.63 9.81
CA PRO A 80 29.84 11.89 10.42
C PRO A 80 28.35 11.85 10.81
N ILE A 81 28.04 12.54 11.91
CA ILE A 81 26.78 12.29 12.62
C ILE A 81 25.57 12.58 11.75
N ARG A 82 25.57 13.71 11.01
CA ARG A 82 24.43 13.98 10.13
C ARG A 82 24.33 12.96 8.99
N LEU A 83 25.47 12.38 8.61
CA LEU A 83 25.51 11.44 7.49
C LEU A 83 25.17 10.02 7.92
N GLY A 84 25.38 9.67 9.19
CA GLY A 84 25.25 8.31 9.66
C GLY A 84 23.91 8.04 10.32
N SER A 85 23.78 6.81 10.82
CA SER A 85 22.57 6.39 11.54
C SER A 85 22.40 7.19 12.82
N LYS A 86 21.19 7.65 13.07
CA LYS A 86 20.88 8.31 14.34
C LYS A 86 20.54 7.33 15.46
N SER A 87 20.38 6.05 15.15
CA SER A 87 20.23 5.04 16.19
C SER A 87 21.54 4.39 16.60
N ASN A 88 22.62 4.59 15.85
CA ASN A 88 23.96 4.10 16.24
C ASN A 88 25.00 5.15 15.85
N MET A 89 25.03 6.26 16.58
CA MET A 89 25.96 7.33 16.25
C MET A 89 27.37 6.97 16.74
N CYS A 90 28.35 7.20 15.88
CA CYS A 90 29.72 6.92 16.25
C CYS A 90 30.18 7.85 17.36
N PRO A 91 30.64 7.33 18.49
CA PRO A 91 31.00 8.20 19.63
C PRO A 91 32.35 8.89 19.48
N ARG A 92 33.27 8.29 18.75
CA ARG A 92 34.60 8.87 18.64
C ARG A 92 35.20 8.48 17.30
N ARG A 93 35.94 9.40 16.69
CA ARG A 93 36.47 9.16 15.36
C ARG A 93 37.43 7.97 15.37
N LEU A 94 37.59 7.36 14.19
CA LEU A 94 38.51 6.24 14.03
C LEU A 94 39.92 6.65 14.41
N GLN A 95 40.58 5.80 15.20
CA GLN A 95 41.98 5.98 15.61
C GLN A 95 42.88 5.16 14.69
N ILE A 96 43.83 5.81 14.03
CA ILE A 96 44.81 5.12 13.20
C ILE A 96 46.17 5.30 13.86
N LYS A 97 46.70 4.22 14.39
CA LYS A 97 47.95 4.30 15.13
C LYS A 97 49.13 4.20 14.18
N PRO A 98 50.30 4.76 14.56
CA PRO A 98 51.45 4.73 13.65
C PRO A 98 51.75 3.32 13.18
N ARG A 99 52.24 3.23 11.94
CA ARG A 99 52.82 2.02 11.35
C ARG A 99 51.75 1.06 10.84
N SER A 100 50.47 1.44 10.86
CA SER A 100 49.41 0.49 10.56
C SER A 100 49.44 0.02 9.12
N PHE A 101 49.97 0.84 8.20
CA PHE A 101 49.97 0.50 6.78
C PHE A 101 51.35 0.39 6.16
N SER A 102 52.39 0.91 6.83
CA SER A 102 53.70 0.96 6.18
C SER A 102 54.23 -0.42 5.80
N GLY A 103 53.84 -1.47 6.53
CA GLY A 103 54.25 -2.82 6.18
C GLY A 103 53.56 -3.40 4.95
N LEU A 104 52.52 -2.75 4.43
CA LEU A 104 51.68 -3.31 3.36
C LEU A 104 52.31 -2.95 2.01
N THR A 105 53.35 -3.70 1.69
CA THR A 105 54.23 -3.39 0.56
C THR A 105 53.50 -3.40 -0.78
N TYR A 106 52.39 -4.13 -0.90
CA TYR A 106 51.68 -4.21 -2.17
C TYR A 106 50.37 -3.43 -2.17
N LEU A 107 50.13 -2.59 -1.18
CA LEU A 107 48.85 -1.91 -1.06
C LEU A 107 48.70 -0.89 -2.20
N LYS A 108 47.68 -1.07 -3.03
CA LYS A 108 47.38 -0.21 -4.18
C LYS A 108 46.20 0.73 -3.91
N SER A 109 45.22 0.31 -3.11
CA SER A 109 44.00 1.07 -2.91
C SER A 109 43.63 1.10 -1.45
N LEU A 110 43.39 2.29 -0.93
CA LEU A 110 43.01 2.49 0.45
C LEU A 110 41.81 3.43 0.50
N TYR A 111 40.67 2.92 0.99
CA TYR A 111 39.45 3.70 1.19
C TYR A 111 39.27 3.92 2.70
N LEU A 112 39.36 5.17 3.14
CA LEU A 112 39.08 5.48 4.53
C LEU A 112 37.94 6.49 4.66
N ASP A 113 37.08 6.56 3.65
CA ASP A 113 35.96 7.50 3.69
C ASP A 113 35.05 7.23 4.88
N GLY A 114 34.46 8.30 5.41
CA GLY A 114 33.39 8.18 6.38
C GLY A 114 33.83 7.71 7.75
N ASN A 115 34.95 8.26 8.26
CA ASN A 115 35.52 7.84 9.54
C ASN A 115 35.81 9.01 10.47
N GLN A 116 35.40 10.24 10.10
CA GLN A 116 35.59 11.44 10.91
C GLN A 116 37.07 11.75 11.12
N LEU A 117 37.90 11.35 10.17
CA LEU A 117 39.32 11.68 10.23
C LEU A 117 39.53 13.18 10.17
N LEU A 118 40.52 13.67 10.93
CA LEU A 118 40.81 15.10 10.98
C LEU A 118 41.98 15.51 10.10
N GLU A 119 42.81 14.55 9.68
CA GLU A 119 44.00 14.80 8.88
C GLU A 119 44.20 13.66 7.91
N ILE A 120 45.05 13.90 6.91
CA ILE A 120 45.43 12.88 5.95
C ILE A 120 46.32 11.86 6.67
N PRO A 121 45.92 10.59 6.73
CA PRO A 121 46.72 9.59 7.46
C PRO A 121 48.11 9.46 6.85
N GLN A 122 49.13 9.38 7.71
CA GLN A 122 50.52 9.34 7.29
C GLN A 122 51.06 7.90 7.37
N GLY A 123 52.31 7.73 6.94
CA GLY A 123 52.87 6.38 6.92
C GLY A 123 52.30 5.50 5.83
N LEU A 124 51.84 6.08 4.75
CA LEU A 124 51.26 5.21 3.76
C LEU A 124 52.33 4.65 2.83
N PRO A 125 52.19 3.40 2.38
CA PRO A 125 53.24 2.80 1.57
C PRO A 125 53.33 3.45 0.21
N PRO A 126 54.52 3.49 -0.39
CA PRO A 126 54.68 4.13 -1.71
C PRO A 126 54.05 3.36 -2.85
N SER A 127 53.58 2.13 -2.61
CA SER A 127 52.86 1.43 -3.68
C SER A 127 51.47 1.99 -3.90
N LEU A 128 50.99 2.88 -3.04
CA LEU A 128 49.59 3.29 -3.07
C LEU A 128 49.28 4.09 -4.33
N GLN A 129 48.24 3.68 -5.06
CA GLN A 129 47.75 4.41 -6.22
C GLN A 129 46.41 5.08 -6.03
N LEU A 130 45.55 4.60 -5.11
CA LEU A 130 44.24 5.20 -4.86
C LEU A 130 44.07 5.41 -3.36
N LEU A 131 43.78 6.65 -2.98
CA LEU A 131 43.43 7.00 -1.61
C LEU A 131 42.09 7.71 -1.64
N SER A 132 41.18 7.29 -0.75
CA SER A 132 39.84 7.86 -0.68
C SER A 132 39.57 8.31 0.74
N LEU A 133 39.22 9.59 0.90
CA LEU A 133 39.00 10.20 2.19
C LEU A 133 37.70 11.01 2.22
N GLU A 134 36.72 10.62 1.41
CA GLU A 134 35.46 11.35 1.39
C GLU A 134 34.76 11.28 2.74
N ALA A 135 33.94 12.28 3.01
CA ALA A 135 33.06 12.27 4.19
C ALA A 135 33.86 12.12 5.49
N ASN A 136 34.99 12.81 5.54
CA ASN A 136 35.75 12.97 6.75
C ASN A 136 35.66 14.43 7.17
N ASN A 137 36.56 14.86 8.05
CA ASN A 137 36.60 16.24 8.50
C ASN A 137 37.99 16.81 8.22
N ILE A 138 38.44 16.67 6.98
CA ILE A 138 39.76 17.11 6.53
C ILE A 138 39.50 18.29 5.60
N PHE A 139 39.87 19.51 6.04
CA PHE A 139 39.56 20.69 5.23
C PHE A 139 40.72 21.67 5.12
N SER A 140 41.95 21.20 5.32
CA SER A 140 43.14 21.99 5.05
C SER A 140 44.18 21.04 4.46
N ILE A 141 44.57 21.29 3.22
CA ILE A 141 45.51 20.45 2.50
C ILE A 141 46.85 21.17 2.47
N ARG A 142 47.85 20.55 3.08
CA ARG A 142 49.21 21.07 3.11
C ARG A 142 50.16 20.16 2.35
N LYS A 143 51.08 20.79 1.60
CA LYS A 143 52.01 20.04 0.75
C LYS A 143 52.82 19.02 1.54
N GLU A 144 53.09 19.29 2.82
CA GLU A 144 53.89 18.35 3.60
C GLU A 144 53.10 17.08 3.92
N GLN A 145 51.78 17.18 4.05
CA GLN A 145 51.00 15.98 4.29
C GLN A 145 50.83 15.11 3.06
N LEU A 146 51.19 15.60 1.88
CA LEU A 146 51.04 14.87 0.63
C LEU A 146 52.35 14.31 0.09
N THR A 147 53.48 14.57 0.75
CA THR A 147 54.75 14.06 0.22
C THR A 147 54.75 12.54 0.15
N GLU A 148 54.11 11.87 1.11
CA GLU A 148 54.00 10.42 1.13
C GLU A 148 53.26 9.85 -0.08
N LEU A 149 52.62 10.68 -0.90
CA LEU A 149 51.77 10.20 -1.99
C LEU A 149 52.42 10.34 -3.36
N ALA A 150 53.75 10.21 -3.41
CA ALA A 150 54.48 10.45 -4.65
C ALA A 150 53.91 9.68 -5.83
N ASN A 151 53.47 8.45 -5.59
CA ASN A 151 53.02 7.59 -6.67
C ASN A 151 51.50 7.59 -6.86
N ILE A 152 50.79 8.44 -6.13
CA ILE A 152 49.32 8.40 -6.15
C ILE A 152 48.80 8.81 -7.52
N GLU A 153 47.75 8.11 -7.96
CA GLU A 153 47.06 8.39 -9.22
C GLU A 153 45.62 8.87 -9.03
N ILE A 154 44.97 8.49 -7.92
CA ILE A 154 43.54 8.77 -7.72
C ILE A 154 43.35 9.24 -6.28
N LEU A 155 42.81 10.45 -6.12
CA LEU A 155 42.71 11.09 -4.81
C LEU A 155 41.31 11.65 -4.65
N TYR A 156 40.53 11.10 -3.72
CA TYR A 156 39.18 11.57 -3.43
C TYR A 156 39.19 12.30 -2.10
N LEU A 157 38.91 13.61 -2.12
CA LEU A 157 38.90 14.38 -0.88
C LEU A 157 37.58 15.08 -0.62
N GLY A 158 36.56 14.83 -1.42
CA GLY A 158 35.33 15.58 -1.34
C GLY A 158 34.43 15.19 -0.18
N GLN A 159 33.36 15.97 -0.04
CA GLN A 159 32.33 15.78 0.99
C GLN A 159 32.90 15.87 2.38
N ASN A 160 33.99 16.62 2.52
CA ASN A 160 34.55 16.95 3.82
C ASN A 160 34.12 18.31 4.38
N CYS A 161 33.39 19.13 3.61
CA CYS A 161 32.89 20.40 4.17
C CYS A 161 31.71 20.87 3.32
N TYR A 162 30.50 20.42 3.67
CA TYR A 162 29.27 20.84 3.02
C TYR A 162 28.14 20.79 4.05
N TYR A 163 26.93 21.11 3.61
CA TYR A 163 25.86 21.34 4.56
C TYR A 163 25.56 20.10 5.40
N ARG A 164 25.75 18.90 4.85
CA ARG A 164 25.54 17.70 5.65
C ARG A 164 26.75 17.34 6.50
N ASN A 165 27.89 18.01 6.32
CA ASN A 165 29.11 17.66 7.05
C ASN A 165 29.95 18.92 7.16
N PRO A 166 29.45 19.90 7.90
CA PRO A 166 30.07 21.24 7.86
C PRO A 166 31.42 21.29 8.56
N CYS A 167 32.28 22.17 8.08
CA CYS A 167 33.52 22.49 8.75
C CYS A 167 33.58 23.93 9.23
N TYR A 168 32.62 24.77 8.85
CA TYR A 168 32.40 26.13 9.33
C TYR A 168 33.50 27.11 8.90
N VAL A 169 34.39 26.71 7.99
CA VAL A 169 35.39 27.60 7.41
C VAL A 169 35.46 27.29 5.92
N SER A 170 36.11 28.19 5.19
CA SER A 170 36.48 27.87 3.83
C SER A 170 37.54 26.78 3.81
N TYR A 171 37.46 25.92 2.80
CA TYR A 171 38.50 24.93 2.54
C TYR A 171 39.81 25.62 2.21
N SER A 172 40.94 25.06 2.69
CA SER A 172 42.27 25.61 2.48
C SER A 172 43.13 24.61 1.75
N ILE A 173 43.82 25.08 0.71
CA ILE A 173 44.77 24.28 -0.05
C ILE A 173 45.99 25.14 -0.26
N GLU A 174 47.16 24.64 0.16
CA GLU A 174 48.38 25.39 -0.02
C GLU A 174 48.73 25.44 -1.50
N LYS A 175 49.34 26.56 -1.90
CA LYS A 175 49.86 26.72 -3.24
C LYS A 175 50.71 25.53 -3.63
N ASP A 176 50.44 24.99 -4.82
CA ASP A 176 51.20 23.86 -5.36
C ASP A 176 51.13 22.61 -4.50
N ALA A 177 50.10 22.48 -3.65
CA ALA A 177 50.00 21.30 -2.80
C ALA A 177 50.05 20.01 -3.62
N PHE A 178 49.46 20.01 -4.82
CA PHE A 178 49.40 18.79 -5.64
C PHE A 178 50.45 18.74 -6.74
N LEU A 179 51.24 19.81 -6.93
CA LEU A 179 52.09 19.93 -8.12
C LEU A 179 53.10 18.79 -8.22
N ASN A 180 53.68 18.36 -7.10
CA ASN A 180 54.68 17.31 -7.11
C ASN A 180 54.08 15.90 -7.02
N LEU A 181 52.77 15.73 -7.18
CA LEU A 181 52.22 14.39 -7.38
C LEU A 181 52.18 14.15 -8.88
N THR A 182 53.34 13.74 -9.40
CA THR A 182 53.56 13.70 -10.84
C THR A 182 52.84 12.57 -11.52
N LYS A 183 52.19 11.69 -10.78
CA LYS A 183 51.40 10.63 -11.38
C LYS A 183 49.90 10.87 -11.23
N LEU A 184 49.51 11.93 -10.51
CA LEU A 184 48.11 12.14 -10.18
C LEU A 184 47.27 12.29 -11.45
N LYS A 185 46.25 11.44 -11.58
CA LYS A 185 45.34 11.49 -12.72
C LYS A 185 43.94 11.97 -12.37
N VAL A 186 43.42 11.62 -11.20
CA VAL A 186 42.05 11.93 -10.81
C VAL A 186 42.09 12.70 -9.50
N LEU A 187 41.51 13.90 -9.49
CA LEU A 187 41.44 14.71 -8.28
C LEU A 187 39.99 15.12 -8.08
N SER A 188 39.43 14.75 -6.93
CA SER A 188 38.06 15.08 -6.60
C SER A 188 38.05 15.91 -5.34
N LEU A 189 37.62 17.17 -5.48
CA LEU A 189 37.54 18.12 -4.39
C LEU A 189 36.14 18.69 -4.27
N LYS A 190 35.14 17.89 -4.67
CA LYS A 190 33.74 18.26 -4.66
C LYS A 190 33.20 18.44 -3.24
N ASP A 191 32.09 19.17 -3.12
CA ASP A 191 31.32 19.27 -1.87
C ASP A 191 32.22 19.66 -0.69
N ASN A 192 33.07 20.68 -0.90
CA ASN A 192 34.13 20.93 0.07
C ASN A 192 34.27 22.40 0.51
N ASN A 193 33.41 23.33 0.05
CA ASN A 193 33.54 24.76 0.41
C ASN A 193 34.84 25.36 -0.12
N VAL A 194 35.31 24.90 -1.28
CA VAL A 194 36.52 25.43 -1.89
C VAL A 194 36.22 26.81 -2.44
N THR A 195 37.19 27.74 -2.35
CA THR A 195 36.96 29.11 -2.82
C THR A 195 37.69 29.48 -4.10
N THR A 196 38.78 28.79 -4.46
CA THR A 196 39.48 29.04 -5.71
C THR A 196 39.97 27.72 -6.29
N VAL A 197 40.16 27.67 -7.61
CA VAL A 197 40.81 26.51 -8.21
C VAL A 197 42.20 26.38 -7.61
N PRO A 198 42.58 25.23 -7.05
CA PRO A 198 43.95 25.11 -6.52
C PRO A 198 44.93 25.01 -7.67
N THR A 199 46.04 25.76 -7.55
CA THR A 199 47.09 25.83 -8.56
C THR A 199 48.44 25.77 -7.86
N VAL A 200 49.48 25.31 -8.57
CA VAL A 200 49.40 24.74 -9.92
C VAL A 200 49.10 23.23 -9.78
N LEU A 201 48.28 22.70 -10.67
CA LEU A 201 47.94 21.28 -10.59
C LEU A 201 48.86 20.47 -11.50
N PRO A 202 49.11 19.20 -11.21
CA PRO A 202 49.99 18.42 -12.09
C PRO A 202 49.39 18.20 -13.47
N SER A 203 50.25 18.27 -14.49
CA SER A 203 49.79 18.20 -15.87
C SER A 203 49.38 16.79 -16.27
N THR A 204 49.55 15.81 -15.39
CA THR A 204 49.06 14.47 -15.67
C THR A 204 47.55 14.33 -15.43
N LEU A 205 46.86 15.33 -14.87
CA LEU A 205 45.43 15.17 -14.56
C LEU A 205 44.62 14.78 -15.79
N THR A 206 43.75 13.80 -15.60
CA THR A 206 42.74 13.51 -16.62
C THR A 206 41.34 13.86 -16.17
N GLU A 207 41.09 13.88 -14.87
CA GLU A 207 39.76 14.17 -14.35
C GLU A 207 39.90 15.07 -13.14
N LEU A 208 39.14 16.16 -13.15
CA LEU A 208 39.19 17.15 -12.08
C LEU A 208 37.76 17.51 -11.72
N TYR A 209 37.38 17.27 -10.46
CA TYR A 209 36.01 17.47 -9.96
C TYR A 209 36.06 18.56 -8.90
N LEU A 210 35.50 19.73 -9.24
CA LEU A 210 35.48 20.89 -8.35
C LEU A 210 34.05 21.36 -8.08
N TYR A 211 33.07 20.47 -8.23
CA TYR A 211 31.70 20.93 -8.19
C TYR A 211 31.18 21.03 -6.76
N ASN A 212 30.09 21.79 -6.60
CA ASN A 212 29.47 22.07 -5.31
C ASN A 212 30.48 22.70 -4.33
N ASN A 213 31.04 23.82 -4.75
CA ASN A 213 31.97 24.57 -3.90
C ASN A 213 31.56 26.03 -3.87
N MET A 214 32.50 26.90 -3.48
CA MET A 214 32.27 28.34 -3.43
C MET A 214 33.25 29.07 -4.34
N ILE A 215 33.47 28.54 -5.54
CA ILE A 215 34.37 29.18 -6.51
C ILE A 215 33.55 30.19 -7.29
N ALA A 216 33.92 31.46 -7.17
CA ALA A 216 33.18 32.52 -7.84
C ALA A 216 33.76 32.88 -9.20
N GLU A 217 35.04 32.61 -9.44
CA GLU A 217 35.71 33.02 -10.65
C GLU A 217 36.74 31.98 -10.99
N ILE A 218 36.91 31.74 -12.28
CA ILE A 218 38.04 30.99 -12.79
C ILE A 218 39.09 32.00 -13.25
N GLN A 219 40.35 31.78 -12.87
CA GLN A 219 41.42 32.58 -13.44
C GLN A 219 41.77 32.07 -14.82
N GLU A 220 42.26 32.96 -15.69
CA GLU A 220 42.54 32.59 -17.07
C GLU A 220 43.61 31.51 -17.16
N ASP A 221 44.47 31.37 -16.15
CA ASP A 221 45.52 30.36 -16.20
C ASP A 221 45.28 29.23 -15.20
N ASP A 222 44.09 29.16 -14.59
CA ASP A 222 43.80 28.07 -13.64
C ASP A 222 44.02 26.69 -14.25
N PHE A 223 43.73 26.52 -15.55
CA PHE A 223 43.87 25.22 -16.22
C PHE A 223 44.97 25.19 -17.29
N ASN A 224 45.95 26.11 -17.19
CA ASN A 224 46.97 26.32 -18.22
C ASN A 224 47.73 25.08 -18.61
N ASN A 225 48.11 24.27 -17.65
CA ASN A 225 49.02 23.18 -17.93
C ASN A 225 48.31 21.84 -18.16
N LEU A 226 46.97 21.80 -18.08
CA LEU A 226 46.25 20.53 -18.02
C LEU A 226 45.95 20.02 -19.43
N ASN A 227 47.03 19.72 -20.16
CA ASN A 227 46.83 19.31 -21.55
C ASN A 227 46.40 17.87 -21.70
N GLN A 228 46.26 17.13 -20.62
CA GLN A 228 45.73 15.76 -20.69
C GLN A 228 44.34 15.66 -20.08
N LEU A 229 43.73 16.78 -19.70
CA LEU A 229 42.46 16.72 -19.00
C LEU A 229 41.36 16.25 -19.94
N GLN A 230 40.61 15.23 -19.52
CA GLN A 230 39.46 14.73 -20.26
C GLN A 230 38.13 15.07 -19.65
N ILE A 231 38.04 15.17 -18.33
CA ILE A 231 36.78 15.46 -17.66
C ILE A 231 37.01 16.63 -16.73
N LEU A 232 36.16 17.64 -16.84
CA LEU A 232 36.18 18.80 -15.96
C LEU A 232 34.77 19.10 -15.50
N ASP A 233 34.58 19.18 -14.18
CA ASP A 233 33.26 19.44 -13.62
C ASP A 233 33.40 20.61 -12.66
N LEU A 234 32.78 21.73 -13.01
CA LEU A 234 32.79 22.94 -12.19
C LEU A 234 31.40 23.28 -11.68
N SER A 235 30.45 22.33 -11.80
CA SER A 235 29.04 22.58 -11.52
C SER A 235 28.84 23.10 -10.11
N GLY A 236 27.71 23.78 -9.90
CA GLY A 236 27.35 24.12 -8.54
C GLY A 236 28.27 25.14 -7.88
N ASN A 237 28.95 25.95 -8.67
CA ASN A 237 29.65 27.13 -8.19
C ASN A 237 28.88 28.34 -8.72
N CYS A 238 28.34 29.15 -7.81
CA CYS A 238 27.29 30.12 -8.15
C CYS A 238 26.04 29.35 -8.60
N PRO A 239 25.40 28.61 -7.69
CA PRO A 239 24.28 27.74 -8.09
C PRO A 239 23.03 28.52 -8.44
N ARG A 240 22.21 27.90 -9.28
CA ARG A 240 20.83 28.33 -9.47
C ARG A 240 20.01 27.69 -8.37
N CYS A 241 19.50 28.48 -7.44
CA CYS A 241 18.96 27.93 -6.20
C CYS A 241 17.45 27.75 -6.22
N TYR A 242 16.77 28.14 -7.29
CA TYR A 242 15.31 28.09 -7.29
C TYR A 242 14.81 26.65 -7.23
N ASN A 243 13.96 26.37 -6.24
CA ASN A 243 13.41 25.04 -5.97
C ASN A 243 14.47 24.00 -5.68
N ALA A 244 15.63 24.43 -5.19
CA ALA A 244 16.63 23.47 -4.76
C ALA A 244 16.15 22.77 -3.50
N PRO A 245 16.18 21.47 -3.43
CA PRO A 245 15.70 20.78 -2.22
C PRO A 245 16.83 20.56 -1.22
N PHE A 246 17.82 21.43 -1.25
CA PHE A 246 18.90 21.43 -0.27
C PHE A 246 19.26 22.87 0.00
N PRO A 247 19.86 23.17 1.16
CA PRO A 247 20.26 24.56 1.43
C PRO A 247 21.21 25.06 0.35
N CYS A 248 20.90 26.23 -0.18
CA CYS A 248 21.53 26.71 -1.40
C CYS A 248 21.75 28.20 -1.27
N THR A 249 23.01 28.63 -1.35
CA THR A 249 23.40 30.02 -1.29
C THR A 249 23.92 30.47 -2.66
N PRO A 250 23.26 31.41 -3.32
CA PRO A 250 23.74 31.89 -4.63
C PRO A 250 24.89 32.89 -4.49
N CYS A 251 25.65 33.02 -5.59
CA CYS A 251 26.61 34.11 -5.69
C CYS A 251 25.87 35.44 -5.67
N LYS A 252 26.47 36.46 -5.06
CA LYS A 252 25.77 37.73 -4.88
C LYS A 252 25.44 38.38 -6.21
N ASN A 253 24.41 39.23 -6.19
CA ASN A 253 24.00 40.03 -7.35
C ASN A 253 23.63 39.17 -8.54
N ASN A 254 23.14 37.96 -8.27
CA ASN A 254 22.74 37.04 -9.31
C ASN A 254 23.88 36.77 -10.29
N SER A 255 25.10 36.84 -9.82
CA SER A 255 26.22 36.74 -10.73
C SER A 255 26.46 35.28 -11.15
N PRO A 256 26.95 35.04 -12.35
CA PRO A 256 27.35 33.69 -12.74
C PRO A 256 28.75 33.36 -12.25
N LEU A 257 29.09 32.09 -12.37
CA LEU A 257 30.49 31.71 -12.30
C LEU A 257 31.19 32.40 -13.45
N GLN A 258 32.26 33.14 -13.16
CA GLN A 258 32.91 33.92 -14.18
C GLN A 258 34.10 33.15 -14.74
N ILE A 259 34.01 32.81 -16.02
CA ILE A 259 35.00 32.00 -16.71
C ILE A 259 35.57 32.83 -17.86
N PRO A 260 36.85 33.17 -17.84
CA PRO A 260 37.42 33.90 -18.99
C PRO A 260 37.28 33.12 -20.28
N VAL A 261 37.17 33.85 -21.37
CA VAL A 261 36.90 33.27 -22.67
C VAL A 261 38.01 32.32 -23.10
N ASN A 262 39.20 32.48 -22.55
CA ASN A 262 40.32 31.63 -22.91
C ASN A 262 40.67 30.62 -21.81
N ALA A 263 39.80 30.44 -20.81
CA ALA A 263 40.13 29.55 -19.69
C ALA A 263 40.32 28.09 -20.13
N PHE A 264 39.69 27.67 -21.23
CA PHE A 264 39.78 26.26 -21.61
C PHE A 264 40.81 26.00 -22.70
N ASP A 265 41.64 27.00 -23.05
CA ASP A 265 42.49 26.90 -24.24
C ASP A 265 43.45 25.73 -24.18
N ALA A 266 43.98 25.43 -22.99
CA ALA A 266 44.95 24.33 -22.91
C ALA A 266 44.29 22.95 -23.07
N LEU A 267 42.96 22.85 -22.95
CA LEU A 267 42.34 21.54 -22.70
C LEU A 267 41.97 20.84 -24.01
N THR A 268 42.97 20.56 -24.83
CA THR A 268 42.70 20.02 -26.16
C THR A 268 42.11 18.62 -26.10
N GLU A 269 42.37 17.87 -25.03
CA GLU A 269 41.85 16.51 -24.89
C GLU A 269 40.50 16.45 -24.20
N LEU A 270 39.90 17.59 -23.81
CA LEU A 270 38.67 17.56 -23.01
C LEU A 270 37.54 16.82 -23.71
N LYS A 271 36.96 15.83 -23.03
CA LYS A 271 35.78 15.14 -23.56
C LYS A 271 34.50 15.49 -22.80
N VAL A 272 34.58 15.77 -21.51
CA VAL A 272 33.41 16.02 -20.69
C VAL A 272 33.59 17.35 -19.99
N LEU A 273 32.66 18.28 -20.22
CA LEU A 273 32.62 19.54 -19.53
C LEU A 273 31.27 19.64 -18.82
N ARG A 274 31.29 19.74 -17.51
CA ARG A 274 30.05 19.82 -16.74
C ARG A 274 29.97 21.20 -16.08
N LEU A 275 29.01 22.01 -16.53
CA LEU A 275 28.73 23.35 -16.02
C LEU A 275 27.25 23.45 -15.63
N HIS A 276 26.82 22.52 -14.79
CA HIS A 276 25.46 22.50 -14.28
C HIS A 276 25.34 23.46 -13.09
N SER A 277 24.28 24.26 -13.07
CA SER A 277 23.99 25.14 -11.93
C SER A 277 25.18 26.07 -11.64
N ASN A 278 25.54 26.83 -12.67
CA ASN A 278 26.53 27.90 -12.55
C ASN A 278 25.92 29.26 -12.83
N SER A 279 24.57 29.34 -12.88
CA SER A 279 23.82 30.57 -13.11
C SER A 279 24.30 31.29 -14.37
N LEU A 280 24.75 30.53 -15.36
CA LEU A 280 25.23 31.14 -16.60
C LEU A 280 24.09 31.81 -17.35
N GLN A 281 24.37 32.99 -17.92
CA GLN A 281 23.43 33.64 -18.81
C GLN A 281 23.84 33.61 -20.26
N HIS A 282 25.13 33.42 -20.55
CA HIS A 282 25.64 33.29 -21.90
C HIS A 282 26.64 32.16 -21.93
N VAL A 283 26.82 31.60 -23.12
CA VAL A 283 27.86 30.61 -23.39
C VAL A 283 28.75 31.13 -24.51
N PRO A 284 29.87 31.77 -24.19
CA PRO A 284 30.70 32.38 -25.22
C PRO A 284 31.23 31.33 -26.19
N PRO A 285 31.03 31.53 -27.49
CA PRO A 285 31.65 30.64 -28.47
C PRO A 285 33.16 30.50 -28.28
N ARG A 286 33.83 31.55 -27.81
CA ARG A 286 35.28 31.52 -27.66
C ARG A 286 35.74 30.49 -26.65
N TRP A 287 34.87 30.08 -25.72
CA TRP A 287 35.24 29.01 -24.78
C TRP A 287 35.78 27.78 -25.51
N PHE A 288 35.20 27.47 -26.67
CA PHE A 288 35.42 26.17 -27.32
C PHE A 288 36.36 26.23 -28.51
N LYS A 289 37.20 27.28 -28.62
CA LYS A 289 38.03 27.45 -29.82
C LYS A 289 39.04 26.32 -29.98
N ASN A 290 39.65 25.86 -28.88
CA ASN A 290 40.67 24.82 -28.93
C ASN A 290 40.18 23.47 -28.43
N ILE A 291 38.89 23.33 -28.20
CA ILE A 291 38.35 22.03 -27.84
C ILE A 291 37.57 21.57 -29.06
N ASN A 292 38.12 20.61 -29.77
CA ASN A 292 37.42 19.99 -30.89
C ASN A 292 37.08 18.54 -30.60
N ASN A 293 37.38 18.08 -29.40
CA ASN A 293 37.05 16.71 -29.00
C ASN A 293 35.86 16.60 -28.06
N LEU A 294 35.22 17.71 -27.67
CA LEU A 294 34.20 17.64 -26.63
C LEU A 294 33.07 16.72 -27.06
N GLN A 295 32.73 15.76 -26.20
CA GLN A 295 31.64 14.83 -26.49
C GLN A 295 30.43 15.01 -25.60
N GLU A 296 30.62 15.48 -24.37
CA GLU A 296 29.55 15.64 -23.38
C GLU A 296 29.62 17.04 -22.79
N LEU A 297 28.50 17.77 -22.88
CA LEU A 297 28.35 19.12 -22.33
C LEU A 297 27.06 19.21 -21.53
N ASP A 298 27.18 19.46 -20.21
CA ASP A 298 26.03 19.66 -19.33
C ASP A 298 25.91 21.15 -19.02
N LEU A 299 24.85 21.78 -19.53
CA LEU A 299 24.52 23.18 -19.26
C LEU A 299 23.19 23.34 -18.55
N SER A 300 22.74 22.31 -17.85
CA SER A 300 21.46 22.34 -17.15
C SER A 300 21.52 23.22 -15.90
N GLN A 301 20.34 23.72 -15.50
CA GLN A 301 20.17 24.55 -14.31
C GLN A 301 21.00 25.82 -14.40
N ASN A 302 20.94 26.49 -15.56
CA ASN A 302 21.57 27.81 -15.65
C ASN A 302 20.48 28.81 -16.00
N PHE A 303 20.85 29.95 -16.61
CA PHE A 303 19.80 30.88 -17.03
C PHE A 303 19.96 31.12 -18.53
N LEU A 304 19.92 30.05 -19.32
CA LEU A 304 20.27 30.10 -20.72
C LEU A 304 19.06 30.04 -21.66
N ALA A 305 17.87 30.36 -21.14
CA ALA A 305 16.67 30.33 -21.99
C ALA A 305 16.84 31.18 -23.25
N LYS A 306 17.27 32.44 -23.10
CA LYS A 306 17.51 33.27 -24.28
C LYS A 306 18.61 32.67 -25.15
N GLU A 307 19.74 32.30 -24.55
CA GLU A 307 20.86 31.75 -25.30
C GLU A 307 20.46 30.53 -26.14
N ILE A 308 19.43 29.79 -25.72
CA ILE A 308 19.09 28.58 -26.49
C ILE A 308 18.60 28.95 -27.88
N GLY A 309 18.00 30.13 -28.03
CA GLY A 309 17.58 30.62 -29.33
C GLY A 309 18.68 31.25 -30.16
N ASP A 310 19.91 31.23 -29.66
CA ASP A 310 20.99 31.91 -30.33
C ASP A 310 22.12 30.92 -30.49
N ALA A 311 22.84 30.66 -29.40
CA ALA A 311 23.65 29.45 -29.26
C ALA A 311 24.73 29.31 -30.34
N LYS A 312 25.42 30.43 -30.65
CA LYS A 312 26.47 30.37 -31.66
C LYS A 312 27.56 29.38 -31.28
N PHE A 313 27.75 29.10 -29.98
CA PHE A 313 28.81 28.18 -29.57
C PHE A 313 28.60 26.77 -30.11
N LEU A 314 27.37 26.42 -30.51
CA LEU A 314 27.12 25.08 -31.02
C LEU A 314 27.88 24.82 -32.31
N HIS A 315 28.18 25.88 -33.09
CA HIS A 315 28.98 25.75 -34.32
C HIS A 315 30.37 25.20 -34.06
N PHE A 316 30.86 25.29 -32.82
CA PHE A 316 32.19 24.81 -32.48
C PHE A 316 32.17 23.39 -31.94
N LEU A 317 31.03 22.70 -31.99
CA LEU A 317 30.97 21.42 -31.30
C LEU A 317 30.54 20.29 -32.25
N PRO A 318 31.22 20.07 -33.39
CA PRO A 318 30.74 19.07 -34.36
C PRO A 318 30.89 17.63 -33.89
N ASN A 319 31.66 17.38 -32.83
CA ASN A 319 31.84 16.03 -32.32
C ASN A 319 31.03 15.75 -31.06
N LEU A 320 30.18 16.70 -30.64
CA LEU A 320 29.40 16.55 -29.42
C LEU A 320 28.42 15.38 -29.53
N ILE A 321 28.44 14.51 -28.53
CA ILE A 321 27.52 13.36 -28.45
C ILE A 321 26.26 13.69 -27.64
N GLN A 322 26.44 14.37 -26.51
CA GLN A 322 25.38 14.58 -25.52
C GLN A 322 25.37 16.04 -25.11
N LEU A 323 24.21 16.65 -25.18
CA LEU A 323 24.02 18.04 -24.79
C LEU A 323 22.83 18.11 -23.84
N ASP A 324 23.03 18.71 -22.68
CA ASP A 324 21.94 18.84 -21.72
C ASP A 324 21.74 20.33 -21.47
N LEU A 325 20.55 20.84 -21.81
CA LEU A 325 20.16 22.23 -21.60
C LEU A 325 18.92 22.35 -20.72
N SER A 326 18.71 21.36 -19.87
CA SER A 326 17.50 21.29 -19.07
C SER A 326 17.46 22.36 -17.96
N PHE A 327 16.26 22.77 -17.60
CA PHE A 327 16.01 23.67 -16.46
C PHE A 327 16.79 24.98 -16.61
N ASN A 328 16.59 25.62 -17.74
CA ASN A 328 17.11 26.96 -18.00
C ASN A 328 16.01 28.01 -18.10
N PHE A 329 14.79 27.69 -17.69
CA PHE A 329 13.68 28.62 -17.90
C PHE A 329 13.88 29.89 -17.07
N GLU A 330 13.31 30.99 -17.55
CA GLU A 330 13.31 32.22 -16.76
C GLU A 330 12.23 32.15 -15.69
N LEU A 331 12.56 32.63 -14.50
CA LEU A 331 11.60 32.53 -13.40
C LEU A 331 10.30 33.22 -13.77
N GLN A 332 9.18 32.57 -13.44
CA GLN A 332 7.83 33.07 -13.59
C GLN A 332 7.40 33.27 -15.05
N VAL A 333 8.09 32.67 -16.02
CA VAL A 333 7.77 32.85 -17.42
C VAL A 333 7.28 31.53 -18.01
N TYR A 334 6.15 31.59 -18.69
CA TYR A 334 5.56 30.47 -19.41
C TYR A 334 5.56 30.85 -20.88
N ARG A 335 6.61 30.46 -21.61
CA ARG A 335 6.75 30.89 -22.99
C ARG A 335 5.67 30.27 -23.87
N ALA A 336 5.41 30.92 -25.01
CA ALA A 336 4.43 30.38 -25.94
C ALA A 336 4.97 29.17 -26.69
N SER A 337 6.26 29.16 -26.98
CA SER A 337 6.81 28.14 -27.86
C SER A 337 8.29 27.95 -27.54
N MET A 338 8.89 26.95 -28.18
CA MET A 338 10.30 26.66 -27.97
C MET A 338 11.08 27.18 -29.15
N ASN A 339 11.99 28.09 -28.88
CA ASN A 339 12.86 28.72 -29.86
C ASN A 339 14.24 28.03 -29.81
N LEU A 340 14.48 27.11 -30.72
CA LEU A 340 15.77 26.44 -30.87
C LEU A 340 16.53 27.07 -32.03
N SER A 341 17.73 27.58 -31.76
CA SER A 341 18.54 28.20 -32.80
C SER A 341 18.82 27.25 -33.96
N GLN A 342 18.95 27.82 -35.17
CA GLN A 342 19.41 27.05 -36.32
C GLN A 342 20.78 26.45 -36.05
N ALA A 343 21.55 27.05 -35.15
CA ALA A 343 22.87 26.53 -34.84
C ALA A 343 22.84 25.08 -34.38
N PHE A 344 21.72 24.62 -33.81
CA PHE A 344 21.61 23.20 -33.44
C PHE A 344 21.88 22.27 -34.64
N SER A 345 21.59 22.72 -35.87
CA SER A 345 21.83 21.85 -37.03
C SER A 345 23.30 21.54 -37.25
N SER A 346 24.21 22.29 -36.63
CA SER A 346 25.61 21.97 -36.84
C SER A 346 26.13 20.88 -35.90
N LEU A 347 25.29 20.35 -35.01
CA LEU A 347 25.71 19.33 -34.06
C LEU A 347 25.67 17.95 -34.72
N LYS A 348 26.55 17.78 -35.72
CA LYS A 348 26.44 16.63 -36.63
C LYS A 348 26.53 15.29 -35.88
N SER A 349 27.31 15.22 -34.79
CA SER A 349 27.49 13.96 -34.08
C SER A 349 26.47 13.73 -32.96
N LEU A 350 25.53 14.65 -32.76
CA LEU A 350 24.69 14.60 -31.58
C LEU A 350 23.87 13.30 -31.53
N LYS A 351 24.00 12.56 -30.41
CA LYS A 351 23.16 11.41 -30.12
C LYS A 351 22.04 11.71 -29.13
N ILE A 352 22.30 12.54 -28.12
CA ILE A 352 21.36 12.76 -27.02
C ILE A 352 21.20 14.26 -26.78
N LEU A 353 19.97 14.74 -26.85
CA LEU A 353 19.63 16.12 -26.55
C LEU A 353 18.54 16.15 -25.49
N ARG A 354 18.80 16.84 -24.38
CA ARG A 354 17.81 16.96 -23.31
C ARG A 354 17.55 18.42 -23.05
N ILE A 355 16.27 18.83 -23.13
CA ILE A 355 15.86 20.18 -22.78
C ILE A 355 14.56 20.08 -21.99
N ARG A 356 14.63 19.49 -20.80
CA ARG A 356 13.53 19.59 -19.85
C ARG A 356 13.49 20.99 -19.24
N GLY A 357 12.35 21.31 -18.64
CA GLY A 357 12.27 22.52 -17.86
C GLY A 357 12.61 23.79 -18.63
N TYR A 358 12.30 23.81 -19.93
CA TYR A 358 12.32 25.05 -20.72
C TYR A 358 11.04 25.84 -20.48
N VAL A 359 9.91 25.13 -20.32
CA VAL A 359 8.59 25.62 -19.91
C VAL A 359 7.94 26.44 -21.01
N PHE A 360 7.10 25.78 -21.80
CA PHE A 360 6.42 26.43 -22.91
C PHE A 360 5.11 25.71 -23.17
N LYS A 361 4.17 26.41 -23.80
CA LYS A 361 2.79 25.95 -23.93
C LYS A 361 2.60 25.05 -25.13
N GLU A 362 3.25 25.32 -26.25
CA GLU A 362 2.89 24.66 -27.48
C GLU A 362 4.14 24.24 -28.24
N LEU A 363 4.20 22.96 -28.60
CA LEU A 363 5.27 22.44 -29.46
C LEU A 363 4.76 22.28 -30.87
N LYS A 364 5.44 22.89 -31.83
CA LYS A 364 5.02 22.79 -33.23
C LYS A 364 6.16 22.26 -34.07
N SER A 365 5.79 21.56 -35.14
CA SER A 365 6.75 20.79 -35.94
C SER A 365 7.94 21.62 -36.40
N PHE A 366 7.69 22.85 -36.87
CA PHE A 366 8.76 23.66 -37.40
C PHE A 366 9.79 24.01 -36.31
N GLN A 367 9.35 24.08 -35.05
CA GLN A 367 10.28 24.40 -33.97
C GLN A 367 11.39 23.36 -33.82
N LEU A 368 11.20 22.13 -34.32
CA LEU A 368 12.24 21.13 -34.23
C LEU A 368 13.06 21.01 -35.51
N SER A 369 12.82 21.87 -36.50
CA SER A 369 13.52 21.75 -37.78
C SER A 369 15.05 21.81 -37.65
N PRO A 370 15.66 22.59 -36.75
CA PRO A 370 17.12 22.50 -36.62
C PRO A 370 17.62 21.11 -36.31
N LEU A 371 16.76 20.19 -35.88
CA LEU A 371 17.18 18.84 -35.57
C LEU A 371 16.93 17.83 -36.69
N HIS A 372 16.31 18.24 -37.81
CA HIS A 372 15.84 17.27 -38.82
C HIS A 372 16.97 16.46 -39.42
N ASN A 373 18.10 17.08 -39.72
CA ASN A 373 19.18 16.39 -40.39
C ASN A 373 20.34 16.04 -39.44
N LEU A 374 20.08 15.98 -38.14
CA LEU A 374 21.03 15.41 -37.19
C LEU A 374 20.90 13.89 -37.31
N GLN A 375 21.81 13.27 -38.06
CA GLN A 375 21.56 11.90 -38.49
C GLN A 375 21.86 10.89 -37.41
N ASN A 376 22.64 11.24 -36.39
CA ASN A 376 22.95 10.33 -35.31
C ASN A 376 22.04 10.52 -34.10
N LEU A 377 21.06 11.41 -34.17
CA LEU A 377 20.19 11.70 -33.02
C LEU A 377 19.42 10.46 -32.60
N GLU A 378 19.47 10.13 -31.30
CA GLU A 378 18.82 8.95 -30.73
C GLU A 378 17.81 9.26 -29.65
N VAL A 379 18.05 10.29 -28.83
CA VAL A 379 17.18 10.64 -27.70
C VAL A 379 16.86 12.13 -27.81
N LEU A 380 15.57 12.46 -27.82
CA LEU A 380 15.09 13.83 -27.69
C LEU A 380 14.28 13.91 -26.42
N ASP A 381 14.74 14.66 -25.43
CA ASP A 381 14.10 14.67 -24.13
C ASP A 381 13.48 16.03 -23.92
N LEU A 382 12.14 16.09 -24.02
CA LEU A 382 11.41 17.32 -23.79
C LEU A 382 10.47 17.21 -22.60
N GLY A 383 10.84 16.41 -21.60
CA GLY A 383 10.00 16.23 -20.43
C GLY A 383 9.96 17.46 -19.53
N THR A 384 8.96 17.47 -18.66
CA THR A 384 8.80 18.50 -17.61
C THR A 384 8.89 19.90 -18.20
N ASN A 385 8.03 20.15 -19.19
CA ASN A 385 7.97 21.42 -19.86
C ASN A 385 6.59 22.06 -19.81
N PHE A 386 5.61 21.43 -19.15
CA PHE A 386 4.23 21.95 -19.08
C PHE A 386 3.64 22.21 -20.48
N ILE A 387 4.07 21.42 -21.46
CA ILE A 387 3.50 21.53 -22.79
C ILE A 387 2.03 21.14 -22.75
N LYS A 388 1.18 22.00 -23.33
CA LYS A 388 -0.26 21.75 -23.40
C LYS A 388 -0.70 21.20 -24.74
N ILE A 389 0.01 21.50 -25.81
CA ILE A 389 -0.40 21.19 -27.18
C ILE A 389 0.78 20.62 -27.93
N ALA A 390 0.60 19.46 -28.55
CA ALA A 390 1.65 18.85 -29.36
C ALA A 390 1.01 17.89 -30.36
N ASN A 391 1.14 18.18 -31.65
CA ASN A 391 0.69 17.26 -32.70
C ASN A 391 1.72 16.14 -32.82
N LEU A 392 1.37 14.97 -32.28
CA LEU A 392 2.34 13.87 -32.22
C LEU A 392 2.82 13.44 -33.60
N SER A 393 2.06 13.75 -34.66
CA SER A 393 2.47 13.37 -36.01
C SER A 393 3.78 14.01 -36.42
N MET A 394 4.17 15.11 -35.76
CA MET A 394 5.45 15.73 -36.12
C MET A 394 6.61 14.76 -35.97
N PHE A 395 6.48 13.73 -35.15
CA PHE A 395 7.62 12.83 -35.02
C PHE A 395 7.74 11.86 -36.19
N LYS A 396 6.89 11.99 -37.22
CA LYS A 396 7.12 11.25 -38.46
C LYS A 396 8.48 11.58 -39.06
N GLN A 397 9.00 12.77 -38.79
CA GLN A 397 10.36 13.13 -39.20
C GLN A 397 11.44 12.71 -38.20
N PHE A 398 11.14 11.84 -37.24
CA PHE A 398 12.16 11.43 -36.29
C PHE A 398 12.18 9.91 -36.09
N LYS A 399 11.87 9.14 -37.15
CA LYS A 399 11.80 7.69 -37.03
C LYS A 399 13.15 7.05 -36.71
N ARG A 400 14.25 7.75 -36.94
CA ARG A 400 15.56 7.21 -36.58
C ARG A 400 15.81 7.26 -35.07
N LEU A 401 15.03 8.03 -34.32
CA LEU A 401 15.29 8.18 -32.89
C LEU A 401 14.92 6.89 -32.16
N LYS A 402 15.60 6.64 -31.05
CA LYS A 402 15.29 5.52 -30.19
C LYS A 402 14.23 5.86 -29.16
N VAL A 403 14.29 7.08 -28.61
CA VAL A 403 13.37 7.53 -27.57
C VAL A 403 12.99 8.97 -27.85
N ILE A 404 11.68 9.24 -27.92
CA ILE A 404 11.14 10.59 -27.86
C ILE A 404 10.43 10.69 -26.53
N ASP A 405 10.93 11.57 -25.64
CA ASP A 405 10.46 11.60 -24.26
C ASP A 405 9.68 12.89 -24.04
N LEU A 406 8.36 12.77 -23.93
CA LEU A 406 7.49 13.87 -23.56
C LEU A 406 6.84 13.66 -22.21
N SER A 407 7.47 12.84 -21.39
CA SER A 407 6.94 12.50 -20.08
C SER A 407 6.79 13.75 -19.21
N VAL A 408 5.78 13.75 -18.34
CA VAL A 408 5.54 14.81 -17.36
C VAL A 408 5.30 16.13 -18.10
N ASN A 409 4.20 16.20 -18.83
CA ASN A 409 3.80 17.43 -19.49
C ASN A 409 2.31 17.51 -19.26
N LYS A 410 1.65 18.43 -19.97
CA LYS A 410 0.21 18.62 -19.85
C LYS A 410 -0.49 18.41 -21.17
N ILE A 411 0.04 17.51 -22.00
CA ILE A 411 -0.50 17.33 -23.35
C ILE A 411 -1.90 16.71 -23.24
N SER A 412 -2.84 17.26 -24.00
CA SER A 412 -4.22 16.79 -24.00
C SER A 412 -4.86 17.22 -25.31
N PRO A 413 -5.98 16.59 -25.72
CA PRO A 413 -6.70 17.12 -26.87
C PRO A 413 -7.71 18.19 -26.48
N VAL A 437 18.10 5.83 -19.13
CA VAL A 437 17.00 6.04 -18.19
C VAL A 437 17.48 6.78 -16.93
N LEU A 438 16.90 7.95 -16.66
CA LEU A 438 17.27 8.77 -15.51
C LEU A 438 16.34 8.52 -14.33
N GLU A 439 16.88 8.68 -13.13
CA GLU A 439 16.12 8.47 -11.90
C GLU A 439 15.07 9.55 -11.70
N GLN A 440 14.19 9.33 -10.71
CA GLN A 440 13.13 10.29 -10.41
C GLN A 440 13.70 11.61 -9.90
N LEU A 441 14.80 11.53 -9.16
CA LEU A 441 15.56 12.70 -8.73
C LEU A 441 16.86 12.71 -9.53
N TYR A 442 17.05 13.75 -10.34
CA TYR A 442 18.19 13.81 -11.24
C TYR A 442 18.69 15.25 -11.39
N TYR A 443 17.86 16.14 -11.92
CA TYR A 443 18.31 17.51 -12.11
C TYR A 443 18.32 18.32 -10.82
N PHE A 444 17.59 17.89 -9.79
CA PHE A 444 17.49 18.67 -8.57
C PHE A 444 18.13 17.98 -7.39
N ARG A 445 19.08 17.08 -7.59
CA ARG A 445 19.75 16.61 -6.41
C ARG A 445 21.12 17.27 -6.26
N TYR A 446 21.63 17.17 -5.04
CA TYR A 446 22.84 17.90 -4.68
C TYR A 446 24.06 17.32 -5.40
N ASP A 447 24.29 16.02 -5.23
CA ASP A 447 25.44 15.34 -5.82
C ASP A 447 24.95 13.98 -6.32
N LYS A 448 24.58 13.95 -7.59
CA LYS A 448 24.05 12.72 -8.16
C LYS A 448 25.11 11.66 -8.35
N TYR A 449 26.40 11.96 -8.16
CA TYR A 449 27.45 10.97 -8.31
C TYR A 449 28.00 10.49 -6.97
N ALA A 450 27.38 10.86 -5.85
CA ALA A 450 27.97 10.55 -4.57
C ALA A 450 27.96 9.05 -4.31
N ARG A 451 28.99 8.59 -3.60
CA ARG A 451 29.15 7.18 -3.30
C ARG A 451 28.31 6.80 -2.08
N SER A 452 27.80 5.58 -2.07
CA SER A 452 27.19 5.05 -0.86
C SER A 452 28.25 4.37 0.00
N CYS A 453 27.96 4.24 1.30
CA CYS A 453 28.87 3.50 2.16
C CYS A 453 29.02 2.05 1.72
N ARG A 454 27.99 1.49 1.08
CA ARG A 454 27.99 0.06 0.83
C ARG A 454 28.81 -0.35 -0.39
N PHE A 455 28.81 0.44 -1.47
CA PHE A 455 29.39 0.01 -2.74
C PHE A 455 30.46 0.97 -3.23
N LYS A 456 31.20 0.52 -4.25
CA LYS A 456 32.36 1.20 -4.84
C LYS A 456 33.47 1.44 -3.82
N SER A 468 11.26 -1.54 -18.59
CA SER A 468 11.52 -0.53 -19.61
C SER A 468 11.43 -1.13 -21.01
N CYS A 469 10.91 -0.36 -21.96
CA CYS A 469 10.50 -0.88 -23.27
C CYS A 469 11.37 -0.40 -24.43
N TYR A 470 12.47 0.31 -24.14
CA TYR A 470 13.33 0.85 -25.18
C TYR A 470 13.85 -0.25 -26.12
N LYS A 471 14.13 -1.43 -25.55
CA LYS A 471 14.70 -2.55 -26.30
C LYS A 471 13.85 -2.95 -27.50
N TYR A 472 12.55 -2.65 -27.46
CA TYR A 472 11.67 -3.04 -28.54
C TYR A 472 11.85 -2.17 -29.78
N GLY A 473 12.51 -1.01 -29.64
CA GLY A 473 12.69 -0.12 -30.79
C GLY A 473 12.18 1.29 -30.52
N GLN A 474 11.71 2.00 -31.55
CA GLN A 474 11.33 3.40 -31.36
C GLN A 474 10.23 3.55 -30.32
N THR A 475 10.46 4.47 -29.40
CA THR A 475 9.63 4.66 -28.20
C THR A 475 9.14 6.10 -28.14
N LEU A 476 7.85 6.28 -27.98
CA LEU A 476 7.28 7.58 -27.73
C LEU A 476 6.78 7.56 -26.30
N ASP A 477 7.38 8.36 -25.42
CA ASP A 477 7.00 8.37 -24.01
C ASP A 477 6.06 9.54 -23.76
N LEU A 478 4.76 9.25 -23.65
CA LEU A 478 3.76 10.24 -23.30
C LEU A 478 3.25 10.09 -21.87
N SER A 479 4.02 9.42 -21.02
CA SER A 479 3.56 9.15 -19.66
C SER A 479 3.39 10.44 -18.86
N LYS A 480 2.46 10.41 -17.89
CA LYS A 480 2.26 11.50 -16.94
C LYS A 480 1.89 12.80 -17.67
N ASN A 481 0.97 12.68 -18.62
CA ASN A 481 0.42 13.81 -19.31
C ASN A 481 -1.06 13.92 -18.92
N SER A 482 -1.81 14.70 -19.69
CA SER A 482 -3.23 14.92 -19.37
C SER A 482 -4.13 14.37 -20.46
N ILE A 483 -3.70 13.30 -21.12
CA ILE A 483 -4.51 12.76 -22.21
C ILE A 483 -5.72 12.09 -21.58
N PHE A 484 -6.91 12.66 -21.81
CA PHE A 484 -8.12 12.06 -21.29
C PHE A 484 -8.90 11.26 -22.33
N PHE A 485 -8.66 11.49 -23.62
CA PHE A 485 -9.38 10.79 -24.67
C PHE A 485 -8.45 10.61 -25.86
N ILE A 486 -8.43 9.42 -26.46
CA ILE A 486 -7.58 9.16 -27.61
C ILE A 486 -8.42 8.70 -28.78
N LYS A 487 -7.95 9.02 -29.99
CA LYS A 487 -8.58 8.58 -31.22
C LYS A 487 -7.48 8.31 -32.24
N SER A 488 -7.82 7.51 -33.25
CA SER A 488 -6.83 7.03 -34.21
C SER A 488 -6.02 8.14 -34.84
N SER A 489 -6.66 9.28 -35.16
CA SER A 489 -5.91 10.31 -35.87
C SER A 489 -4.81 10.92 -35.00
N ASP A 490 -4.87 10.76 -33.67
CA ASP A 490 -3.78 11.26 -32.81
C ASP A 490 -2.45 10.64 -33.16
N PHE A 491 -2.45 9.42 -33.70
CA PHE A 491 -1.22 8.71 -34.01
C PHE A 491 -0.93 8.63 -35.50
N GLN A 492 -1.59 9.45 -36.31
CA GLN A 492 -1.35 9.44 -37.75
C GLN A 492 0.13 9.67 -38.03
N HIS A 493 0.67 8.91 -38.98
CA HIS A 493 2.05 8.97 -39.46
C HIS A 493 3.05 8.41 -38.47
N LEU A 494 2.60 7.70 -37.43
CA LEU A 494 3.47 7.12 -36.41
C LEU A 494 3.49 5.61 -36.47
N SER A 495 3.25 5.04 -37.66
CA SER A 495 3.16 3.60 -37.77
C SER A 495 4.50 2.93 -37.48
N PHE A 496 5.61 3.69 -37.48
CA PHE A 496 6.90 3.11 -37.16
C PHE A 496 7.12 2.82 -35.67
N LEU A 497 6.27 3.36 -34.78
CA LEU A 497 6.51 3.22 -33.33
C LEU A 497 6.50 1.77 -32.91
N LYS A 498 7.44 1.40 -32.03
CA LYS A 498 7.47 0.07 -31.44
C LYS A 498 6.96 0.05 -30.01
N CYS A 499 7.10 1.15 -29.25
CA CYS A 499 6.63 1.21 -27.87
C CYS A 499 5.98 2.55 -27.63
N LEU A 500 4.77 2.53 -27.11
CA LEU A 500 4.08 3.75 -26.74
C LEU A 500 3.85 3.69 -25.24
N ASN A 501 4.27 4.74 -24.52
CA ASN A 501 4.06 4.79 -23.08
C ASN A 501 2.98 5.83 -22.80
N LEU A 502 1.77 5.35 -22.49
CA LEU A 502 0.68 6.21 -22.05
C LEU A 502 0.44 6.13 -20.54
N SER A 503 1.38 5.60 -19.78
CA SER A 503 1.14 5.44 -18.35
C SER A 503 0.79 6.77 -17.67
N GLY A 504 -0.16 6.72 -16.74
CA GLY A 504 -0.38 7.90 -15.91
C GLY A 504 -1.00 9.05 -16.65
N ASN A 505 -1.85 8.78 -17.62
CA ASN A 505 -2.66 9.83 -18.19
C ASN A 505 -4.03 9.78 -17.51
N LEU A 506 -5.05 10.32 -18.16
CA LEU A 506 -6.37 10.43 -17.55
C LEU A 506 -7.40 9.71 -18.40
N ILE A 507 -6.99 8.63 -19.06
CA ILE A 507 -7.77 8.04 -20.14
C ILE A 507 -8.87 7.18 -19.51
N SER A 508 -10.10 7.68 -19.57
CA SER A 508 -11.28 7.08 -18.97
C SER A 508 -12.28 6.90 -20.10
N GLN A 509 -12.19 5.76 -20.79
CA GLN A 509 -12.71 5.57 -22.12
C GLN A 509 -12.91 4.07 -22.36
N THR A 510 -13.98 3.70 -23.06
CA THR A 510 -14.16 2.32 -23.50
C THR A 510 -13.46 2.13 -24.84
N LEU A 511 -12.35 1.43 -24.85
CA LEU A 511 -11.69 1.13 -26.10
C LEU A 511 -12.46 0.07 -26.87
N ASN A 512 -12.59 0.27 -28.18
CA ASN A 512 -13.33 -0.71 -28.99
C ASN A 512 -12.52 -1.20 -30.18
N GLY A 513 -11.21 -0.93 -30.22
CA GLY A 513 -10.38 -1.36 -31.32
C GLY A 513 -10.15 -0.35 -32.40
N SER A 514 -10.64 0.88 -32.22
CA SER A 514 -10.50 1.91 -33.22
C SER A 514 -9.48 2.97 -32.86
N GLU A 515 -8.93 2.96 -31.64
CA GLU A 515 -8.21 4.11 -31.12
C GLU A 515 -6.75 4.16 -31.54
N PHE A 516 -6.14 3.03 -31.83
CA PHE A 516 -4.70 2.95 -32.14
C PHE A 516 -4.42 2.50 -33.57
N GLN A 517 -5.36 2.72 -34.50
CA GLN A 517 -5.27 2.06 -35.80
C GLN A 517 -3.98 2.31 -36.58
N PRO A 518 -3.36 3.49 -36.55
CA PRO A 518 -2.09 3.68 -37.28
C PRO A 518 -0.91 2.92 -36.69
N LEU A 519 -0.99 2.41 -35.48
CA LEU A 519 0.19 1.85 -34.81
C LEU A 519 0.41 0.39 -35.20
N ALA A 520 0.63 0.18 -36.50
CA ALA A 520 0.69 -1.15 -37.07
C ALA A 520 1.89 -1.94 -36.59
N GLU A 521 2.93 -1.27 -36.09
CA GLU A 521 4.17 -1.96 -35.72
C GLU A 521 4.37 -2.05 -34.22
N LEU A 522 3.44 -1.52 -33.43
CA LEU A 522 3.61 -1.43 -31.99
C LEU A 522 3.76 -2.80 -31.34
N ARG A 523 4.82 -2.95 -30.56
CA ARG A 523 5.09 -4.19 -29.84
C ARG A 523 4.79 -4.11 -28.36
N TYR A 524 4.76 -2.91 -27.79
CA TYR A 524 4.65 -2.70 -26.36
C TYR A 524 3.77 -1.49 -26.12
N LEU A 525 2.68 -1.67 -25.37
CA LEU A 525 1.85 -0.55 -24.97
C LEU A 525 1.79 -0.53 -23.45
N ASP A 526 2.25 0.57 -22.84
CA ASP A 526 2.07 0.78 -21.41
C ASP A 526 0.86 1.69 -21.24
N PHE A 527 -0.25 1.08 -20.85
CA PHE A 527 -1.50 1.77 -20.55
C PHE A 527 -1.76 1.82 -19.05
N SER A 528 -0.73 1.64 -18.24
CA SER A 528 -0.96 1.57 -16.80
C SER A 528 -1.34 2.94 -16.23
N ASN A 529 -2.01 2.91 -15.09
CA ASN A 529 -2.37 4.13 -14.36
C ASN A 529 -3.26 5.03 -15.22
N ASN A 530 -4.29 4.42 -15.79
CA ASN A 530 -5.33 5.18 -16.49
C ASN A 530 -6.67 4.73 -15.91
N ARG A 531 -7.74 4.93 -16.66
CA ARG A 531 -9.08 4.49 -16.26
C ARG A 531 -9.74 3.71 -17.38
N LEU A 532 -9.05 2.70 -17.88
CA LEU A 532 -9.58 1.85 -18.92
C LEU A 532 -10.93 1.28 -18.53
N ASP A 533 -11.87 1.29 -19.47
CA ASP A 533 -13.19 0.70 -19.26
C ASP A 533 -13.28 -0.48 -20.23
N LEU A 534 -13.07 -1.70 -19.72
CA LEU A 534 -13.02 -2.89 -20.58
C LEU A 534 -14.42 -3.38 -20.91
N LEU A 535 -15.25 -2.48 -21.43
CA LEU A 535 -16.59 -2.86 -21.85
C LEU A 535 -16.56 -3.81 -23.04
N HIS A 536 -15.64 -3.58 -23.98
CA HIS A 536 -15.61 -4.29 -25.26
C HIS A 536 -14.47 -5.28 -25.30
N SER A 537 -14.75 -6.50 -25.77
CA SER A 537 -13.73 -7.50 -25.93
C SER A 537 -12.84 -7.24 -27.14
N THR A 538 -13.15 -6.21 -27.91
CA THR A 538 -12.32 -5.80 -29.04
C THR A 538 -11.30 -4.73 -28.67
N ALA A 539 -11.19 -4.33 -27.41
CA ALA A 539 -10.19 -3.34 -27.03
C ALA A 539 -8.80 -3.82 -27.45
N PHE A 540 -8.00 -2.92 -28.00
CA PHE A 540 -6.60 -3.20 -28.37
C PHE A 540 -6.43 -4.12 -29.58
N GLU A 541 -7.51 -4.63 -30.19
CA GLU A 541 -7.27 -5.62 -31.24
C GLU A 541 -6.70 -5.04 -32.52
N GLU A 542 -6.69 -3.72 -32.69
CA GLU A 542 -6.02 -3.13 -33.83
C GLU A 542 -4.51 -3.17 -33.68
N LEU A 543 -3.98 -3.47 -32.50
CA LEU A 543 -2.52 -3.49 -32.30
C LEU A 543 -2.07 -4.91 -32.60
N ARG A 544 -2.00 -5.23 -33.89
CA ARG A 544 -1.90 -6.62 -34.32
C ARG A 544 -0.52 -7.20 -34.06
N LYS A 545 0.48 -6.36 -33.86
CA LYS A 545 1.83 -6.84 -33.59
C LYS A 545 2.20 -6.77 -32.09
N LEU A 546 1.22 -6.48 -31.23
CA LEU A 546 1.47 -6.22 -29.82
C LEU A 546 1.96 -7.48 -29.11
N GLU A 547 3.10 -7.36 -28.45
CA GLU A 547 3.65 -8.43 -27.65
C GLU A 547 3.51 -8.20 -26.15
N VAL A 548 3.50 -6.96 -25.67
CA VAL A 548 3.38 -6.69 -24.23
C VAL A 548 2.32 -5.63 -24.03
N LEU A 549 1.38 -5.89 -23.14
CA LEU A 549 0.34 -4.94 -22.79
C LEU A 549 0.33 -4.78 -21.29
N ASP A 550 0.50 -3.55 -20.82
CA ASP A 550 0.39 -3.23 -19.40
C ASP A 550 -0.87 -2.40 -19.20
N ILE A 551 -1.89 -2.99 -18.57
CA ILE A 551 -3.08 -2.28 -18.13
C ILE A 551 -3.21 -2.36 -16.62
N SER A 552 -2.05 -2.37 -15.93
CA SER A 552 -2.04 -2.38 -14.47
C SER A 552 -2.54 -1.04 -13.93
N SER A 553 -3.06 -1.08 -12.70
CA SER A 553 -3.50 0.15 -12.01
C SER A 553 -4.51 0.94 -12.87
N ASN A 554 -5.49 0.21 -13.42
CA ASN A 554 -6.68 0.78 -14.04
C ASN A 554 -7.90 0.34 -13.24
N SER A 555 -7.83 0.47 -11.91
CA SER A 555 -8.87 -0.13 -11.07
C SER A 555 -10.22 0.60 -11.11
N HIS A 556 -10.25 1.86 -11.56
CA HIS A 556 -11.43 2.72 -11.37
C HIS A 556 -12.74 2.01 -11.73
N TYR A 557 -12.88 1.53 -12.97
CA TYR A 557 -14.15 0.93 -13.35
C TYR A 557 -14.37 -0.46 -12.74
N PHE A 558 -13.31 -1.13 -12.25
CA PHE A 558 -13.49 -2.42 -11.58
C PHE A 558 -14.00 -2.26 -10.15
N GLN A 559 -13.96 -1.05 -9.60
CA GLN A 559 -14.34 -0.77 -8.22
C GLN A 559 -15.84 -0.46 -8.05
N SER A 560 -16.59 -0.30 -9.12
CA SER A 560 -18.01 0.02 -8.99
C SER A 560 -18.85 -1.18 -9.43
N GLU A 561 -19.81 -1.55 -8.60
CA GLU A 561 -20.56 -2.79 -8.80
C GLU A 561 -21.46 -2.71 -10.03
N GLY A 562 -21.66 -3.86 -10.66
CA GLY A 562 -22.67 -3.95 -11.68
C GLY A 562 -22.25 -3.50 -13.05
N ILE A 563 -20.96 -3.24 -13.24
CA ILE A 563 -20.43 -2.73 -14.50
C ILE A 563 -19.86 -3.89 -15.29
N THR A 564 -20.09 -3.90 -16.60
CA THR A 564 -19.62 -4.98 -17.46
C THR A 564 -18.12 -4.84 -17.73
N HIS A 565 -17.40 -5.97 -17.61
CA HIS A 565 -15.96 -6.07 -17.86
C HIS A 565 -15.70 -7.32 -18.69
N MET A 566 -15.01 -7.18 -19.82
CA MET A 566 -14.73 -8.30 -20.71
C MET A 566 -13.26 -8.68 -20.58
N LEU A 567 -12.95 -9.61 -19.66
CA LEU A 567 -11.59 -10.07 -19.51
C LEU A 567 -11.14 -10.95 -20.67
N ASN A 568 -12.07 -11.39 -21.54
CA ASN A 568 -11.70 -12.25 -22.67
C ASN A 568 -11.19 -11.46 -23.88
N PHE A 569 -10.82 -10.19 -23.70
CA PHE A 569 -10.30 -9.39 -24.81
C PHE A 569 -8.97 -9.89 -25.36
N THR A 570 -8.33 -10.86 -24.70
CA THR A 570 -7.04 -11.38 -25.15
C THR A 570 -7.13 -12.26 -26.39
N LYS A 571 -8.31 -12.81 -26.70
CA LYS A 571 -8.43 -13.78 -27.79
C LYS A 571 -7.92 -13.19 -29.11
N ASN A 572 -8.20 -11.92 -29.36
CA ASN A 572 -7.91 -11.26 -30.62
C ASN A 572 -6.45 -10.87 -30.80
N LEU A 573 -5.65 -10.89 -29.74
CA LEU A 573 -4.27 -10.41 -29.79
C LEU A 573 -3.33 -11.58 -30.05
N LYS A 574 -2.99 -11.79 -31.34
CA LYS A 574 -2.46 -13.08 -31.78
C LYS A 574 -0.98 -13.27 -31.53
N VAL A 575 -0.21 -12.23 -31.23
CA VAL A 575 1.19 -12.41 -30.85
C VAL A 575 1.47 -11.88 -29.42
N LEU A 576 0.43 -11.67 -28.62
CA LEU A 576 0.60 -11.14 -27.28
C LEU A 576 1.35 -12.16 -26.43
N GLN A 577 2.50 -11.74 -25.87
CA GLN A 577 3.31 -12.64 -25.05
C GLN A 577 3.13 -12.39 -23.56
N LYS A 578 2.95 -11.14 -23.17
CA LYS A 578 2.97 -10.76 -21.76
C LYS A 578 1.83 -9.78 -21.52
N LEU A 579 1.06 -10.03 -20.47
CA LEU A 579 -0.06 -9.17 -20.07
C LEU A 579 0.07 -8.86 -18.59
N MET A 580 0.06 -7.57 -18.24
CA MET A 580 0.11 -7.12 -16.85
C MET A 580 -1.23 -6.48 -16.53
N MET A 581 -1.94 -7.01 -15.54
CA MET A 581 -3.15 -6.35 -15.06
C MET A 581 -3.17 -6.35 -13.55
N ASN A 582 -2.04 -5.89 -12.98
CA ASN A 582 -1.87 -5.80 -11.54
C ASN A 582 -2.67 -4.63 -10.99
N ASP A 583 -3.12 -4.80 -9.74
CA ASP A 583 -3.68 -3.69 -8.95
C ASP A 583 -4.90 -3.09 -9.65
N ASN A 584 -5.72 -3.94 -10.23
CA ASN A 584 -6.97 -3.50 -10.82
C ASN A 584 -8.14 -3.80 -9.92
N ASP A 585 -7.92 -4.39 -8.75
CA ASP A 585 -9.02 -4.65 -7.85
C ASP A 585 -10.12 -5.47 -8.52
N ILE A 586 -9.76 -6.38 -9.43
CA ILE A 586 -10.78 -7.10 -10.18
C ILE A 586 -11.46 -8.12 -9.26
N SER A 587 -12.77 -7.97 -9.10
CA SER A 587 -13.56 -8.87 -8.29
C SER A 587 -14.76 -9.42 -9.04
N SER A 588 -14.95 -9.06 -10.30
CA SER A 588 -16.07 -9.53 -11.09
C SER A 588 -15.66 -9.51 -12.55
N SER A 589 -16.32 -10.36 -13.34
CA SER A 589 -16.01 -10.41 -14.76
C SER A 589 -17.23 -10.94 -15.50
N THR A 590 -17.56 -10.31 -16.63
CA THR A 590 -18.70 -10.79 -17.39
C THR A 590 -18.35 -12.08 -18.12
N SER A 591 -17.15 -12.18 -18.65
CA SER A 591 -16.71 -13.42 -19.25
C SER A 591 -16.03 -14.31 -18.21
N ARG A 592 -16.16 -15.60 -18.41
CA ARG A 592 -15.73 -16.57 -17.43
C ARG A 592 -14.38 -17.18 -17.76
N THR A 593 -13.85 -16.90 -18.95
CA THR A 593 -12.60 -17.47 -19.39
C THR A 593 -11.82 -16.40 -20.14
N MET A 594 -10.51 -16.39 -19.91
CA MET A 594 -9.59 -15.66 -20.76
C MET A 594 -9.02 -16.66 -21.75
N GLU A 595 -8.84 -16.23 -22.98
CA GLU A 595 -8.33 -17.14 -23.99
C GLU A 595 -7.19 -16.51 -24.76
N SER A 596 -6.20 -17.33 -25.10
CA SER A 596 -5.09 -16.86 -25.91
C SER A 596 -4.30 -18.06 -26.37
N GLU A 597 -3.85 -18.00 -27.62
CA GLU A 597 -2.95 -19.02 -28.15
C GLU A 597 -1.51 -18.59 -28.06
N SER A 598 -1.21 -17.38 -27.56
CA SER A 598 0.17 -16.92 -27.53
C SER A 598 0.66 -16.50 -26.16
N LEU A 599 -0.21 -16.10 -25.24
CA LEU A 599 0.20 -15.52 -23.97
C LEU A 599 1.08 -16.49 -23.17
N ARG A 600 2.29 -16.04 -22.81
CA ARG A 600 3.23 -16.77 -21.96
C ARG A 600 3.24 -16.28 -20.52
N THR A 601 2.99 -15.01 -20.27
CA THR A 601 3.11 -14.43 -18.94
C THR A 601 1.88 -13.62 -18.60
N LEU A 602 1.24 -13.92 -17.47
CA LEU A 602 0.13 -13.10 -16.99
C LEU A 602 0.43 -12.64 -15.57
N GLU A 603 0.47 -11.33 -15.36
CA GLU A 603 0.55 -10.76 -14.02
C GLU A 603 -0.84 -10.31 -13.59
N PHE A 604 -1.36 -10.92 -12.52
CA PHE A 604 -2.72 -10.70 -12.04
C PHE A 604 -2.71 -10.35 -10.57
N ARG A 605 -1.67 -9.68 -10.14
CA ARG A 605 -1.43 -9.39 -8.73
C ARG A 605 -2.32 -8.22 -8.27
N GLY A 606 -2.76 -8.27 -7.02
CA GLY A 606 -3.52 -7.14 -6.50
C GLY A 606 -4.95 -7.06 -7.02
N ASN A 607 -5.59 -8.21 -7.21
CA ASN A 607 -6.98 -8.24 -7.63
C ASN A 607 -7.74 -9.00 -6.56
N HIS A 608 -8.97 -9.45 -6.86
CA HIS A 608 -9.79 -10.10 -5.85
C HIS A 608 -10.27 -11.44 -6.38
N LEU A 609 -9.30 -12.31 -6.69
CA LEU A 609 -9.65 -13.68 -7.01
C LEU A 609 -10.34 -14.37 -5.85
N ASP A 610 -10.14 -13.89 -4.61
CA ASP A 610 -10.88 -14.48 -3.49
C ASP A 610 -12.37 -14.29 -3.67
N VAL A 611 -12.79 -13.15 -4.23
CA VAL A 611 -14.19 -12.90 -4.51
C VAL A 611 -14.63 -13.70 -5.73
N LEU A 612 -13.84 -13.67 -6.80
CA LEU A 612 -14.17 -14.41 -8.02
C LEU A 612 -14.28 -15.90 -7.74
N TRP A 613 -13.45 -16.42 -6.82
CA TRP A 613 -13.43 -17.83 -6.47
C TRP A 613 -14.12 -18.11 -5.12
N ARG A 614 -15.10 -17.31 -4.70
CA ARG A 614 -15.81 -17.60 -3.45
C ARG A 614 -16.28 -19.03 -3.45
N ASP A 615 -16.07 -19.66 -2.30
CA ASP A 615 -16.40 -21.05 -2.12
C ASP A 615 -17.87 -21.24 -2.43
N GLY A 616 -18.16 -22.19 -3.29
CA GLY A 616 -19.49 -22.42 -3.79
C GLY A 616 -19.76 -21.83 -5.16
N ASP A 617 -18.94 -20.89 -5.62
CA ASP A 617 -19.11 -20.29 -6.95
C ASP A 617 -18.06 -20.91 -7.87
N ASN A 618 -18.50 -21.78 -8.77
CA ASN A 618 -17.60 -22.50 -9.66
C ASN A 618 -17.38 -21.79 -11.00
N ARG A 619 -17.98 -20.61 -11.20
CA ARG A 619 -18.04 -20.08 -12.57
C ARG A 619 -16.69 -19.62 -13.10
N TYR A 620 -15.76 -19.19 -12.24
CA TYR A 620 -14.49 -18.65 -12.71
C TYR A 620 -13.31 -19.57 -12.42
N LEU A 621 -13.57 -20.83 -12.06
CA LEU A 621 -12.48 -21.76 -11.76
C LEU A 621 -11.66 -22.15 -12.99
N GLN A 622 -12.10 -21.78 -14.19
CA GLN A 622 -11.29 -21.98 -15.39
C GLN A 622 -10.87 -20.67 -16.03
N LEU A 623 -10.83 -19.57 -15.26
CA LEU A 623 -10.55 -18.25 -15.84
C LEU A 623 -9.28 -18.25 -16.70
N PHE A 624 -8.25 -18.98 -16.27
CA PHE A 624 -6.99 -18.98 -17.01
C PHE A 624 -6.77 -20.25 -17.82
N LYS A 625 -7.70 -21.21 -17.79
CA LYS A 625 -7.44 -22.54 -18.35
C LYS A 625 -7.11 -22.48 -19.84
N ASN A 626 -7.76 -21.60 -20.58
CA ASN A 626 -7.57 -21.53 -22.03
C ASN A 626 -6.50 -20.54 -22.45
N LEU A 627 -5.65 -20.10 -21.53
CA LEU A 627 -4.39 -19.45 -21.88
C LEU A 627 -3.38 -20.56 -22.14
N LEU A 628 -3.48 -21.16 -23.33
CA LEU A 628 -2.91 -22.49 -23.54
C LEU A 628 -1.39 -22.48 -23.45
N LYS A 629 -0.73 -21.39 -23.81
CA LYS A 629 0.72 -21.34 -23.74
C LYS A 629 1.24 -20.68 -22.47
N LEU A 630 0.36 -20.40 -21.50
CA LEU A 630 0.78 -19.71 -20.30
C LEU A 630 1.81 -20.52 -19.51
N GLU A 631 2.94 -19.89 -19.23
CA GLU A 631 3.98 -20.50 -18.41
C GLU A 631 4.16 -19.80 -17.08
N GLU A 632 3.82 -18.53 -16.97
CA GLU A 632 4.06 -17.75 -15.76
C GLU A 632 2.79 -17.02 -15.35
N LEU A 633 2.36 -17.25 -14.11
CA LEU A 633 1.14 -16.67 -13.56
C LEU A 633 1.44 -16.09 -12.18
N ASP A 634 1.29 -14.78 -12.02
CA ASP A 634 1.45 -14.11 -10.72
C ASP A 634 0.06 -13.78 -10.18
N ILE A 635 -0.41 -14.55 -9.21
CA ILE A 635 -1.66 -14.22 -8.55
C ILE A 635 -1.40 -14.00 -7.05
N SER A 636 -0.26 -13.39 -6.76
CA SER A 636 -0.01 -12.91 -5.42
C SER A 636 -0.93 -11.74 -5.10
N LYS A 637 -1.05 -11.44 -3.81
CA LYS A 637 -1.84 -10.31 -3.31
C LYS A 637 -3.26 -10.33 -3.87
N ASN A 638 -3.91 -11.48 -3.75
CA ASN A 638 -5.30 -11.61 -4.16
C ASN A 638 -6.20 -12.00 -2.99
N SER A 639 -5.73 -11.77 -1.75
CA SER A 639 -6.53 -12.10 -0.56
C SER A 639 -6.97 -13.55 -0.52
N LEU A 640 -6.21 -14.48 -1.11
CA LEU A 640 -6.62 -15.89 -1.12
C LEU A 640 -6.20 -16.53 0.20
N SER A 641 -7.07 -16.52 1.20
CA SER A 641 -6.74 -17.18 2.45
C SER A 641 -6.86 -18.69 2.36
N PHE A 642 -7.56 -19.18 1.35
CA PHE A 642 -7.57 -20.59 1.01
C PHE A 642 -7.76 -20.64 -0.49
N LEU A 643 -7.46 -21.80 -1.09
CA LEU A 643 -7.72 -22.01 -2.51
C LEU A 643 -8.86 -23.00 -2.67
N PRO A 644 -9.97 -22.61 -3.29
CA PRO A 644 -11.07 -23.55 -3.49
C PRO A 644 -10.65 -24.71 -4.37
N SER A 645 -11.27 -25.86 -4.16
CA SER A 645 -11.00 -27.00 -5.01
C SER A 645 -11.44 -26.69 -6.43
N GLY A 646 -10.63 -27.12 -7.39
CA GLY A 646 -10.84 -26.79 -8.77
C GLY A 646 -9.89 -25.73 -9.31
N VAL A 647 -9.24 -24.95 -8.43
CA VAL A 647 -8.30 -23.91 -8.88
C VAL A 647 -7.13 -24.53 -9.66
N PHE A 648 -6.53 -25.59 -9.10
CA PHE A 648 -5.38 -26.21 -9.75
C PHE A 648 -5.78 -27.02 -10.99
N ASP A 649 -6.86 -27.79 -10.90
CA ASP A 649 -7.39 -28.41 -12.10
C ASP A 649 -7.69 -27.38 -13.19
N GLY A 650 -8.10 -26.18 -12.80
CA GLY A 650 -8.43 -25.18 -13.81
C GLY A 650 -7.26 -24.41 -14.39
N MET A 651 -6.03 -24.66 -13.93
CA MET A 651 -4.87 -23.94 -14.45
C MET A 651 -4.54 -24.43 -15.86
N PRO A 652 -3.96 -23.58 -16.71
CA PRO A 652 -3.59 -24.03 -18.06
C PRO A 652 -2.46 -25.05 -18.00
N PRO A 653 -2.29 -25.86 -19.07
CA PRO A 653 -1.49 -27.09 -18.93
C PRO A 653 0.00 -26.90 -18.84
N ASN A 654 0.55 -25.80 -19.36
CA ASN A 654 2.00 -25.62 -19.39
C ASN A 654 2.49 -24.66 -18.31
N LEU A 655 1.68 -24.40 -17.28
CA LEU A 655 2.08 -23.49 -16.22
C LEU A 655 3.34 -24.02 -15.54
N LYS A 656 4.37 -23.18 -15.52
CA LYS A 656 5.67 -23.50 -14.95
C LYS A 656 5.98 -22.73 -13.68
N ASN A 657 5.54 -21.48 -13.61
CA ASN A 657 5.97 -20.55 -12.56
C ASN A 657 4.73 -19.89 -11.97
N LEU A 658 4.40 -20.23 -10.73
CA LEU A 658 3.19 -19.75 -10.07
C LEU A 658 3.57 -19.04 -8.78
N SER A 659 3.13 -17.79 -8.63
CA SER A 659 3.24 -17.09 -7.36
C SER A 659 1.88 -16.99 -6.70
N LEU A 660 1.80 -17.49 -5.48
CA LEU A 660 0.67 -17.32 -4.58
C LEU A 660 1.09 -16.53 -3.35
N ALA A 661 2.11 -15.69 -3.50
CA ALA A 661 2.69 -14.94 -2.40
C ALA A 661 1.70 -13.91 -1.86
N LYS A 662 1.89 -13.58 -0.59
CA LYS A 662 1.24 -12.42 0.04
C LYS A 662 -0.28 -12.49 -0.10
N ASN A 663 -0.81 -13.68 0.19
CA ASN A 663 -2.23 -13.92 0.06
C ASN A 663 -2.87 -14.15 1.42
N GLY A 664 -2.10 -14.19 2.51
CA GLY A 664 -2.69 -14.61 3.76
C GLY A 664 -3.14 -16.06 3.74
N LEU A 665 -2.51 -16.91 2.92
CA LEU A 665 -2.93 -18.29 2.84
C LEU A 665 -2.67 -19.00 4.16
N LYS A 666 -3.71 -19.63 4.69
CA LYS A 666 -3.69 -20.26 5.99
C LYS A 666 -3.64 -21.77 5.90
N SER A 667 -3.91 -22.33 4.73
CA SER A 667 -3.91 -23.77 4.53
C SER A 667 -3.65 -24.02 3.05
N PHE A 668 -3.22 -25.24 2.74
CA PHE A 668 -2.79 -25.56 1.37
C PHE A 668 -2.81 -27.08 1.23
N ILE A 669 -3.62 -27.58 0.31
CA ILE A 669 -3.66 -29.00 0.00
C ILE A 669 -2.53 -29.29 -1.00
N TRP A 670 -1.37 -29.68 -0.49
CA TRP A 670 -0.18 -29.84 -1.31
C TRP A 670 -0.38 -30.85 -2.42
N GLU A 671 -1.22 -31.87 -2.18
CA GLU A 671 -1.45 -32.92 -3.16
C GLU A 671 -2.09 -32.38 -4.43
N LYS A 672 -2.74 -31.21 -4.36
CA LYS A 672 -3.32 -30.64 -5.56
C LYS A 672 -2.27 -30.18 -6.55
N LEU A 673 -1.00 -30.08 -6.15
CA LEU A 673 0.02 -29.71 -7.11
C LEU A 673 0.21 -30.77 -8.18
N ARG A 674 -0.28 -32.00 -7.95
CA ARG A 674 -0.23 -33.05 -8.95
C ARG A 674 -0.92 -32.64 -10.25
N TYR A 675 -1.87 -31.71 -10.19
CA TYR A 675 -2.52 -31.26 -11.43
C TYR A 675 -1.61 -30.41 -12.28
N LEU A 676 -0.58 -29.78 -11.70
CA LEU A 676 0.30 -28.85 -12.43
C LEU A 676 1.53 -29.60 -12.92
N LYS A 677 1.35 -30.34 -14.03
CA LYS A 677 2.35 -31.32 -14.42
C LYS A 677 3.63 -30.69 -14.96
N ASN A 678 3.63 -29.39 -15.25
CA ASN A 678 4.84 -28.71 -15.71
C ASN A 678 5.37 -27.69 -14.70
N LEU A 679 4.84 -27.72 -13.48
CA LEU A 679 5.22 -26.74 -12.46
C LEU A 679 6.69 -26.87 -12.10
N GLU A 680 7.41 -25.76 -12.16
CA GLU A 680 8.81 -25.78 -11.78
C GLU A 680 9.13 -24.84 -10.63
N THR A 681 8.45 -23.69 -10.52
CA THR A 681 8.64 -22.71 -9.44
C THR A 681 7.31 -22.44 -8.77
N LEU A 682 7.27 -22.60 -7.46
CA LEU A 682 6.09 -22.31 -6.66
C LEU A 682 6.48 -21.30 -5.58
N ASP A 683 5.92 -20.10 -5.64
CA ASP A 683 6.24 -19.07 -4.67
C ASP A 683 5.07 -18.95 -3.70
N LEU A 684 5.29 -19.41 -2.47
CA LEU A 684 4.30 -19.30 -1.41
C LEU A 684 4.76 -18.35 -0.32
N SER A 685 5.67 -17.44 -0.62
CA SER A 685 6.23 -16.57 0.40
C SER A 685 5.18 -15.64 1.01
N HIS A 686 5.45 -15.23 2.26
CA HIS A 686 4.65 -14.24 2.96
C HIS A 686 3.19 -14.68 3.05
N ASN A 687 2.98 -15.84 3.65
CA ASN A 687 1.63 -16.37 3.84
C ASN A 687 1.54 -16.80 5.30
N GLN A 688 0.58 -17.67 5.63
CA GLN A 688 0.45 -18.12 7.01
C GLN A 688 0.45 -19.64 7.08
N LEU A 689 1.23 -20.30 6.24
CA LEU A 689 1.27 -21.77 6.29
C LEU A 689 2.00 -22.21 7.55
N THR A 690 1.54 -23.32 8.11
CA THR A 690 2.14 -23.90 9.30
C THR A 690 2.79 -25.25 9.03
N THR A 691 2.52 -25.91 7.90
CA THR A 691 3.07 -27.23 7.65
C THR A 691 3.60 -27.32 6.22
N VAL A 692 4.50 -28.28 6.02
CA VAL A 692 4.95 -28.69 4.69
C VAL A 692 4.30 -30.05 4.43
N PRO A 693 4.28 -30.55 3.19
CA PRO A 693 3.68 -31.87 2.94
C PRO A 693 4.54 -32.98 3.53
N GLU A 694 3.89 -34.12 3.78
CA GLU A 694 4.61 -35.28 4.32
C GLU A 694 5.72 -35.73 3.39
N ARG A 695 5.46 -35.73 2.08
CA ARG A 695 6.49 -36.09 1.09
C ARG A 695 6.30 -35.18 -0.12
N LEU A 696 7.17 -34.17 -0.23
CA LEU A 696 7.07 -33.24 -1.35
C LEU A 696 7.06 -33.97 -2.70
N SER A 697 7.89 -35.02 -2.83
CA SER A 697 8.01 -35.72 -4.11
C SER A 697 6.69 -36.36 -4.53
N ASN A 698 5.83 -36.72 -3.58
CA ASN A 698 4.54 -37.29 -3.87
C ASN A 698 3.51 -36.27 -4.34
N CYS A 699 3.84 -34.97 -4.29
CA CYS A 699 2.93 -33.88 -4.65
C CYS A 699 3.20 -33.31 -6.03
N SER A 700 4.45 -33.38 -6.47
CA SER A 700 4.84 -32.85 -7.77
C SER A 700 6.07 -33.58 -8.26
N ARG A 701 6.06 -34.01 -9.50
CA ARG A 701 7.24 -34.66 -10.05
C ARG A 701 8.16 -33.71 -10.77
N SER A 702 7.75 -32.44 -10.89
CA SER A 702 8.46 -31.45 -11.69
C SER A 702 9.05 -30.33 -10.87
N LEU A 703 8.56 -30.11 -9.65
CA LEU A 703 8.92 -28.91 -8.88
C LEU A 703 10.43 -28.81 -8.65
N LYS A 704 11.02 -27.72 -9.12
CA LYS A 704 12.43 -27.39 -8.94
C LYS A 704 12.67 -26.40 -7.82
N ASN A 705 11.85 -25.34 -7.74
CA ASN A 705 12.09 -24.18 -6.91
C ASN A 705 10.89 -23.97 -5.99
N LEU A 706 11.09 -24.09 -4.69
CA LEU A 706 10.02 -23.96 -3.70
C LEU A 706 10.36 -22.82 -2.76
N ILE A 707 9.51 -21.79 -2.72
CA ILE A 707 9.74 -20.62 -1.89
C ILE A 707 8.70 -20.60 -0.79
N LEU A 708 9.15 -20.85 0.45
CA LEU A 708 8.24 -20.85 1.58
C LEU A 708 8.62 -19.79 2.62
N LYS A 709 9.44 -18.82 2.24
CA LYS A 709 9.89 -17.88 3.24
C LYS A 709 8.72 -17.08 3.81
N ASN A 710 8.87 -16.67 5.07
CA ASN A 710 7.93 -15.78 5.75
C ASN A 710 6.58 -16.44 5.88
N ASN A 711 6.59 -17.64 6.44
CA ASN A 711 5.37 -18.31 6.83
C ASN A 711 5.47 -18.61 8.32
N GLN A 712 4.65 -19.51 8.82
CA GLN A 712 4.57 -19.85 10.24
C GLN A 712 4.99 -21.28 10.51
N ILE A 713 5.91 -21.83 9.71
CA ILE A 713 6.24 -23.25 9.80
C ILE A 713 7.10 -23.48 11.04
N ARG A 714 6.70 -24.42 11.89
CA ARG A 714 7.43 -24.72 13.11
C ARG A 714 8.15 -26.05 13.10
N SER A 715 7.90 -26.90 12.10
CA SER A 715 8.64 -28.14 11.98
C SER A 715 8.47 -28.70 10.57
N LEU A 716 9.41 -29.53 10.18
CA LEU A 716 9.31 -30.21 8.90
C LEU A 716 8.76 -31.61 9.14
N THR A 717 8.08 -32.13 8.14
CA THR A 717 7.59 -33.49 8.26
C THR A 717 8.76 -34.46 8.23
N LYS A 718 8.52 -35.67 8.75
CA LYS A 718 9.63 -36.60 8.96
C LYS A 718 10.36 -36.92 7.65
N TYR A 719 9.64 -37.06 6.54
CA TYR A 719 10.29 -37.41 5.27
C TYR A 719 10.10 -36.34 4.21
N PHE A 720 9.96 -35.08 4.63
CA PHE A 720 9.72 -33.91 3.79
C PHE A 720 10.31 -34.05 2.38
N LEU A 721 11.63 -34.09 2.27
CA LEU A 721 12.29 -34.05 0.97
C LEU A 721 12.70 -35.42 0.44
N GLN A 722 12.24 -36.49 1.05
CA GLN A 722 12.55 -37.84 0.58
C GLN A 722 12.31 -38.00 -0.92
N ASP A 723 13.37 -38.30 -1.66
CA ASP A 723 13.35 -38.62 -3.09
C ASP A 723 12.85 -37.49 -3.97
N ALA A 724 12.96 -36.24 -3.50
CA ALA A 724 12.59 -35.08 -4.31
C ALA A 724 13.73 -34.76 -5.29
N PHE A 725 13.92 -35.65 -6.25
CA PHE A 725 15.12 -35.57 -7.11
C PHE A 725 15.12 -34.31 -7.97
N GLN A 726 13.95 -33.74 -8.28
CA GLN A 726 13.95 -32.56 -9.14
C GLN A 726 14.23 -31.27 -8.38
N LEU A 727 14.19 -31.28 -7.05
CA LEU A 727 14.32 -30.04 -6.30
C LEU A 727 15.71 -29.46 -6.46
N ARG A 728 15.78 -28.15 -6.72
CA ARG A 728 17.05 -27.44 -6.84
C ARG A 728 17.17 -26.23 -5.94
N TYR A 729 16.09 -25.74 -5.35
CA TYR A 729 16.13 -24.48 -4.63
C TYR A 729 15.02 -24.51 -3.59
N LEU A 730 15.38 -24.27 -2.32
CA LEU A 730 14.42 -24.36 -1.23
C LEU A 730 14.65 -23.20 -0.28
N ASP A 731 13.61 -22.39 -0.07
CA ASP A 731 13.71 -21.25 0.84
C ASP A 731 12.76 -21.50 1.99
N LEU A 732 13.32 -21.84 3.14
CA LEU A 732 12.55 -21.97 4.37
C LEU A 732 12.82 -20.84 5.35
N SER A 733 13.43 -19.74 4.89
CA SER A 733 13.84 -18.67 5.79
C SER A 733 12.63 -17.90 6.36
N SER A 734 12.86 -17.24 7.49
CA SER A 734 11.85 -16.45 8.20
C SER A 734 10.61 -17.29 8.48
N ASN A 735 10.83 -18.43 9.10
CA ASN A 735 9.74 -19.23 9.62
C ASN A 735 9.99 -19.41 11.11
N LYS A 736 9.42 -20.42 11.75
CA LYS A 736 9.60 -20.64 13.17
C LYS A 736 10.17 -22.03 13.46
N ILE A 737 11.07 -22.52 12.61
CA ILE A 737 11.52 -23.90 12.73
C ILE A 737 12.49 -24.03 13.90
N GLN A 738 12.28 -25.04 14.74
CA GLN A 738 13.15 -25.29 15.88
C GLN A 738 14.19 -26.36 15.61
N MET A 739 13.82 -27.41 14.88
CA MET A 739 14.67 -28.55 14.67
C MET A 739 14.49 -29.10 13.26
N ILE A 740 15.56 -29.65 12.73
CA ILE A 740 15.54 -30.35 11.45
C ILE A 740 16.34 -31.63 11.60
N GLN A 741 15.72 -32.77 11.34
CA GLN A 741 16.37 -34.07 11.44
C GLN A 741 16.71 -34.56 10.02
N LYS A 742 17.58 -35.57 9.98
CA LYS A 742 18.15 -36.03 8.71
C LYS A 742 17.13 -36.72 7.82
N THR A 743 16.15 -37.41 8.40
CA THR A 743 15.06 -37.98 7.61
C THR A 743 14.43 -36.93 6.68
N SER A 744 14.22 -35.72 7.19
CA SER A 744 13.58 -34.65 6.40
C SER A 744 14.47 -34.17 5.26
N PHE A 745 15.79 -34.26 5.41
CA PHE A 745 16.76 -33.64 4.51
C PHE A 745 17.78 -34.66 4.00
N PRO A 746 17.37 -35.64 3.18
CA PRO A 746 18.34 -36.68 2.73
C PRO A 746 19.48 -36.09 1.90
N GLU A 747 20.72 -36.63 2.10
CA GLU A 747 21.84 -36.07 1.32
C GLU A 747 21.63 -36.10 -0.19
N ASN A 748 21.09 -37.20 -0.72
CA ASN A 748 21.04 -37.26 -2.18
C ASN A 748 20.18 -36.15 -2.77
N VAL A 749 19.31 -35.55 -1.95
CA VAL A 749 18.58 -34.36 -2.39
C VAL A 749 19.34 -33.08 -2.06
N LEU A 750 19.91 -32.99 -0.86
CA LEU A 750 20.58 -31.76 -0.45
C LEU A 750 21.73 -31.40 -1.39
N ASN A 751 22.44 -32.40 -1.92
CA ASN A 751 23.62 -32.14 -2.75
C ASN A 751 23.27 -31.74 -4.18
N ASN A 752 22.01 -31.87 -4.58
CA ASN A 752 21.60 -31.26 -5.83
C ASN A 752 21.14 -29.83 -5.67
N LEU A 753 20.98 -29.35 -4.43
CA LEU A 753 20.43 -28.02 -4.25
C LEU A 753 21.46 -26.97 -4.64
N LYS A 754 21.03 -26.03 -5.48
CA LYS A 754 21.81 -24.84 -5.77
C LYS A 754 21.83 -23.90 -4.57
N MET A 755 20.74 -23.84 -3.82
CA MET A 755 20.66 -22.95 -2.67
C MET A 755 19.61 -23.46 -1.69
N LEU A 756 19.89 -23.29 -0.40
CA LEU A 756 19.01 -23.71 0.68
C LEU A 756 19.04 -22.60 1.71
N LEU A 757 17.91 -21.94 1.94
CA LEU A 757 17.85 -20.77 2.81
C LEU A 757 17.18 -21.15 4.12
N LEU A 758 17.86 -20.88 5.23
CA LEU A 758 17.42 -21.34 6.53
C LEU A 758 17.47 -20.24 7.55
N HIS A 759 17.81 -19.02 7.15
CA HIS A 759 18.05 -17.98 8.13
C HIS A 759 16.75 -17.48 8.73
N HIS A 760 16.89 -16.87 9.90
CA HIS A 760 15.79 -16.29 10.66
C HIS A 760 14.69 -17.32 10.99
N ASN A 761 15.10 -18.44 11.59
CA ASN A 761 14.16 -19.40 12.16
C ASN A 761 14.31 -19.37 13.69
N ARG A 762 14.02 -20.48 14.35
CA ARG A 762 14.01 -20.50 15.82
C ARG A 762 14.79 -21.71 16.33
N PHE A 763 16.02 -21.89 15.82
CA PHE A 763 16.74 -23.15 16.01
C PHE A 763 17.07 -23.41 17.47
N LEU A 764 16.78 -24.61 17.91
CA LEU A 764 17.00 -25.03 19.30
C LEU A 764 18.27 -25.86 19.33
N CYS A 765 19.31 -25.34 19.96
CA CYS A 765 20.63 -25.94 19.89
C CYS A 765 20.90 -26.82 21.11
N THR A 766 20.13 -27.90 21.19
CA THR A 766 20.32 -28.92 22.20
C THR A 766 20.98 -30.12 21.56
N CYS A 767 21.21 -31.17 22.36
CA CYS A 767 21.84 -32.36 21.83
C CYS A 767 20.97 -33.09 20.81
N ASP A 768 19.67 -32.79 20.77
CA ASP A 768 18.82 -33.30 19.71
C ASP A 768 19.20 -32.72 18.36
N ALA A 769 19.87 -31.57 18.34
CA ALA A 769 20.22 -30.88 17.12
C ALA A 769 21.60 -31.25 16.58
N VAL A 770 22.27 -32.29 17.12
CA VAL A 770 23.68 -32.53 16.73
C VAL A 770 23.80 -32.78 15.22
N TRP A 771 22.87 -33.53 14.63
CA TRP A 771 22.98 -33.80 13.19
C TRP A 771 22.89 -32.51 12.40
N PHE A 772 21.87 -31.70 12.67
CA PHE A 772 21.67 -30.47 11.90
C PHE A 772 22.85 -29.53 12.05
N VAL A 773 23.33 -29.33 13.29
CA VAL A 773 24.46 -28.44 13.52
C VAL A 773 25.69 -28.95 12.77
N TRP A 774 25.98 -30.26 12.88
CA TRP A 774 27.12 -30.82 12.17
C TRP A 774 26.98 -30.66 10.65
N TRP A 775 25.81 -31.01 10.10
CA TRP A 775 25.61 -30.90 8.67
C TRP A 775 25.77 -29.46 8.18
N VAL A 776 25.20 -28.50 8.89
CA VAL A 776 25.31 -27.09 8.48
C VAL A 776 26.78 -26.65 8.50
N GLN A 777 27.53 -27.09 9.50
CA GLN A 777 28.93 -26.68 9.59
C GLN A 777 29.76 -27.23 8.45
N HIS A 778 29.41 -28.43 7.96
CA HIS A 778 30.26 -29.19 7.05
C HIS A 778 29.74 -29.28 5.62
N THR A 779 28.57 -28.72 5.31
CA THR A 779 28.01 -28.87 3.98
C THR A 779 28.65 -27.89 3.01
N GLU A 780 28.71 -28.29 1.74
CA GLU A 780 29.07 -27.41 0.64
C GLU A 780 27.86 -26.76 -0.01
N VAL A 781 26.64 -27.21 0.32
CA VAL A 781 25.45 -26.53 -0.17
C VAL A 781 25.52 -25.06 0.21
N THR A 782 25.13 -24.21 -0.73
CA THR A 782 25.10 -22.77 -0.47
C THR A 782 23.94 -22.42 0.47
N ILE A 783 24.26 -21.80 1.59
CA ILE A 783 23.30 -21.33 2.57
C ILE A 783 23.70 -19.91 2.90
N PRO A 784 22.94 -18.89 2.51
CA PRO A 784 23.34 -17.52 2.83
C PRO A 784 23.11 -17.16 4.29
N TYR A 785 23.85 -16.16 4.75
CA TYR A 785 23.69 -15.52 6.05
C TYR A 785 24.08 -16.41 7.23
N LEU A 786 24.84 -17.48 7.00
CA LEU A 786 25.32 -18.30 8.12
C LEU A 786 25.98 -17.46 9.21
N ALA A 787 26.71 -16.42 8.81
CA ALA A 787 27.47 -15.62 9.76
C ALA A 787 26.58 -14.70 10.57
N THR A 788 25.41 -14.37 10.07
CA THR A 788 24.62 -13.28 10.61
C THR A 788 23.23 -13.67 11.08
N ASP A 789 22.60 -14.73 10.51
CA ASP A 789 21.20 -14.95 10.81
C ASP A 789 20.80 -16.43 10.79
N VAL A 790 21.73 -17.34 11.03
CA VAL A 790 21.41 -18.76 11.28
C VAL A 790 21.84 -19.05 12.71
N THR A 791 20.94 -18.81 13.65
CA THR A 791 21.26 -18.50 15.03
C THR A 791 20.44 -19.37 15.97
N CYS A 792 21.05 -19.77 17.09
CA CYS A 792 20.30 -20.44 18.15
C CYS A 792 19.44 -19.46 18.92
N VAL A 793 18.20 -19.86 19.23
CA VAL A 793 17.42 -19.09 20.20
C VAL A 793 17.48 -19.70 21.59
N GLY A 794 18.09 -20.88 21.74
CA GLY A 794 18.24 -21.51 23.02
C GLY A 794 19.03 -22.79 22.91
N PRO A 795 19.30 -23.46 24.03
CA PRO A 795 18.86 -23.09 25.39
C PRO A 795 19.79 -22.08 26.04
N GLY A 796 19.22 -21.21 26.88
CA GLY A 796 19.90 -20.19 27.65
C GLY A 796 21.35 -19.91 27.33
N ALA A 797 22.19 -20.93 27.55
CA ALA A 797 23.62 -20.81 27.29
C ALA A 797 23.90 -20.28 25.89
N HIS A 798 23.36 -20.97 24.87
CA HIS A 798 23.70 -20.69 23.48
C HIS A 798 22.83 -19.62 22.82
N LYS A 799 21.96 -18.94 23.56
CA LYS A 799 21.07 -17.99 22.91
C LYS A 799 21.85 -16.89 22.19
N GLY A 800 21.48 -16.62 20.95
CA GLY A 800 22.15 -15.65 20.12
C GLY A 800 23.39 -16.14 19.41
N GLN A 801 23.82 -17.36 19.67
CA GLN A 801 25.03 -17.87 19.07
C GLN A 801 24.77 -18.40 17.65
N SER A 802 25.70 -18.14 16.74
CA SER A 802 25.59 -18.71 15.41
C SER A 802 25.74 -20.22 15.48
N VAL A 803 24.94 -20.94 14.69
CA VAL A 803 25.08 -22.40 14.76
C VAL A 803 26.38 -22.84 14.11
N ILE A 804 26.92 -22.04 13.18
CA ILE A 804 28.19 -22.38 12.54
C ILE A 804 29.34 -22.42 13.56
N SER A 805 29.25 -21.61 14.61
CA SER A 805 30.30 -21.59 15.63
C SER A 805 30.03 -22.58 16.77
N LEU A 806 28.91 -23.28 16.74
CA LEU A 806 28.48 -24.10 17.87
C LEU A 806 29.39 -25.30 18.08
N ASP A 807 29.77 -25.54 19.33
CA ASP A 807 30.55 -26.72 19.71
C ASP A 807 29.70 -27.58 20.63
N LEU A 808 29.36 -28.80 20.17
CA LEU A 808 28.47 -29.69 20.91
C LEU A 808 29.18 -30.94 21.43
N TYR A 809 30.47 -30.83 21.75
CA TYR A 809 31.24 -31.99 22.19
C TYR A 809 30.65 -32.61 23.46
N THR A 810 30.04 -31.80 24.33
CA THR A 810 29.42 -32.32 25.54
C THR A 810 28.31 -33.31 25.23
N CYS A 811 27.77 -33.31 24.02
CA CYS A 811 26.80 -34.32 23.60
C CYS A 811 27.43 -35.65 23.23
N GLU A 812 28.77 -35.73 23.18
CA GLU A 812 29.49 -36.92 22.76
C GLU A 812 30.42 -37.51 23.83
N LEU A 813 30.28 -37.12 25.09
CA LEU A 813 31.26 -37.55 26.11
C LEU A 813 31.34 -39.07 26.28
N ALA B 5 -6.39 -5.60 45.22
CA ALA B 5 -7.56 -4.74 45.08
C ALA B 5 -8.81 -5.58 44.86
N ARG B 6 -8.62 -6.67 44.11
CA ARG B 6 -9.58 -7.76 44.03
C ARG B 6 -9.11 -8.86 44.98
N TRP B 7 -10.07 -9.55 45.58
CA TRP B 7 -9.68 -10.68 46.41
C TRP B 7 -9.67 -11.98 45.64
N PHE B 8 -10.49 -12.12 44.60
CA PHE B 8 -10.57 -13.36 43.84
C PHE B 8 -10.33 -13.07 42.38
N PRO B 9 -9.18 -13.46 41.83
CA PRO B 9 -8.89 -13.15 40.42
C PRO B 9 -9.92 -13.80 39.52
N LYS B 10 -10.31 -13.08 38.47
CA LYS B 10 -11.27 -13.63 37.52
C LYS B 10 -10.50 -14.48 36.53
N THR B 11 -10.73 -15.78 36.56
CA THR B 11 -10.02 -16.74 35.73
C THR B 11 -10.85 -17.21 34.54
N LEU B 12 -12.15 -16.94 34.54
CA LEU B 12 -13.03 -17.32 33.45
C LEU B 12 -12.60 -16.62 32.17
N PRO B 13 -12.46 -17.34 31.04
CA PRO B 13 -11.98 -16.70 29.81
C PRO B 13 -13.06 -15.94 29.06
N CYS B 14 -14.06 -15.45 29.76
CA CYS B 14 -15.19 -14.75 29.16
C CYS B 14 -15.32 -13.39 29.82
N ASP B 15 -15.86 -12.45 29.08
CA ASP B 15 -16.16 -11.15 29.68
C ASP B 15 -17.48 -11.26 30.44
N VAL B 16 -17.49 -10.76 31.68
CA VAL B 16 -18.66 -10.79 32.53
C VAL B 16 -19.07 -9.37 32.86
N THR B 17 -20.32 -9.03 32.59
CA THR B 17 -20.88 -7.70 32.78
C THR B 17 -22.18 -7.82 33.57
N LEU B 18 -22.48 -6.79 34.37
CA LEU B 18 -23.71 -6.71 35.15
C LEU B 18 -24.48 -5.46 34.77
N ASP B 19 -25.74 -5.65 34.38
CA ASP B 19 -26.73 -4.59 34.21
C ASP B 19 -27.79 -4.86 35.28
N VAL B 20 -27.62 -4.24 36.45
CA VAL B 20 -28.46 -4.58 37.61
C VAL B 20 -29.84 -3.95 37.55
N SER B 21 -30.07 -2.97 36.67
CA SER B 21 -31.46 -2.64 36.31
C SER B 21 -32.26 -3.85 35.91
N LYS B 22 -31.89 -4.39 34.77
CA LYS B 22 -32.57 -5.52 34.22
C LYS B 22 -32.06 -6.79 34.82
N ASN B 23 -31.34 -6.68 35.94
CA ASN B 23 -30.63 -7.77 36.62
C ASN B 23 -30.21 -8.85 35.63
N HIS B 24 -29.42 -8.43 34.64
CA HIS B 24 -28.80 -9.31 33.65
C HIS B 24 -27.36 -9.58 34.06
N VAL B 25 -26.98 -10.84 34.04
CA VAL B 25 -25.58 -11.24 34.17
C VAL B 25 -25.15 -11.70 32.79
N ILE B 26 -24.33 -10.87 32.12
CA ILE B 26 -23.99 -11.05 30.72
C ILE B 26 -22.62 -11.70 30.65
N VAL B 27 -22.57 -12.93 30.14
CA VAL B 27 -21.33 -13.68 29.99
C VAL B 27 -21.07 -13.85 28.49
N ASP B 28 -19.98 -13.25 28.01
CA ASP B 28 -19.67 -13.20 26.58
C ASP B 28 -18.36 -13.93 26.34
N CYS B 29 -18.44 -15.15 25.81
CA CYS B 29 -17.29 -15.96 25.45
C CYS B 29 -17.07 -16.00 23.94
N THR B 30 -17.39 -14.92 23.22
CA THR B 30 -17.25 -14.96 21.78
C THR B 30 -15.79 -15.19 21.39
N ASP B 31 -15.55 -16.18 20.55
CA ASP B 31 -14.26 -16.39 19.90
C ASP B 31 -13.13 -16.47 20.93
N LYS B 32 -13.21 -17.51 21.77
CA LYS B 32 -12.20 -17.75 22.80
C LYS B 32 -11.54 -19.11 22.62
N HIS B 33 -11.70 -19.72 21.45
CA HIS B 33 -11.07 -21.00 21.13
C HIS B 33 -11.44 -22.08 22.16
N LEU B 34 -12.68 -22.05 22.62
CA LEU B 34 -13.15 -23.02 23.59
C LEU B 34 -13.57 -24.31 22.90
N THR B 35 -13.15 -25.45 23.48
CA THR B 35 -13.63 -26.77 23.09
C THR B 35 -14.57 -27.35 24.13
N GLU B 36 -14.84 -26.64 25.22
CA GLU B 36 -15.85 -27.02 26.20
C GLU B 36 -16.48 -25.76 26.73
N ILE B 37 -17.70 -25.87 27.22
CA ILE B 37 -18.21 -24.73 28.00
C ILE B 37 -17.34 -24.57 29.23
N PRO B 38 -16.82 -23.39 29.55
CA PRO B 38 -15.92 -23.28 30.69
C PRO B 38 -16.68 -23.50 31.99
N GLY B 39 -15.99 -24.09 32.96
CA GLY B 39 -16.56 -24.20 34.28
C GLY B 39 -16.57 -22.87 34.99
N GLY B 40 -17.49 -22.74 35.94
CA GLY B 40 -17.47 -21.55 36.77
C GLY B 40 -18.14 -20.34 36.18
N ILE B 41 -19.01 -20.52 35.19
CA ILE B 41 -19.87 -19.43 34.71
C ILE B 41 -20.76 -18.99 35.86
N PRO B 42 -20.98 -17.70 36.08
CA PRO B 42 -21.82 -17.28 37.20
C PRO B 42 -23.16 -18.00 37.17
N THR B 43 -23.59 -18.46 38.35
CA THR B 43 -24.86 -19.18 38.45
C THR B 43 -26.02 -18.28 38.07
N ASN B 44 -25.89 -16.98 38.29
CA ASN B 44 -26.94 -16.03 37.94
C ASN B 44 -26.92 -15.60 36.47
N THR B 45 -26.15 -16.28 35.60
CA THR B 45 -26.00 -15.80 34.22
C THR B 45 -27.35 -15.80 33.50
N THR B 46 -27.70 -14.64 32.94
CA THR B 46 -28.90 -14.50 32.12
C THR B 46 -28.62 -14.51 30.62
N ASN B 47 -27.51 -13.90 30.17
CA ASN B 47 -27.14 -13.85 28.77
C ASN B 47 -25.80 -14.57 28.59
N LEU B 48 -25.82 -15.69 27.89
CA LEU B 48 -24.62 -16.49 27.66
C LEU B 48 -24.35 -16.56 26.17
N THR B 49 -23.21 -16.04 25.73
CA THR B 49 -22.83 -16.03 24.33
C THR B 49 -21.61 -16.91 24.12
N LEU B 50 -21.73 -17.89 23.22
CA LEU B 50 -20.67 -18.84 22.95
C LEU B 50 -20.33 -18.91 21.46
N THR B 51 -20.69 -17.88 20.70
CA THR B 51 -20.53 -17.94 19.26
C THR B 51 -19.05 -17.96 18.87
N ILE B 52 -18.74 -18.66 17.78
CA ILE B 52 -17.39 -18.80 17.23
C ILE B 52 -16.48 -19.52 18.24
N ASN B 53 -16.79 -20.78 18.51
CA ASN B 53 -15.96 -21.65 19.33
C ASN B 53 -16.04 -23.04 18.70
N HIS B 54 -15.47 -24.05 19.36
CA HIS B 54 -15.46 -25.40 18.80
C HIS B 54 -15.98 -26.40 19.81
N ILE B 55 -17.08 -26.05 20.48
CA ILE B 55 -17.72 -26.93 21.45
C ILE B 55 -18.51 -27.97 20.67
N PRO B 56 -18.13 -29.25 20.75
CA PRO B 56 -18.74 -30.26 19.88
C PRO B 56 -20.13 -30.71 20.29
N ASP B 57 -20.59 -30.41 21.51
CA ASP B 57 -21.90 -30.94 21.90
C ASP B 57 -22.50 -30.12 23.03
N ILE B 58 -23.80 -30.31 23.19
CA ILE B 58 -24.59 -29.76 24.30
C ILE B 58 -25.31 -30.92 24.97
N SER B 59 -25.44 -30.85 26.29
CA SER B 59 -26.02 -31.92 27.09
C SER B 59 -26.67 -31.29 28.30
N PRO B 60 -27.42 -32.08 29.09
CA PRO B 60 -27.98 -31.52 30.33
C PRO B 60 -26.93 -30.90 31.24
N ALA B 61 -25.69 -31.41 31.20
CA ALA B 61 -24.62 -30.83 32.00
C ALA B 61 -24.28 -29.40 31.56
N SER B 62 -24.55 -29.06 30.29
CA SER B 62 -24.09 -27.79 29.71
C SER B 62 -24.57 -26.60 30.53
N PHE B 63 -25.87 -26.52 30.82
CA PHE B 63 -26.43 -25.37 31.50
C PHE B 63 -27.07 -25.77 32.82
N HIS B 64 -26.74 -26.94 33.36
CA HIS B 64 -27.45 -27.49 34.50
C HIS B 64 -27.58 -26.50 35.66
N ARG B 65 -26.53 -25.76 36.00
CA ARG B 65 -26.63 -24.79 37.07
C ARG B 65 -27.22 -23.48 36.66
N LEU B 66 -27.35 -23.24 35.36
CA LEU B 66 -27.62 -21.89 34.85
C LEU B 66 -29.12 -21.71 34.65
N VAL B 67 -29.86 -21.92 35.74
CA VAL B 67 -31.31 -21.96 35.64
C VAL B 67 -31.92 -20.64 35.22
N HIS B 68 -31.20 -19.53 35.37
CA HIS B 68 -31.78 -18.22 35.10
C HIS B 68 -31.51 -17.71 33.69
N LEU B 69 -31.05 -18.56 32.77
CA LEU B 69 -30.74 -18.11 31.42
C LEU B 69 -31.96 -17.61 30.67
N VAL B 70 -31.93 -16.34 30.24
CA VAL B 70 -32.93 -15.85 29.31
C VAL B 70 -32.47 -15.91 27.85
N GLU B 71 -31.16 -15.95 27.58
CA GLU B 71 -30.68 -15.99 26.19
C GLU B 71 -29.44 -16.86 26.11
N ILE B 72 -29.45 -17.80 25.17
CA ILE B 72 -28.27 -18.56 24.80
C ILE B 72 -27.95 -18.24 23.35
N ASP B 73 -26.75 -17.72 23.11
CA ASP B 73 -26.22 -17.49 21.76
C ASP B 73 -25.08 -18.47 21.54
N PHE B 74 -25.39 -19.60 20.92
CA PHE B 74 -24.49 -20.71 20.67
C PHE B 74 -24.29 -20.89 19.17
N ARG B 75 -24.07 -19.79 18.44
CA ARG B 75 -23.93 -19.82 17.00
C ARG B 75 -22.53 -20.26 16.58
N CYS B 76 -22.45 -20.81 15.36
CA CYS B 76 -21.19 -20.97 14.64
C CYS B 76 -20.17 -21.74 15.49
N ASN B 77 -20.60 -22.86 16.06
CA ASN B 77 -19.64 -23.81 16.59
C ASN B 77 -19.39 -24.97 15.63
N CYS B 78 -20.13 -25.06 14.53
CA CYS B 78 -19.84 -26.02 13.48
C CYS B 78 -20.38 -25.47 12.16
N VAL B 79 -19.70 -24.46 11.64
CA VAL B 79 -20.20 -23.74 10.47
C VAL B 79 -20.17 -24.67 9.27
N PRO B 80 -21.19 -24.65 8.40
CA PRO B 80 -21.10 -25.43 7.15
C PRO B 80 -19.82 -25.12 6.40
N ILE B 81 -19.32 -26.14 5.69
CA ILE B 81 -17.92 -26.18 5.25
C ILE B 81 -17.59 -24.99 4.36
N ARG B 82 -18.45 -24.69 3.37
CA ARG B 82 -18.18 -23.59 2.45
C ARG B 82 -18.25 -22.23 3.14
N LEU B 83 -19.01 -22.14 4.23
CA LEU B 83 -19.20 -20.89 4.95
C LEU B 83 -18.11 -20.62 5.98
N GLY B 84 -17.44 -21.66 6.47
CA GLY B 84 -16.50 -21.53 7.56
C GLY B 84 -15.05 -21.46 7.10
N SER B 85 -14.17 -21.37 8.07
CA SER B 85 -12.73 -21.32 7.81
C SER B 85 -12.27 -22.64 7.18
N LYS B 86 -11.46 -22.53 6.13
CA LYS B 86 -10.87 -23.74 5.57
C LYS B 86 -9.59 -24.18 6.29
N SER B 87 -9.07 -23.36 7.21
CA SER B 87 -7.96 -23.82 8.03
C SER B 87 -8.44 -24.45 9.34
N ASN B 88 -9.72 -24.32 9.70
CA ASN B 88 -10.27 -25.02 10.86
C ASN B 88 -11.69 -25.49 10.51
N MET B 89 -11.76 -26.52 9.67
CA MET B 89 -13.05 -27.03 9.24
C MET B 89 -13.65 -27.87 10.36
N CYS B 90 -14.93 -27.65 10.64
CA CYS B 90 -15.60 -28.46 11.65
C CYS B 90 -15.73 -29.89 11.13
N PRO B 91 -15.25 -30.90 11.87
CA PRO B 91 -15.32 -32.28 11.36
C PRO B 91 -16.70 -32.92 11.52
N ARG B 92 -17.48 -32.54 12.53
CA ARG B 92 -18.78 -33.17 12.69
C ARG B 92 -19.76 -32.21 13.35
N ARG B 93 -21.02 -32.29 12.92
CA ARG B 93 -22.02 -31.34 13.34
C ARG B 93 -22.21 -31.34 14.85
N LEU B 94 -22.68 -30.21 15.37
CA LEU B 94 -22.93 -30.08 16.79
C LEU B 94 -23.92 -31.15 17.26
N GLN B 95 -23.60 -31.82 18.35
CA GLN B 95 -24.46 -32.84 18.95
C GLN B 95 -25.27 -32.18 20.06
N ILE B 96 -26.59 -32.27 19.96
CA ILE B 96 -27.46 -31.76 21.00
C ILE B 96 -28.18 -32.94 21.64
N LYS B 97 -27.83 -33.25 22.89
CA LYS B 97 -28.39 -34.39 23.60
C LYS B 97 -29.77 -34.03 24.18
N PRO B 98 -30.62 -35.03 24.38
CA PRO B 98 -31.94 -34.76 24.98
C PRO B 98 -31.82 -34.10 26.35
N ARG B 99 -32.80 -33.24 26.65
CA ARG B 99 -33.00 -32.58 27.95
C ARG B 99 -32.08 -31.37 28.10
N SER B 100 -31.32 -31.00 27.06
CA SER B 100 -30.34 -29.93 27.20
C SER B 100 -30.99 -28.59 27.46
N PHE B 101 -32.20 -28.36 26.98
CA PHE B 101 -32.84 -27.07 27.16
C PHE B 101 -34.12 -27.10 28.00
N SER B 102 -34.71 -28.27 28.24
CA SER B 102 -36.02 -28.33 28.91
C SER B 102 -35.95 -27.77 30.32
N GLY B 103 -34.81 -27.88 30.99
CA GLY B 103 -34.68 -27.27 32.30
C GLY B 103 -34.58 -25.75 32.28
N LEU B 104 -34.40 -25.12 31.12
CA LEU B 104 -34.16 -23.68 31.06
C LEU B 104 -35.52 -22.97 31.00
N THR B 105 -36.19 -22.97 32.15
CA THR B 105 -37.56 -22.50 32.23
C THR B 105 -37.75 -21.03 31.87
N TYR B 106 -36.71 -20.19 31.97
CA TYR B 106 -36.84 -18.78 31.63
C TYR B 106 -36.22 -18.45 30.26
N LEU B 107 -35.83 -19.47 29.48
CA LEU B 107 -35.09 -19.26 28.24
C LEU B 107 -35.97 -18.66 27.16
N LYS B 108 -35.68 -17.44 26.69
CA LYS B 108 -36.53 -16.99 25.58
C LYS B 108 -35.85 -16.81 24.24
N SER B 109 -34.52 -16.73 24.18
CA SER B 109 -33.87 -16.56 22.89
C SER B 109 -32.79 -17.62 22.80
N LEU B 110 -32.87 -18.41 21.75
CA LEU B 110 -31.92 -19.47 21.50
C LEU B 110 -31.45 -19.30 20.07
N TYR B 111 -30.15 -19.04 19.90
CA TYR B 111 -29.49 -18.92 18.60
C TYR B 111 -28.63 -20.16 18.41
N LEU B 112 -28.99 -21.00 17.45
CA LEU B 112 -28.19 -22.16 17.10
C LEU B 112 -27.75 -22.12 15.64
N ASP B 113 -27.67 -20.92 15.06
CA ASP B 113 -27.23 -20.80 13.68
C ASP B 113 -25.82 -21.35 13.48
N GLY B 114 -25.56 -21.85 12.27
CA GLY B 114 -24.20 -22.15 11.86
C GLY B 114 -23.57 -23.35 12.55
N ASN B 115 -24.33 -24.42 12.74
CA ASN B 115 -23.88 -25.57 13.49
C ASN B 115 -24.09 -26.89 12.75
N GLN B 116 -24.53 -26.85 11.48
CA GLN B 116 -24.73 -28.04 10.66
C GLN B 116 -25.82 -28.94 11.24
N LEU B 117 -26.77 -28.35 11.95
CA LEU B 117 -27.89 -29.12 12.49
C LEU B 117 -28.74 -29.68 11.37
N LEU B 118 -29.24 -30.91 11.56
CA LEU B 118 -30.07 -31.56 10.56
C LEU B 118 -31.56 -31.44 10.85
N GLU B 119 -31.95 -31.13 12.08
CA GLU B 119 -33.36 -31.06 12.42
C GLU B 119 -33.57 -29.91 13.40
N ILE B 120 -34.83 -29.52 13.54
CA ILE B 120 -35.21 -28.52 14.52
C ILE B 120 -35.03 -29.15 15.88
N PRO B 121 -34.16 -28.63 16.75
CA PRO B 121 -33.96 -29.28 18.06
C PRO B 121 -35.25 -29.28 18.86
N GLN B 122 -35.51 -30.40 19.51
CA GLN B 122 -36.73 -30.62 20.26
C GLN B 122 -36.47 -30.44 21.76
N GLY B 123 -37.51 -30.60 22.55
CA GLY B 123 -37.34 -30.41 23.98
C GLY B 123 -37.14 -28.97 24.37
N LEU B 124 -37.64 -28.04 23.54
CA LEU B 124 -37.41 -26.64 23.83
C LEU B 124 -38.44 -26.14 24.83
N PRO B 125 -38.04 -25.22 25.71
CA PRO B 125 -38.94 -24.79 26.76
C PRO B 125 -40.09 -23.98 26.20
N PRO B 126 -41.28 -24.04 26.82
CA PRO B 126 -42.43 -23.28 26.32
C PRO B 126 -42.22 -21.81 26.51
N SER B 127 -41.17 -21.43 27.22
CA SER B 127 -40.95 -19.99 27.24
C SER B 127 -40.44 -19.39 25.94
N LEU B 128 -39.81 -20.20 25.04
CA LEU B 128 -38.97 -19.68 23.95
C LEU B 128 -39.80 -18.74 23.09
N GLN B 129 -39.29 -17.49 22.87
CA GLN B 129 -39.91 -16.53 21.94
C GLN B 129 -39.14 -16.31 20.66
N LEU B 130 -37.82 -16.54 20.64
CA LEU B 130 -37.03 -16.38 19.42
C LEU B 130 -36.21 -17.63 19.22
N LEU B 131 -36.32 -18.26 18.05
CA LEU B 131 -35.45 -19.37 17.69
C LEU B 131 -34.76 -19.07 16.36
N SER B 132 -33.44 -19.24 16.32
CA SER B 132 -32.64 -18.91 15.14
C SER B 132 -31.88 -20.15 14.72
N LEU B 133 -32.11 -20.60 13.48
CA LEU B 133 -31.49 -21.81 12.97
C LEU B 133 -30.85 -21.60 11.60
N GLU B 134 -30.41 -20.37 11.31
CA GLU B 134 -29.78 -20.06 10.02
C GLU B 134 -28.50 -20.86 9.82
N ALA B 135 -28.15 -21.06 8.55
CA ALA B 135 -26.85 -21.66 8.22
C ALA B 135 -26.70 -23.03 8.86
N ASN B 136 -27.79 -23.79 8.87
CA ASN B 136 -27.76 -25.19 9.23
C ASN B 136 -28.12 -26.00 7.99
N ASN B 137 -28.44 -27.27 8.19
CA ASN B 137 -28.84 -28.10 7.05
C ASN B 137 -30.22 -28.66 7.30
N ILE B 138 -31.15 -27.76 7.59
CA ILE B 138 -32.53 -28.11 7.89
C ILE B 138 -33.36 -27.66 6.69
N PHE B 139 -33.88 -28.60 5.92
CA PHE B 139 -34.58 -28.18 4.70
C PHE B 139 -35.90 -28.92 4.53
N SER B 140 -36.48 -29.40 5.63
CA SER B 140 -37.82 -29.94 5.61
C SER B 140 -38.49 -29.56 6.91
N ILE B 141 -39.56 -28.76 6.83
CA ILE B 141 -40.30 -28.31 7.99
C ILE B 141 -41.59 -29.12 8.08
N ARG B 142 -41.72 -29.90 9.16
CA ARG B 142 -42.90 -30.69 9.42
C ARG B 142 -43.61 -30.11 10.62
N LYS B 143 -44.95 -30.08 10.56
CA LYS B 143 -45.72 -29.42 11.61
C LYS B 143 -45.48 -30.03 12.98
N GLU B 144 -45.18 -31.32 13.04
CA GLU B 144 -44.98 -31.97 14.33
C GLU B 144 -43.72 -31.48 15.02
N GLN B 145 -42.69 -31.07 14.23
CA GLN B 145 -41.48 -30.54 14.84
C GLN B 145 -41.67 -29.14 15.40
N LEU B 146 -42.78 -28.47 15.07
CA LEU B 146 -43.01 -27.12 15.55
C LEU B 146 -44.02 -27.03 16.69
N THR B 147 -44.64 -28.14 17.12
CA THR B 147 -45.62 -28.03 18.18
C THR B 147 -44.97 -27.46 19.45
N GLU B 148 -43.71 -27.82 19.72
CA GLU B 148 -42.98 -27.32 20.87
C GLU B 148 -42.84 -25.80 20.89
N LEU B 149 -43.16 -25.13 19.77
CA LEU B 149 -42.91 -23.70 19.62
C LEU B 149 -44.18 -22.87 19.77
N ALA B 150 -45.12 -23.33 20.62
CA ALA B 150 -46.43 -22.69 20.72
C ALA B 150 -46.35 -21.19 20.95
N ASN B 151 -45.41 -20.74 21.80
CA ASN B 151 -45.33 -19.32 22.16
C ASN B 151 -44.31 -18.55 21.35
N ILE B 152 -43.71 -19.15 20.33
CA ILE B 152 -42.63 -18.52 19.58
C ILE B 152 -43.15 -17.30 18.84
N GLU B 153 -42.34 -16.25 18.79
CA GLU B 153 -42.66 -15.02 18.07
C GLU B 153 -41.76 -14.74 16.88
N ILE B 154 -40.52 -15.23 16.90
CA ILE B 154 -39.53 -14.90 15.88
C ILE B 154 -38.80 -16.19 15.51
N LEU B 155 -38.82 -16.54 14.23
CA LEU B 155 -38.30 -17.81 13.74
C LEU B 155 -37.43 -17.53 12.52
N TYR B 156 -36.13 -17.75 12.65
CA TYR B 156 -35.19 -17.54 11.55
C TYR B 156 -34.76 -18.92 11.04
N LEU B 157 -35.12 -19.24 9.80
CA LEU B 157 -34.78 -20.54 9.23
C LEU B 157 -33.96 -20.44 7.94
N GLY B 158 -33.54 -19.24 7.55
CA GLY B 158 -32.90 -19.06 6.26
C GLY B 158 -31.49 -19.60 6.16
N GLN B 159 -30.96 -19.54 4.95
CA GLN B 159 -29.59 -19.93 4.62
C GLN B 159 -29.31 -21.40 4.96
N ASN B 160 -30.36 -22.23 4.91
CA ASN B 160 -30.20 -23.67 5.05
C ASN B 160 -30.11 -24.41 3.72
N CYS B 161 -30.36 -23.73 2.59
CA CYS B 161 -30.24 -24.41 1.29
C CYS B 161 -30.03 -23.35 0.21
N TYR B 162 -28.77 -23.01 -0.03
CA TYR B 162 -28.43 -22.10 -1.10
C TYR B 162 -27.03 -22.46 -1.59
N TYR B 163 -26.51 -21.70 -2.55
CA TYR B 163 -25.31 -22.12 -3.25
C TYR B 163 -24.10 -22.24 -2.31
N ARG B 164 -24.04 -21.43 -1.26
CA ARG B 164 -22.95 -21.55 -0.31
C ARG B 164 -23.18 -22.64 0.73
N ASN B 165 -24.36 -23.25 0.76
CA ASN B 165 -24.69 -24.28 1.73
C ASN B 165 -25.77 -25.16 1.13
N PRO B 166 -25.45 -25.90 0.08
CA PRO B 166 -26.51 -26.57 -0.69
C PRO B 166 -27.15 -27.73 0.07
N CYS B 167 -28.42 -27.97 -0.24
CA CYS B 167 -29.09 -29.18 0.20
C CYS B 167 -29.47 -30.10 -0.95
N TYR B 168 -29.36 -29.64 -2.20
CA TYR B 168 -29.53 -30.41 -3.43
C TYR B 168 -30.96 -30.87 -3.67
N VAL B 169 -31.94 -30.37 -2.90
CA VAL B 169 -33.34 -30.66 -3.14
C VAL B 169 -34.11 -29.35 -2.95
N SER B 170 -35.36 -29.36 -3.42
CA SER B 170 -36.27 -28.28 -3.09
C SER B 170 -36.59 -28.31 -1.61
N TYR B 171 -36.71 -27.12 -1.01
CA TYR B 171 -37.14 -27.01 0.37
C TYR B 171 -38.56 -27.49 0.51
N SER B 172 -38.86 -28.15 1.65
CA SER B 172 -40.18 -28.72 1.91
C SER B 172 -40.79 -28.09 3.14
N ILE B 173 -42.03 -27.63 3.02
CA ILE B 173 -42.81 -27.12 4.14
C ILE B 173 -44.19 -27.75 4.08
N GLU B 174 -44.56 -28.45 5.14
CA GLU B 174 -45.88 -29.08 5.16
C GLU B 174 -46.98 -28.03 5.21
N LYS B 175 -48.10 -28.36 4.58
CA LYS B 175 -49.32 -27.56 4.63
C LYS B 175 -49.63 -27.17 6.07
N ASP B 176 -49.88 -25.88 6.29
CA ASP B 176 -50.27 -25.33 7.59
C ASP B 176 -49.21 -25.55 8.68
N ALA B 177 -47.94 -25.80 8.30
CA ALA B 177 -46.92 -26.08 9.31
C ALA B 177 -46.82 -24.96 10.34
N PHE B 178 -47.01 -23.72 9.94
CA PHE B 178 -46.87 -22.60 10.86
C PHE B 178 -48.19 -22.09 11.43
N LEU B 179 -49.33 -22.63 10.97
CA LEU B 179 -50.62 -22.01 11.28
C LEU B 179 -50.92 -21.99 12.77
N ASN B 180 -50.58 -23.07 13.50
CA ASN B 180 -50.89 -23.14 14.92
C ASN B 180 -49.83 -22.49 15.82
N LEU B 181 -48.87 -21.76 15.25
CA LEU B 181 -48.04 -20.89 16.09
C LEU B 181 -48.68 -19.51 16.09
N THR B 182 -49.65 -19.37 17.00
CA THR B 182 -50.57 -18.23 17.00
C THR B 182 -49.94 -16.95 17.49
N LYS B 183 -48.70 -16.98 17.95
CA LYS B 183 -47.99 -15.80 18.38
C LYS B 183 -46.89 -15.37 17.41
N LEU B 184 -46.64 -16.16 16.36
CA LEU B 184 -45.54 -15.93 15.42
C LEU B 184 -45.68 -14.59 14.73
N LYS B 185 -44.65 -13.74 14.87
CA LYS B 185 -44.65 -12.41 14.27
C LYS B 185 -43.67 -12.25 13.12
N VAL B 186 -42.49 -12.88 13.19
CA VAL B 186 -41.43 -12.72 12.19
C VAL B 186 -41.07 -14.10 11.67
N LEU B 187 -41.16 -14.27 10.35
CA LEU B 187 -40.78 -15.54 9.74
C LEU B 187 -39.82 -15.27 8.61
N SER B 188 -38.62 -15.85 8.68
CA SER B 188 -37.59 -15.67 7.66
C SER B 188 -37.27 -17.03 7.08
N LEU B 189 -37.54 -17.19 5.77
CA LEU B 189 -37.28 -18.42 5.05
C LEU B 189 -36.44 -18.12 3.82
N LYS B 190 -35.63 -17.07 3.91
CA LYS B 190 -34.78 -16.59 2.82
C LYS B 190 -33.70 -17.62 2.49
N ASP B 191 -33.16 -17.51 1.27
CA ASP B 191 -31.96 -18.26 0.88
C ASP B 191 -32.11 -19.77 1.14
N ASN B 192 -33.25 -20.32 0.72
CA ASN B 192 -33.62 -21.66 1.17
C ASN B 192 -34.09 -22.61 0.07
N ASN B 193 -34.07 -22.22 -1.20
CA ASN B 193 -34.57 -23.07 -2.29
C ASN B 193 -36.06 -23.36 -2.13
N VAL B 194 -36.82 -22.40 -1.59
CA VAL B 194 -38.27 -22.56 -1.43
C VAL B 194 -38.94 -22.44 -2.79
N THR B 195 -39.99 -23.24 -3.02
CA THR B 195 -40.68 -23.25 -4.30
C THR B 195 -42.06 -22.64 -4.29
N THR B 196 -42.72 -22.55 -3.14
CA THR B 196 -44.02 -21.92 -3.05
C THR B 196 -44.14 -21.23 -1.70
N VAL B 197 -44.94 -20.18 -1.68
CA VAL B 197 -45.30 -19.51 -0.44
C VAL B 197 -45.99 -20.55 0.44
N PRO B 198 -45.50 -20.79 1.64
CA PRO B 198 -46.15 -21.78 2.50
C PRO B 198 -47.49 -21.26 3.02
N THR B 199 -48.51 -22.11 3.00
CA THR B 199 -49.83 -21.75 3.48
C THR B 199 -50.34 -22.87 4.37
N VAL B 200 -51.25 -22.52 5.28
CA VAL B 200 -51.69 -21.15 5.54
C VAL B 200 -50.80 -20.58 6.61
N LEU B 201 -50.45 -19.30 6.47
CA LEU B 201 -49.59 -18.73 7.49
C LEU B 201 -50.43 -18.08 8.59
N PRO B 202 -49.89 -18.01 9.81
CA PRO B 202 -50.65 -17.39 10.91
C PRO B 202 -50.84 -15.90 10.68
N SER B 203 -52.04 -15.42 11.01
CA SER B 203 -52.40 -14.04 10.73
C SER B 203 -51.73 -13.05 11.66
N THR B 204 -50.97 -13.50 12.65
CA THR B 204 -50.22 -12.56 13.48
C THR B 204 -48.94 -12.04 12.83
N LEU B 205 -48.54 -12.58 11.67
CA LEU B 205 -47.27 -12.20 11.06
C LEU B 205 -47.18 -10.71 10.82
N THR B 206 -46.07 -10.10 11.25
CA THR B 206 -45.77 -8.74 10.86
C THR B 206 -44.64 -8.65 9.84
N GLU B 207 -43.78 -9.65 9.77
CA GLU B 207 -42.64 -9.63 8.85
C GLU B 207 -42.46 -11.02 8.25
N LEU B 208 -42.37 -11.06 6.93
CA LEU B 208 -42.27 -12.33 6.21
C LEU B 208 -41.19 -12.19 5.16
N TYR B 209 -40.13 -13.00 5.28
CA TYR B 209 -38.97 -12.91 4.39
C TYR B 209 -38.90 -14.20 3.57
N LEU B 210 -39.15 -14.07 2.26
CA LEU B 210 -39.14 -15.20 1.33
C LEU B 210 -38.15 -14.98 0.19
N TYR B 211 -37.15 -14.14 0.40
CA TYR B 211 -36.35 -13.73 -0.74
C TYR B 211 -35.23 -14.73 -1.02
N ASN B 212 -34.70 -14.64 -2.24
CA ASN B 212 -33.67 -15.55 -2.75
C ASN B 212 -34.13 -17.00 -2.65
N ASN B 213 -35.26 -17.29 -3.28
CA ASN B 213 -35.75 -18.66 -3.33
C ASN B 213 -36.06 -19.00 -4.79
N MET B 214 -36.86 -20.06 -5.00
CA MET B 214 -37.28 -20.52 -6.31
C MET B 214 -38.79 -20.47 -6.44
N ILE B 215 -39.40 -19.40 -5.95
CA ILE B 215 -40.85 -19.21 -6.07
C ILE B 215 -41.12 -18.58 -7.42
N ALA B 216 -41.83 -19.31 -8.27
CA ALA B 216 -42.13 -18.83 -9.62
C ALA B 216 -43.46 -18.10 -9.70
N GLU B 217 -44.38 -18.36 -8.76
CA GLU B 217 -45.70 -17.78 -8.81
C GLU B 217 -46.23 -17.56 -7.41
N ILE B 218 -46.92 -16.44 -7.23
CA ILE B 218 -47.74 -16.19 -6.06
C ILE B 218 -49.17 -16.60 -6.40
N GLN B 219 -49.82 -17.33 -5.51
CA GLN B 219 -51.24 -17.64 -5.69
C GLN B 219 -52.10 -16.49 -5.17
N GLU B 220 -53.34 -16.39 -5.69
CA GLU B 220 -54.18 -15.23 -5.36
C GLU B 220 -54.38 -15.06 -3.86
N ASP B 221 -54.33 -16.17 -3.09
CA ASP B 221 -54.61 -16.16 -1.66
C ASP B 221 -53.40 -16.46 -0.79
N ASP B 222 -52.19 -16.45 -1.36
CA ASP B 222 -51.01 -16.74 -0.55
C ASP B 222 -50.94 -15.84 0.69
N PHE B 223 -51.39 -14.58 0.56
CA PHE B 223 -51.34 -13.62 1.65
C PHE B 223 -52.73 -13.20 2.15
N ASN B 224 -53.74 -14.06 1.97
CA ASN B 224 -55.14 -13.72 2.26
C ASN B 224 -55.37 -13.25 3.68
N ASN B 225 -54.79 -13.92 4.66
CA ASN B 225 -55.17 -13.63 6.04
C ASN B 225 -54.19 -12.67 6.72
N LEU B 226 -53.18 -12.20 6.01
CA LEU B 226 -52.10 -11.50 6.71
C LEU B 226 -52.37 -9.99 6.80
N ASN B 227 -53.48 -9.67 7.47
CA ASN B 227 -53.82 -8.25 7.59
C ASN B 227 -52.98 -7.54 8.63
N GLN B 228 -52.04 -8.23 9.28
CA GLN B 228 -51.16 -7.56 10.23
C GLN B 228 -49.75 -7.42 9.65
N LEU B 229 -49.53 -7.77 8.39
CA LEU B 229 -48.19 -7.77 7.81
C LEU B 229 -47.68 -6.36 7.59
N GLN B 230 -46.49 -6.07 8.10
CA GLN B 230 -45.86 -4.78 7.84
C GLN B 230 -44.71 -4.85 6.86
N ILE B 231 -43.97 -5.98 6.80
CA ILE B 231 -42.85 -6.13 5.87
C ILE B 231 -43.01 -7.43 5.11
N LEU B 232 -42.93 -7.33 3.78
CA LEU B 232 -42.94 -8.50 2.91
C LEU B 232 -41.79 -8.34 1.92
N ASP B 233 -40.96 -9.37 1.80
CA ASP B 233 -39.82 -9.34 0.89
C ASP B 233 -39.87 -10.58 0.04
N LEU B 234 -40.10 -10.38 -1.26
CA LEU B 234 -40.14 -11.48 -2.22
C LEU B 234 -38.98 -11.41 -3.20
N SER B 235 -37.96 -10.61 -2.88
CA SER B 235 -36.90 -10.33 -3.83
C SER B 235 -36.19 -11.61 -4.26
N GLY B 236 -35.58 -11.56 -5.43
CA GLY B 236 -34.74 -12.69 -5.80
C GLY B 236 -35.49 -13.97 -6.09
N ASN B 237 -36.76 -13.88 -6.46
CA ASN B 237 -37.46 -15.01 -7.05
C ASN B 237 -37.69 -14.68 -8.52
N CYS B 238 -37.12 -15.52 -9.40
CA CYS B 238 -36.91 -15.15 -10.81
C CYS B 238 -35.94 -13.98 -10.88
N PRO B 239 -34.69 -14.18 -10.51
CA PRO B 239 -33.76 -13.06 -10.42
C PRO B 239 -33.38 -12.53 -11.79
N ARG B 240 -33.01 -11.27 -11.81
CA ARG B 240 -32.31 -10.70 -12.95
C ARG B 240 -30.83 -11.04 -12.77
N CYS B 241 -30.29 -11.89 -13.63
CA CYS B 241 -28.98 -12.48 -13.42
C CYS B 241 -27.84 -11.75 -14.11
N TYR B 242 -28.10 -10.68 -14.85
CA TYR B 242 -27.03 -10.04 -15.63
C TYR B 242 -25.99 -9.42 -14.71
N ASN B 243 -24.72 -9.82 -14.89
CA ASN B 243 -23.61 -9.36 -14.04
C ASN B 243 -23.80 -9.71 -12.57
N ALA B 244 -24.56 -10.74 -12.25
CA ALA B 244 -24.66 -11.17 -10.87
C ALA B 244 -23.31 -11.73 -10.42
N PRO B 245 -22.80 -11.32 -9.28
CA PRO B 245 -21.50 -11.85 -8.83
C PRO B 245 -21.64 -13.07 -7.95
N PHE B 246 -22.73 -13.82 -8.13
CA PHE B 246 -22.97 -15.10 -7.50
C PHE B 246 -23.65 -15.99 -8.52
N PRO B 247 -23.55 -17.32 -8.36
CA PRO B 247 -24.28 -18.21 -9.27
C PRO B 247 -25.77 -17.89 -9.23
N CYS B 248 -26.36 -17.74 -10.42
CA CYS B 248 -27.69 -17.13 -10.55
C CYS B 248 -28.46 -17.89 -11.62
N THR B 249 -29.58 -18.50 -11.22
CA THR B 249 -30.40 -19.23 -12.19
C THR B 249 -31.68 -18.43 -12.43
N PRO B 250 -31.90 -17.89 -13.63
CA PRO B 250 -33.14 -17.16 -13.89
C PRO B 250 -34.30 -18.13 -14.07
N CYS B 251 -35.50 -17.63 -13.84
CA CYS B 251 -36.69 -18.38 -14.24
C CYS B 251 -36.70 -18.58 -15.73
N LYS B 252 -37.19 -19.75 -16.16
CA LYS B 252 -37.25 -20.09 -17.57
C LYS B 252 -38.14 -19.13 -18.35
N ASN B 253 -37.96 -19.15 -19.67
CA ASN B 253 -38.79 -18.41 -20.61
C ASN B 253 -38.75 -16.91 -20.35
N ASN B 254 -37.67 -16.40 -19.73
CA ASN B 254 -37.57 -14.98 -19.34
C ASN B 254 -38.74 -14.53 -18.45
N SER B 255 -39.33 -15.44 -17.70
CA SER B 255 -40.53 -15.04 -16.98
C SER B 255 -40.18 -14.18 -15.77
N PRO B 256 -41.07 -13.27 -15.39
CA PRO B 256 -40.95 -12.61 -14.09
C PRO B 256 -41.55 -13.52 -13.02
N LEU B 257 -41.37 -13.08 -11.76
CA LEU B 257 -42.18 -13.61 -10.69
C LEU B 257 -43.63 -13.24 -10.99
N GLN B 258 -44.53 -14.23 -10.97
CA GLN B 258 -45.92 -14.01 -11.42
C GLN B 258 -46.77 -13.70 -10.19
N ILE B 259 -47.23 -12.45 -10.09
CA ILE B 259 -48.01 -12.02 -8.93
C ILE B 259 -49.38 -11.55 -9.38
N PRO B 260 -50.45 -12.24 -9.00
CA PRO B 260 -51.80 -11.83 -9.42
C PRO B 260 -52.12 -10.42 -8.94
N VAL B 261 -52.93 -9.71 -9.73
CA VAL B 261 -53.14 -8.28 -9.51
C VAL B 261 -53.77 -7.97 -8.15
N ASN B 262 -54.44 -8.94 -7.54
CA ASN B 262 -55.09 -8.78 -6.24
C ASN B 262 -54.32 -9.46 -5.10
N ALA B 263 -53.08 -9.90 -5.35
CA ALA B 263 -52.36 -10.70 -4.36
C ALA B 263 -52.13 -9.94 -3.05
N PHE B 264 -52.08 -8.62 -3.08
CA PHE B 264 -51.73 -7.85 -1.89
C PHE B 264 -52.94 -7.23 -1.20
N ASP B 265 -54.16 -7.57 -1.64
CA ASP B 265 -55.35 -6.86 -1.16
C ASP B 265 -55.49 -6.93 0.36
N ALA B 266 -55.18 -8.08 0.95
CA ALA B 266 -55.33 -8.23 2.40
C ALA B 266 -54.33 -7.41 3.19
N LEU B 267 -53.28 -6.89 2.55
CA LEU B 267 -52.10 -6.37 3.26
C LEU B 267 -52.26 -4.90 3.59
N THR B 268 -53.30 -4.66 4.39
CA THR B 268 -53.69 -3.32 4.81
C THR B 268 -52.66 -2.63 5.69
N GLU B 269 -51.88 -3.35 6.48
CA GLU B 269 -50.87 -2.69 7.31
C GLU B 269 -49.49 -2.60 6.64
N LEU B 270 -49.34 -3.11 5.41
CA LEU B 270 -48.03 -3.24 4.78
C LEU B 270 -47.32 -1.90 4.67
N LYS B 271 -46.11 -1.81 5.24
CA LYS B 271 -45.27 -0.62 5.11
C LYS B 271 -44.08 -0.81 4.19
N VAL B 272 -43.55 -2.03 4.07
CA VAL B 272 -42.34 -2.29 3.31
C VAL B 272 -42.61 -3.42 2.33
N LEU B 273 -42.43 -3.15 1.04
CA LEU B 273 -42.56 -4.17 0.01
C LEU B 273 -41.26 -4.21 -0.78
N ARG B 274 -40.61 -5.37 -0.78
CA ARG B 274 -39.33 -5.53 -1.46
C ARG B 274 -39.48 -6.53 -2.60
N LEU B 275 -39.43 -6.03 -3.84
CA LEU B 275 -39.50 -6.83 -5.04
C LEU B 275 -38.26 -6.59 -5.92
N HIS B 276 -37.09 -6.73 -5.30
CA HIS B 276 -35.80 -6.57 -5.97
C HIS B 276 -35.47 -7.85 -6.74
N SER B 277 -35.01 -7.70 -7.97
CA SER B 277 -34.54 -8.86 -8.75
C SER B 277 -35.63 -9.94 -8.86
N ASN B 278 -36.77 -9.52 -9.42
CA ASN B 278 -37.87 -10.42 -9.77
C ASN B 278 -38.16 -10.42 -11.28
N SER B 279 -37.26 -9.85 -12.09
CA SER B 279 -37.40 -9.81 -13.56
C SER B 279 -38.74 -9.21 -14.00
N LEU B 280 -39.29 -8.32 -13.19
CA LEU B 280 -40.56 -7.67 -13.52
C LEU B 280 -40.38 -6.78 -14.74
N GLN B 281 -41.36 -6.85 -15.66
CA GLN B 281 -41.42 -5.94 -16.79
C GLN B 281 -42.52 -4.90 -16.65
N HIS B 282 -43.52 -5.14 -15.80
CA HIS B 282 -44.58 -4.18 -15.55
C HIS B 282 -44.88 -4.14 -14.06
N VAL B 283 -45.45 -3.04 -13.61
CA VAL B 283 -45.94 -2.88 -12.25
C VAL B 283 -47.43 -2.54 -12.33
N PRO B 284 -48.32 -3.53 -12.19
CA PRO B 284 -49.79 -3.25 -12.30
C PRO B 284 -50.26 -2.30 -11.22
N PRO B 285 -50.92 -1.20 -11.60
CA PRO B 285 -51.49 -0.30 -10.58
C PRO B 285 -52.39 -1.01 -9.60
N ARG B 286 -53.09 -2.05 -10.06
CA ARG B 286 -54.05 -2.77 -9.22
C ARG B 286 -53.39 -3.44 -8.00
N TRP B 287 -52.08 -3.72 -8.06
CA TRP B 287 -51.38 -4.27 -6.89
C TRP B 287 -51.62 -3.42 -5.63
N PHE B 288 -51.69 -2.10 -5.78
CA PHE B 288 -51.62 -1.20 -4.64
C PHE B 288 -52.97 -0.58 -4.26
N LYS B 289 -54.09 -1.19 -4.66
CA LYS B 289 -55.37 -0.53 -4.45
C LYS B 289 -55.77 -0.51 -2.97
N ASN B 290 -55.46 -1.56 -2.22
CA ASN B 290 -55.82 -1.63 -0.80
C ASN B 290 -54.65 -1.39 0.13
N ILE B 291 -53.46 -1.10 -0.37
CA ILE B 291 -52.34 -0.73 0.48
C ILE B 291 -52.00 0.71 0.16
N ASN B 292 -52.40 1.64 1.01
CA ASN B 292 -51.88 2.99 0.81
C ASN B 292 -51.20 3.51 2.08
N ASN B 293 -50.75 2.59 2.93
CA ASN B 293 -49.82 2.91 4.01
C ASN B 293 -48.39 2.60 3.60
N LEU B 294 -48.17 2.14 2.36
CA LEU B 294 -46.84 1.70 1.95
C LEU B 294 -45.87 2.86 2.03
N GLN B 295 -44.76 2.62 2.72
CA GLN B 295 -43.72 3.64 2.86
C GLN B 295 -42.46 3.34 2.08
N GLU B 296 -42.14 2.07 1.86
CA GLU B 296 -40.88 1.68 1.24
C GLU B 296 -41.16 0.68 0.13
N LEU B 297 -40.70 0.98 -1.08
CA LEU B 297 -40.88 0.10 -2.22
C LEU B 297 -39.54 -0.07 -2.93
N ASP B 298 -39.02 -1.30 -2.96
CA ASP B 298 -37.78 -1.63 -3.68
C ASP B 298 -38.15 -2.36 -4.96
N LEU B 299 -37.93 -1.71 -6.10
CA LEU B 299 -38.16 -2.33 -7.40
C LEU B 299 -36.85 -2.39 -8.20
N SER B 300 -35.72 -2.40 -7.51
CA SER B 300 -34.42 -2.42 -8.19
C SER B 300 -34.15 -3.79 -8.81
N GLN B 301 -33.34 -3.78 -9.86
CA GLN B 301 -32.90 -5.00 -10.55
C GLN B 301 -34.07 -5.77 -11.17
N ASN B 302 -34.91 -5.04 -11.88
CA ASN B 302 -35.93 -5.70 -12.67
C ASN B 302 -35.72 -5.30 -14.12
N PHE B 303 -36.78 -5.35 -14.93
CA PHE B 303 -36.67 -4.89 -16.31
C PHE B 303 -37.70 -3.79 -16.52
N LEU B 304 -37.63 -2.74 -15.71
CA LEU B 304 -38.67 -1.72 -15.64
C LEU B 304 -38.30 -0.40 -16.32
N ALA B 305 -37.32 -0.42 -17.24
CA ALA B 305 -36.93 0.78 -17.96
C ALA B 305 -38.13 1.39 -18.68
N LYS B 306 -38.88 0.56 -19.42
CA LYS B 306 -40.07 1.05 -20.14
C LYS B 306 -41.04 1.64 -19.15
N GLU B 307 -41.31 0.91 -18.06
CA GLU B 307 -42.31 1.26 -17.06
C GLU B 307 -42.01 2.59 -16.38
N ILE B 308 -40.74 2.98 -16.31
CA ILE B 308 -40.43 4.21 -15.58
C ILE B 308 -40.99 5.44 -16.29
N GLY B 309 -41.11 5.40 -17.62
CA GLY B 309 -41.73 6.49 -18.35
C GLY B 309 -43.24 6.48 -18.34
N ASP B 310 -43.82 5.53 -17.61
CA ASP B 310 -45.25 5.28 -17.58
C ASP B 310 -45.75 5.25 -16.14
N ALA B 311 -45.55 4.13 -15.45
CA ALA B 311 -45.58 4.10 -13.99
C ALA B 311 -46.90 4.61 -13.43
N LYS B 312 -48.01 4.19 -14.05
CA LYS B 312 -49.31 4.65 -13.58
C LYS B 312 -49.54 4.23 -12.14
N PHE B 313 -48.88 3.14 -11.68
CA PHE B 313 -49.06 2.65 -10.33
C PHE B 313 -48.63 3.67 -9.28
N LEU B 314 -47.81 4.65 -9.64
CA LEU B 314 -47.35 5.62 -8.65
C LEU B 314 -48.50 6.45 -8.08
N HIS B 315 -49.57 6.61 -8.84
CA HIS B 315 -50.71 7.38 -8.35
C HIS B 315 -51.32 6.79 -7.10
N PHE B 316 -51.10 5.51 -6.82
CA PHE B 316 -51.70 4.91 -5.64
C PHE B 316 -50.75 4.90 -4.44
N LEU B 317 -49.67 5.65 -4.50
CA LEU B 317 -48.68 5.59 -3.44
C LEU B 317 -48.41 6.95 -2.81
N PRO B 318 -49.45 7.66 -2.35
CA PRO B 318 -49.21 9.02 -1.85
C PRO B 318 -48.48 9.09 -0.52
N ASN B 319 -48.35 7.97 0.20
CA ASN B 319 -47.60 7.97 1.45
C ASN B 319 -46.20 7.38 1.30
N LEU B 320 -45.80 7.02 0.09
CA LEU B 320 -44.49 6.41 -0.09
C LEU B 320 -43.39 7.37 0.33
N ILE B 321 -42.54 6.92 1.24
CA ILE B 321 -41.39 7.69 1.69
C ILE B 321 -40.19 7.41 0.80
N GLN B 322 -40.03 6.16 0.38
CA GLN B 322 -38.76 5.69 -0.10
C GLN B 322 -38.99 4.76 -1.29
N LEU B 323 -38.43 5.12 -2.46
CA LEU B 323 -38.63 4.38 -3.71
C LEU B 323 -37.31 4.10 -4.44
N ASP B 324 -37.08 2.83 -4.79
CA ASP B 324 -35.85 2.44 -5.48
C ASP B 324 -36.16 1.76 -6.80
N LEU B 325 -35.70 2.37 -7.90
CA LEU B 325 -35.86 1.87 -9.25
C LEU B 325 -34.50 1.62 -9.92
N SER B 326 -33.47 1.39 -9.12
CA SER B 326 -32.10 1.26 -9.64
C SER B 326 -31.94 -0.03 -10.45
N PHE B 327 -31.05 0.03 -11.44
CA PHE B 327 -30.64 -1.12 -12.23
C PHE B 327 -31.83 -1.79 -12.91
N ASN B 328 -32.57 -0.99 -13.67
CA ASN B 328 -33.64 -1.48 -14.50
C ASN B 328 -33.35 -1.32 -15.98
N PHE B 329 -32.10 -1.03 -16.36
CA PHE B 329 -31.77 -0.77 -17.75
C PHE B 329 -31.97 -2.00 -18.62
N GLU B 330 -32.30 -1.76 -19.88
CA GLU B 330 -32.35 -2.85 -20.85
C GLU B 330 -30.96 -3.16 -21.32
N LEU B 331 -30.68 -4.46 -21.45
CA LEU B 331 -29.36 -4.93 -21.82
C LEU B 331 -28.98 -4.30 -23.16
N GLN B 332 -27.74 -3.82 -23.23
CA GLN B 332 -27.12 -3.30 -24.45
C GLN B 332 -27.74 -2.01 -24.96
N VAL B 333 -28.46 -1.26 -24.13
CA VAL B 333 -29.07 0.00 -24.55
C VAL B 333 -28.45 1.14 -23.76
N TYR B 334 -28.03 2.18 -24.48
CA TYR B 334 -27.51 3.42 -23.92
C TYR B 334 -28.48 4.55 -24.28
N ARG B 335 -29.43 4.81 -23.40
CA ARG B 335 -30.48 5.78 -23.72
C ARG B 335 -29.90 7.18 -23.85
N ALA B 336 -30.58 8.01 -24.64
CA ALA B 336 -30.16 9.40 -24.81
C ALA B 336 -30.45 10.23 -23.57
N SER B 337 -31.54 9.94 -22.87
CA SER B 337 -31.98 10.78 -21.75
C SER B 337 -32.82 9.93 -20.83
N MET B 338 -33.26 10.51 -19.72
CA MET B 338 -34.11 9.83 -18.76
C MET B 338 -35.56 10.29 -18.90
N ASN B 339 -36.45 9.36 -19.19
CA ASN B 339 -37.89 9.61 -19.34
C ASN B 339 -38.54 9.23 -18.01
N LEU B 340 -38.84 10.24 -17.18
CA LEU B 340 -39.59 10.06 -15.94
C LEU B 340 -41.04 10.47 -16.16
N SER B 341 -41.96 9.53 -15.94
CA SER B 341 -43.38 9.80 -16.07
C SER B 341 -43.83 10.91 -15.14
N GLN B 342 -44.85 11.66 -15.58
CA GLN B 342 -45.49 12.67 -14.73
C GLN B 342 -46.02 12.08 -13.44
N ALA B 343 -46.33 10.78 -13.45
CA ALA B 343 -46.89 10.14 -12.27
C ALA B 343 -46.01 10.33 -11.05
N PHE B 344 -44.70 10.55 -11.26
CA PHE B 344 -43.81 10.84 -10.13
C PHE B 344 -44.27 12.05 -9.33
N SER B 345 -44.97 12.99 -9.96
CA SER B 345 -45.42 14.19 -9.25
C SER B 345 -46.45 13.87 -8.16
N SER B 346 -47.11 12.72 -8.21
CA SER B 346 -48.09 12.38 -7.19
C SER B 346 -47.49 11.74 -5.95
N LEU B 347 -46.18 11.54 -5.90
CA LEU B 347 -45.54 10.90 -4.75
C LEU B 347 -45.29 11.96 -3.67
N LYS B 348 -46.39 12.46 -3.12
CA LYS B 348 -46.37 13.65 -2.27
C LYS B 348 -45.46 13.47 -1.05
N SER B 349 -45.33 12.26 -0.52
CA SER B 349 -44.56 12.01 0.69
C SER B 349 -43.10 11.63 0.44
N LEU B 350 -42.65 11.55 -0.82
CA LEU B 350 -41.35 10.94 -1.12
C LEU B 350 -40.18 11.72 -0.52
N LYS B 351 -39.37 11.05 0.30
CA LYS B 351 -38.10 11.58 0.79
C LYS B 351 -36.89 11.08 0.02
N ILE B 352 -36.90 9.82 -0.42
CA ILE B 352 -35.73 9.17 -1.00
C ILE B 352 -36.13 8.53 -2.31
N LEU B 353 -35.48 8.95 -3.40
CA LEU B 353 -35.66 8.37 -4.74
C LEU B 353 -34.30 7.95 -5.26
N ARG B 354 -34.17 6.68 -5.67
CA ARG B 354 -32.91 6.14 -6.19
C ARG B 354 -33.16 5.52 -7.55
N ILE B 355 -32.42 6.00 -8.55
CA ILE B 355 -32.49 5.41 -9.90
C ILE B 355 -31.07 5.32 -10.45
N ARG B 356 -30.26 4.48 -9.83
CA ARG B 356 -28.97 4.09 -10.38
C ARG B 356 -29.18 3.14 -11.55
N GLY B 357 -28.17 3.03 -12.41
CA GLY B 357 -28.25 2.00 -13.44
C GLY B 357 -29.44 2.12 -14.36
N TYR B 358 -29.91 3.33 -14.60
CA TYR B 358 -30.85 3.54 -15.69
C TYR B 358 -30.11 3.62 -17.01
N VAL B 359 -28.91 4.22 -16.99
CA VAL B 359 -27.96 4.22 -18.11
C VAL B 359 -28.42 5.13 -19.25
N PHE B 360 -28.00 6.39 -19.21
CA PHE B 360 -28.41 7.37 -20.21
C PHE B 360 -27.33 8.44 -20.34
N LYS B 361 -27.30 9.11 -21.49
CA LYS B 361 -26.16 9.95 -21.84
C LYS B 361 -26.25 11.35 -21.24
N GLU B 362 -27.43 11.93 -21.19
CA GLU B 362 -27.55 13.36 -20.92
C GLU B 362 -28.68 13.59 -19.95
N LEU B 363 -28.39 14.30 -18.88
CA LEU B 363 -29.42 14.71 -17.93
C LEU B 363 -29.73 16.18 -18.17
N LYS B 364 -31.01 16.48 -18.37
CA LYS B 364 -31.46 17.83 -18.67
C LYS B 364 -32.51 18.24 -17.65
N SER B 365 -32.53 19.53 -17.29
CA SER B 365 -33.39 19.98 -16.20
C SER B 365 -34.84 19.56 -16.41
N PHE B 366 -35.30 19.60 -17.66
CA PHE B 366 -36.70 19.26 -17.95
C PHE B 366 -37.03 17.83 -17.54
N GLN B 367 -36.08 16.91 -17.66
CA GLN B 367 -36.34 15.51 -17.36
C GLN B 367 -36.69 15.29 -15.90
N LEU B 368 -36.29 16.19 -15.02
CA LEU B 368 -36.56 16.09 -13.59
C LEU B 368 -37.79 16.88 -13.16
N SER B 369 -38.53 17.49 -14.10
CA SER B 369 -39.64 18.35 -13.70
C SER B 369 -40.71 17.63 -12.87
N PRO B 370 -41.06 16.36 -13.12
CA PRO B 370 -42.03 15.69 -12.23
C PRO B 370 -41.65 15.68 -10.77
N LEU B 371 -40.42 16.04 -10.42
CA LEU B 371 -39.96 16.06 -9.04
C LEU B 371 -39.98 17.45 -8.43
N HIS B 372 -40.31 18.47 -9.24
CA HIS B 372 -40.14 19.86 -8.81
C HIS B 372 -40.94 20.16 -7.55
N ASN B 373 -42.16 19.65 -7.45
CA ASN B 373 -43.03 19.97 -6.32
C ASN B 373 -43.18 18.83 -5.33
N LEU B 374 -42.21 17.91 -5.27
CA LEU B 374 -42.13 16.98 -4.15
C LEU B 374 -41.43 17.70 -3.03
N GLN B 375 -42.20 18.21 -2.06
CA GLN B 375 -41.67 19.11 -1.04
C GLN B 375 -40.88 18.39 0.05
N ASN B 376 -41.06 17.09 0.21
CA ASN B 376 -40.31 16.34 1.21
C ASN B 376 -39.09 15.62 0.63
N LEU B 377 -38.81 15.77 -0.65
CA LEU B 377 -37.70 15.04 -1.26
C LEU B 377 -36.40 15.43 -0.60
N GLU B 378 -35.63 14.43 -0.16
CA GLU B 378 -34.36 14.66 0.50
C GLU B 378 -33.15 14.06 -0.23
N VAL B 379 -33.31 12.92 -0.90
CA VAL B 379 -32.20 12.25 -1.58
C VAL B 379 -32.61 11.96 -3.01
N LEU B 380 -31.82 12.47 -3.96
CA LEU B 380 -31.94 12.07 -5.35
C LEU B 380 -30.64 11.39 -5.75
N ASP B 381 -30.71 10.11 -6.09
CA ASP B 381 -29.54 9.28 -6.35
C ASP B 381 -29.57 8.87 -7.81
N LEU B 382 -28.72 9.48 -8.64
CA LEU B 382 -28.61 9.08 -10.04
C LEU B 382 -27.21 8.56 -10.37
N GLY B 383 -26.57 7.92 -9.40
CA GLY B 383 -25.25 7.37 -9.63
C GLY B 383 -25.27 6.18 -10.57
N THR B 384 -24.08 5.85 -11.11
CA THR B 384 -23.89 4.68 -11.98
C THR B 384 -24.88 4.67 -13.14
N ASN B 385 -24.89 5.77 -13.88
CA ASN B 385 -25.76 5.92 -15.03
C ASN B 385 -24.98 6.25 -16.30
N PHE B 386 -23.65 6.33 -16.22
CA PHE B 386 -22.81 6.66 -17.38
C PHE B 386 -23.25 7.96 -18.05
N ILE B 387 -23.75 8.89 -17.26
CA ILE B 387 -24.12 10.20 -17.77
C ILE B 387 -22.87 10.93 -18.24
N LYS B 388 -22.91 11.47 -19.47
CA LYS B 388 -21.80 12.24 -20.00
C LYS B 388 -22.00 13.75 -19.84
N ILE B 389 -23.23 14.25 -19.86
CA ILE B 389 -23.52 15.67 -19.94
C ILE B 389 -24.57 16.03 -18.90
N ALA B 390 -24.27 17.03 -18.06
CA ALA B 390 -25.23 17.48 -17.06
C ALA B 390 -24.88 18.90 -16.65
N ASN B 391 -25.76 19.84 -16.97
CA ASN B 391 -25.58 21.21 -16.48
C ASN B 391 -25.91 21.22 -14.99
N LEU B 392 -24.88 21.33 -14.15
CA LEU B 392 -25.10 21.28 -12.71
C LEU B 392 -26.00 22.39 -12.20
N SER B 393 -26.17 23.46 -12.96
CA SER B 393 -27.04 24.55 -12.52
C SER B 393 -28.49 24.11 -12.38
N MET B 394 -28.91 23.03 -13.07
CA MET B 394 -30.30 22.57 -12.96
C MET B 394 -30.71 22.25 -11.52
N PHE B 395 -29.75 21.98 -10.64
CA PHE B 395 -30.10 21.67 -9.27
C PHE B 395 -30.39 22.91 -8.44
N LYS B 396 -30.42 24.09 -9.09
CA LYS B 396 -30.95 25.29 -8.42
C LYS B 396 -32.39 25.08 -7.95
N GLN B 397 -33.14 24.23 -8.65
CA GLN B 397 -34.50 23.87 -8.26
C GLN B 397 -34.57 22.71 -7.25
N PHE B 398 -33.45 22.33 -6.62
CA PHE B 398 -33.48 21.26 -5.64
C PHE B 398 -32.73 21.64 -4.37
N LYS B 399 -32.75 22.94 -4.00
CA LYS B 399 -32.02 23.38 -2.81
C LYS B 399 -32.57 22.78 -1.53
N ARG B 400 -33.79 22.25 -1.54
CA ARG B 400 -34.34 21.61 -0.34
C ARG B 400 -33.73 20.24 -0.08
N LEU B 401 -33.06 19.65 -1.07
CA LEU B 401 -32.54 18.29 -0.94
C LEU B 401 -31.38 18.25 0.05
N LYS B 402 -31.21 17.08 0.68
CA LYS B 402 -30.03 16.87 1.51
C LYS B 402 -28.85 16.33 0.71
N VAL B 403 -29.09 15.39 -0.20
CA VAL B 403 -28.02 14.78 -0.99
C VAL B 403 -28.48 14.65 -2.44
N ILE B 404 -27.69 15.19 -3.36
CA ILE B 404 -27.84 14.93 -4.79
C ILE B 404 -26.65 14.07 -5.21
N ASP B 405 -26.90 12.84 -5.65
CA ASP B 405 -25.84 11.86 -5.85
C ASP B 405 -25.69 11.58 -7.34
N LEU B 406 -24.62 12.10 -7.92
CA LEU B 406 -24.25 11.78 -9.29
C LEU B 406 -22.94 10.99 -9.36
N SER B 407 -22.55 10.33 -8.28
CA SER B 407 -21.27 9.65 -8.24
C SER B 407 -21.24 8.48 -9.22
N VAL B 408 -20.03 8.21 -9.73
CA VAL B 408 -19.80 7.11 -10.68
C VAL B 408 -20.61 7.38 -11.94
N ASN B 409 -20.25 8.45 -12.65
CA ASN B 409 -20.83 8.73 -13.94
C ASN B 409 -19.66 9.13 -14.82
N LYS B 410 -19.94 9.68 -16.00
CA LYS B 410 -18.87 10.12 -16.90
C LYS B 410 -18.99 11.62 -17.18
N ILE B 411 -19.41 12.41 -16.18
CA ILE B 411 -19.66 13.83 -16.41
C ILE B 411 -18.33 14.54 -16.70
N SER B 412 -18.30 15.36 -17.74
CA SER B 412 -17.12 16.13 -18.11
C SER B 412 -17.55 17.34 -18.93
N PRO B 413 -16.69 18.38 -19.02
CA PRO B 413 -17.03 19.50 -19.91
C PRO B 413 -16.51 19.29 -21.33
N VAL B 437 -26.36 6.29 3.83
CA VAL B 437 -25.15 5.98 3.09
C VAL B 437 -25.06 4.48 2.78
N LEU B 438 -24.99 4.13 1.49
CA LEU B 438 -24.95 2.75 1.03
C LEU B 438 -23.51 2.29 0.79
N GLU B 439 -23.28 1.00 1.03
CA GLU B 439 -21.98 0.37 0.87
C GLU B 439 -21.55 0.29 -0.60
N GLN B 440 -20.29 -0.12 -0.79
CA GLN B 440 -19.75 -0.27 -2.14
C GLN B 440 -20.43 -1.41 -2.90
N LEU B 441 -20.79 -2.50 -2.20
CA LEU B 441 -21.60 -3.56 -2.78
C LEU B 441 -22.97 -3.51 -2.12
N TYR B 442 -23.99 -3.22 -2.92
CA TYR B 442 -25.32 -3.01 -2.38
C TYR B 442 -26.36 -3.62 -3.32
N TYR B 443 -26.47 -3.10 -4.53
CA TYR B 443 -27.47 -3.62 -5.46
C TYR B 443 -27.09 -4.97 -6.04
N PHE B 444 -25.82 -5.34 -6.00
CA PHE B 444 -25.37 -6.59 -6.62
C PHE B 444 -24.90 -7.60 -5.60
N ARG B 445 -25.32 -7.51 -4.35
CA ARG B 445 -24.94 -8.61 -3.50
C ARG B 445 -26.09 -9.57 -3.31
N TYR B 446 -25.74 -10.77 -2.87
CA TYR B 446 -26.72 -11.84 -2.80
C TYR B 446 -27.73 -11.57 -1.69
N ASP B 447 -27.24 -11.33 -0.49
CA ASP B 447 -28.11 -11.12 0.67
C ASP B 447 -27.48 -10.01 1.53
N LYS B 448 -27.88 -8.78 1.28
CA LYS B 448 -27.26 -7.68 1.99
C LYS B 448 -27.68 -7.59 3.45
N TYR B 449 -28.66 -8.39 3.89
CA TYR B 449 -29.10 -8.36 5.29
C TYR B 449 -28.58 -9.54 6.09
N ALA B 450 -27.71 -10.36 5.51
CA ALA B 450 -27.30 -11.57 6.19
C ALA B 450 -26.47 -11.24 7.44
N ARG B 451 -26.59 -12.10 8.43
CA ARG B 451 -25.96 -11.94 9.73
C ARG B 451 -24.49 -12.42 9.67
N SER B 452 -23.63 -11.80 10.48
CA SER B 452 -22.30 -12.36 10.69
C SER B 452 -22.31 -13.35 11.85
N CYS B 453 -21.32 -14.25 11.87
CA CYS B 453 -21.19 -15.12 13.04
C CYS B 453 -20.90 -14.34 14.32
N ARG B 454 -20.22 -13.19 14.21
CA ARG B 454 -19.71 -12.54 15.40
C ARG B 454 -20.76 -11.70 16.12
N PHE B 455 -21.71 -11.10 15.40
CA PHE B 455 -22.55 -10.04 15.99
C PHE B 455 -24.06 -10.35 16.05
N SER B 468 -17.64 11.34 6.22
CA SER B 468 -18.78 11.71 5.39
C SER B 468 -19.30 13.12 5.71
N CYS B 469 -19.80 13.84 4.70
CA CYS B 469 -20.04 15.27 4.81
C CYS B 469 -21.51 15.69 4.79
N TYR B 470 -22.44 14.73 4.78
CA TYR B 470 -23.86 15.06 4.74
C TYR B 470 -24.26 15.98 5.91
N LYS B 471 -23.66 15.77 7.08
CA LYS B 471 -23.94 16.56 8.27
C LYS B 471 -23.82 18.07 8.06
N TYR B 472 -23.01 18.51 7.09
CA TYR B 472 -22.79 19.94 6.85
C TYR B 472 -23.93 20.61 6.11
N GLY B 473 -24.86 19.86 5.50
CA GLY B 473 -25.97 20.45 4.76
C GLY B 473 -26.09 19.92 3.34
N GLN B 474 -26.59 20.73 2.41
CA GLN B 474 -26.84 20.26 1.05
C GLN B 474 -25.54 19.77 0.41
N THR B 475 -25.60 18.57 -0.16
CA THR B 475 -24.43 17.87 -0.67
C THR B 475 -24.64 17.54 -2.13
N LEU B 476 -23.69 17.92 -2.97
CA LEU B 476 -23.66 17.52 -4.36
C LEU B 476 -22.48 16.56 -4.49
N ASP B 477 -22.76 15.29 -4.77
CA ASP B 477 -21.73 14.25 -4.88
C ASP B 477 -21.42 14.06 -6.35
N LEU B 478 -20.28 14.61 -6.79
CA LEU B 478 -19.79 14.42 -8.14
C LEU B 478 -18.59 13.46 -8.16
N SER B 479 -18.41 12.68 -7.10
CA SER B 479 -17.22 11.85 -7.04
C SER B 479 -17.22 10.82 -8.18
N LYS B 480 -16.01 10.45 -8.61
CA LYS B 480 -15.80 9.38 -9.57
C LYS B 480 -16.52 9.68 -10.88
N ASN B 481 -16.31 10.87 -11.36
CA ASN B 481 -16.76 11.26 -12.69
C ASN B 481 -15.53 11.55 -13.56
N SER B 482 -15.74 12.22 -14.69
CA SER B 482 -14.65 12.51 -15.62
C SER B 482 -14.38 14.01 -15.75
N ILE B 483 -14.58 14.76 -14.68
CA ILE B 483 -14.37 16.21 -14.75
C ILE B 483 -12.85 16.46 -14.83
N PHE B 484 -12.38 16.93 -15.98
CA PHE B 484 -10.96 17.25 -16.07
C PHE B 484 -10.65 18.73 -15.84
N PHE B 485 -11.64 19.62 -15.98
CA PHE B 485 -11.39 21.05 -15.82
C PHE B 485 -12.61 21.72 -15.19
N ILE B 486 -12.36 22.63 -14.26
CA ILE B 486 -13.44 23.36 -13.61
C ILE B 486 -13.27 24.86 -13.81
N LYS B 487 -14.41 25.54 -13.88
CA LYS B 487 -14.55 26.98 -14.05
C LYS B 487 -15.72 27.44 -13.21
N SER B 488 -15.71 28.71 -12.82
CA SER B 488 -16.74 29.24 -11.91
C SER B 488 -18.13 29.03 -12.48
N SER B 489 -18.30 29.17 -13.79
CA SER B 489 -19.64 29.06 -14.34
C SER B 489 -20.20 27.65 -14.20
N ASP B 490 -19.35 26.63 -14.01
CA ASP B 490 -19.86 25.29 -13.77
C ASP B 490 -20.76 25.24 -12.54
N PHE B 491 -20.54 26.12 -11.56
CA PHE B 491 -21.28 26.13 -10.31
C PHE B 491 -22.30 27.26 -10.22
N GLN B 492 -22.66 27.87 -11.35
CA GLN B 492 -23.66 28.93 -11.35
C GLN B 492 -24.95 28.47 -10.70
N HIS B 493 -25.50 29.33 -9.84
CA HIS B 493 -26.77 29.11 -9.17
C HIS B 493 -26.72 28.00 -8.13
N LEU B 494 -25.53 27.61 -7.67
CA LEU B 494 -25.40 26.57 -6.65
C LEU B 494 -24.82 27.10 -5.34
N SER B 495 -25.04 28.39 -5.06
CA SER B 495 -24.47 29.03 -3.88
C SER B 495 -25.00 28.44 -2.58
N PHE B 496 -26.10 27.69 -2.64
CA PHE B 496 -26.63 27.05 -1.45
C PHE B 496 -25.81 25.84 -1.00
N LEU B 497 -24.90 25.32 -1.83
CA LEU B 497 -24.21 24.07 -1.51
C LEU B 497 -23.35 24.21 -0.26
N LYS B 498 -23.45 23.21 0.63
CA LYS B 498 -22.63 23.14 1.82
C LYS B 498 -21.49 22.12 1.71
N CYS B 499 -21.67 21.06 0.92
CA CYS B 499 -20.62 20.06 0.72
C CYS B 499 -20.60 19.68 -0.75
N LEU B 500 -19.41 19.75 -1.37
CA LEU B 500 -19.20 19.32 -2.73
C LEU B 500 -18.16 18.19 -2.74
N ASN B 501 -18.48 17.09 -3.41
CA ASN B 501 -17.55 15.98 -3.52
C ASN B 501 -17.05 15.87 -4.94
N LEU B 502 -15.80 16.28 -5.18
CA LEU B 502 -15.15 16.10 -6.47
C LEU B 502 -14.11 14.99 -6.44
N SER B 503 -14.14 14.13 -5.42
CA SER B 503 -13.15 13.07 -5.27
C SER B 503 -13.13 12.15 -6.49
N GLY B 504 -11.94 11.76 -6.90
CA GLY B 504 -11.84 10.78 -7.95
C GLY B 504 -12.28 11.28 -9.30
N ASN B 505 -12.06 12.56 -9.57
CA ASN B 505 -12.22 13.02 -10.93
C ASN B 505 -10.85 13.06 -11.58
N LEU B 506 -10.70 13.86 -12.64
CA LEU B 506 -9.48 13.89 -13.43
C LEU B 506 -8.89 15.30 -13.46
N ILE B 507 -9.04 16.04 -12.36
CA ILE B 507 -8.77 17.46 -12.37
C ILE B 507 -7.28 17.67 -12.22
N SER B 508 -6.64 18.12 -13.28
CA SER B 508 -5.20 18.38 -13.34
C SER B 508 -5.02 19.83 -13.75
N GLN B 509 -5.00 20.72 -12.77
CA GLN B 509 -5.27 22.14 -12.96
C GLN B 509 -4.62 22.93 -11.84
N THR B 510 -4.05 24.09 -12.17
CA THR B 510 -3.59 25.01 -11.14
C THR B 510 -4.76 25.90 -10.74
N LEU B 511 -5.29 25.69 -9.54
CA LEU B 511 -6.32 26.55 -8.98
C LEU B 511 -5.72 27.87 -8.52
N ASN B 512 -6.41 28.98 -8.82
CA ASN B 512 -5.91 30.31 -8.46
C ASN B 512 -6.90 31.11 -7.63
N GLY B 513 -7.96 30.50 -7.15
CA GLY B 513 -8.96 31.21 -6.38
C GLY B 513 -10.17 31.69 -7.15
N SER B 514 -10.30 31.34 -8.44
CA SER B 514 -11.42 31.76 -9.24
C SER B 514 -12.39 30.65 -9.59
N GLU B 515 -12.08 29.40 -9.27
CA GLU B 515 -12.82 28.29 -9.86
C GLU B 515 -14.13 27.98 -9.16
N PHE B 516 -14.26 28.31 -7.87
CA PHE B 516 -15.46 28.01 -7.08
C PHE B 516 -16.23 29.26 -6.65
N GLN B 517 -16.10 30.36 -7.39
CA GLN B 517 -16.62 31.64 -6.90
C GLN B 517 -18.11 31.61 -6.49
N PRO B 518 -19.01 30.90 -7.18
CA PRO B 518 -20.42 30.92 -6.73
C PRO B 518 -20.68 30.18 -5.44
N LEU B 519 -19.77 29.33 -4.97
CA LEU B 519 -20.08 28.46 -3.82
C LEU B 519 -19.82 29.21 -2.51
N ALA B 520 -20.56 30.30 -2.35
CA ALA B 520 -20.34 31.18 -1.21
C ALA B 520 -20.64 30.52 0.13
N GLU B 521 -21.36 29.41 0.14
CA GLU B 521 -21.72 28.81 1.42
C GLU B 521 -20.98 27.50 1.66
N LEU B 522 -20.10 27.06 0.77
CA LEU B 522 -19.52 25.72 0.90
C LEU B 522 -18.71 25.60 2.18
N ARG B 523 -19.01 24.56 2.96
CA ARG B 523 -18.29 24.25 4.18
C ARG B 523 -17.35 23.07 4.04
N TYR B 524 -17.56 22.22 3.04
CA TYR B 524 -16.78 21.00 2.90
C TYR B 524 -16.52 20.79 1.41
N LEU B 525 -15.24 20.70 1.06
CA LEU B 525 -14.81 20.34 -0.29
C LEU B 525 -13.93 19.10 -0.19
N ASP B 526 -14.36 18.00 -0.82
CA ASP B 526 -13.54 16.81 -0.98
C ASP B 526 -12.91 16.87 -2.38
N PHE B 527 -11.63 17.21 -2.42
CA PHE B 527 -10.88 17.25 -3.66
C PHE B 527 -9.88 16.09 -3.76
N SER B 528 -10.10 15.03 -2.99
CA SER B 528 -9.13 13.94 -2.96
C SER B 528 -9.15 13.19 -4.28
N ASN B 529 -8.04 12.51 -4.57
CA ASN B 529 -7.91 11.65 -5.74
C ASN B 529 -8.13 12.42 -7.04
N ASN B 530 -7.45 13.55 -7.15
CA ASN B 530 -7.37 14.32 -8.39
C ASN B 530 -5.90 14.57 -8.64
N ARG B 531 -5.61 15.59 -9.44
CA ARG B 531 -4.24 16.03 -9.72
C ARG B 531 -4.08 17.52 -9.49
N LEU B 532 -4.48 17.99 -8.29
CA LEU B 532 -4.30 19.39 -7.92
C LEU B 532 -2.85 19.83 -8.13
N ASP B 533 -2.67 21.00 -8.73
CA ASP B 533 -1.34 21.60 -8.92
C ASP B 533 -1.28 22.88 -8.09
N LEU B 534 -0.63 22.79 -6.93
CA LEU B 534 -0.56 23.89 -5.99
C LEU B 534 0.48 24.92 -6.40
N LEU B 535 0.38 25.42 -7.64
CA LEU B 535 1.28 26.48 -8.05
C LEU B 535 0.98 27.77 -7.31
N HIS B 536 -0.30 28.06 -7.05
CA HIS B 536 -0.70 29.35 -6.52
C HIS B 536 -1.12 29.22 -5.08
N SER B 537 -0.64 30.13 -4.25
CA SER B 537 -1.04 30.16 -2.84
C SER B 537 -2.44 30.73 -2.63
N THR B 538 -3.09 31.18 -3.69
CA THR B 538 -4.47 31.66 -3.65
C THR B 538 -5.49 30.57 -3.97
N ALA B 539 -5.05 29.32 -4.11
CA ALA B 539 -5.99 28.25 -4.34
C ALA B 539 -7.00 28.17 -3.20
N PHE B 540 -8.27 28.00 -3.55
CA PHE B 540 -9.40 27.81 -2.63
C PHE B 540 -9.77 29.06 -1.83
N GLU B 541 -9.07 30.18 -2.00
CA GLU B 541 -9.37 31.31 -1.13
C GLU B 541 -10.73 31.92 -1.40
N GLU B 542 -11.39 31.59 -2.52
CA GLU B 542 -12.74 32.05 -2.74
C GLU B 542 -13.79 31.30 -1.91
N LEU B 543 -13.44 30.17 -1.29
CA LEU B 543 -14.40 29.41 -0.49
C LEU B 543 -14.35 29.94 0.94
N ARG B 544 -14.99 31.09 1.13
CA ARG B 544 -14.77 31.85 2.37
C ARG B 544 -15.40 31.19 3.57
N LYS B 545 -16.33 30.25 3.39
CA LYS B 545 -16.90 29.53 4.51
C LYS B 545 -16.30 28.12 4.69
N LEU B 546 -15.22 27.79 3.97
CA LEU B 546 -14.71 26.42 3.97
C LEU B 546 -14.16 26.06 5.35
N GLU B 547 -14.67 24.98 5.93
CA GLU B 547 -14.19 24.44 7.20
C GLU B 547 -13.38 23.15 7.05
N VAL B 548 -13.64 22.35 6.01
CA VAL B 548 -12.94 21.10 5.78
C VAL B 548 -12.49 21.03 4.33
N LEU B 549 -11.19 20.79 4.13
CA LEU B 549 -10.63 20.64 2.79
C LEU B 549 -9.88 19.31 2.74
N ASP B 550 -10.27 18.44 1.80
CA ASP B 550 -9.55 17.19 1.59
C ASP B 550 -8.85 17.30 0.24
N ILE B 551 -7.53 17.42 0.26
CA ILE B 551 -6.77 17.34 -0.98
C ILE B 551 -5.82 16.14 -0.95
N SER B 552 -6.25 15.06 -0.30
CA SER B 552 -5.48 13.82 -0.24
C SER B 552 -5.39 13.11 -1.59
N SER B 553 -4.34 12.32 -1.76
CA SER B 553 -4.14 11.54 -2.99
C SER B 553 -4.19 12.44 -4.22
N ASN B 554 -3.49 13.56 -4.13
CA ASN B 554 -3.20 14.43 -5.26
C ASN B 554 -1.69 14.47 -5.46
N SER B 555 -1.04 13.30 -5.42
CA SER B 555 0.42 13.23 -5.42
C SER B 555 1.04 13.58 -6.77
N HIS B 556 0.28 13.52 -7.85
CA HIS B 556 0.87 13.57 -9.19
C HIS B 556 1.91 14.68 -9.35
N TYR B 557 1.50 15.93 -9.12
CA TYR B 557 2.45 17.02 -9.34
C TYR B 557 3.50 17.08 -8.25
N PHE B 558 3.28 16.42 -7.12
CA PHE B 558 4.34 16.37 -6.11
C PHE B 558 5.42 15.34 -6.43
N GLN B 559 5.17 14.42 -7.35
CA GLN B 559 6.13 13.36 -7.63
C GLN B 559 7.18 13.73 -8.68
N SER B 560 7.09 14.88 -9.32
CA SER B 560 8.07 15.23 -10.33
C SER B 560 8.97 16.35 -9.81
N GLU B 561 10.28 16.16 -9.95
CA GLU B 561 11.24 17.07 -9.35
C GLU B 561 11.19 18.44 -10.03
N GLY B 562 11.47 19.47 -9.24
CA GLY B 562 11.71 20.81 -9.73
C GLY B 562 10.48 21.67 -9.92
N ILE B 563 9.32 21.21 -9.48
CA ILE B 563 8.05 21.87 -9.71
C ILE B 563 7.71 22.69 -8.47
N THR B 564 7.15 23.89 -8.67
CA THR B 564 6.79 24.76 -7.54
C THR B 564 5.51 24.29 -6.87
N HIS B 565 5.51 24.26 -5.53
CA HIS B 565 4.34 23.93 -4.72
C HIS B 565 4.23 24.93 -3.59
N MET B 566 3.04 25.52 -3.43
CA MET B 566 2.80 26.53 -2.40
C MET B 566 1.98 25.92 -1.27
N LEU B 567 2.67 25.39 -0.25
CA LEU B 567 2.01 24.83 0.90
C LEU B 567 1.42 25.90 1.81
N ASN B 568 1.77 27.16 1.61
CA ASN B 568 1.27 28.22 2.48
C ASN B 568 -0.11 28.73 2.06
N PHE B 569 -0.83 27.99 1.21
CA PHE B 569 -2.15 28.42 0.77
C PHE B 569 -3.19 28.47 1.88
N THR B 570 -2.89 27.95 3.07
CA THR B 570 -3.89 27.95 4.14
C THR B 570 -4.13 29.34 4.72
N LYS B 571 -3.21 30.29 4.50
CA LYS B 571 -3.32 31.59 5.14
C LYS B 571 -4.66 32.24 4.87
N ASN B 572 -5.16 32.16 3.64
CA ASN B 572 -6.35 32.90 3.23
C ASN B 572 -7.65 32.29 3.74
N LEU B 573 -7.64 31.05 4.22
CA LEU B 573 -8.89 30.37 4.58
C LEU B 573 -9.13 30.58 6.07
N LYS B 574 -9.89 31.63 6.40
CA LYS B 574 -9.88 32.10 7.80
C LYS B 574 -10.83 31.32 8.71
N VAL B 575 -11.68 30.42 8.19
CA VAL B 575 -12.45 29.56 9.07
C VAL B 575 -12.14 28.06 8.87
N LEU B 576 -11.03 27.71 8.20
CA LEU B 576 -10.70 26.29 7.96
C LEU B 576 -10.34 25.60 9.28
N GLN B 577 -11.05 24.51 9.61
CA GLN B 577 -10.74 23.77 10.83
C GLN B 577 -9.92 22.50 10.59
N LYS B 578 -10.13 21.84 9.45
CA LYS B 578 -9.55 20.52 9.20
C LYS B 578 -9.03 20.48 7.77
N LEU B 579 -7.78 20.04 7.61
CA LEU B 579 -7.16 19.93 6.31
C LEU B 579 -6.57 18.53 6.17
N MET B 580 -6.91 17.84 5.10
CA MET B 580 -6.35 16.52 4.82
C MET B 580 -5.45 16.61 3.61
N MET B 581 -4.17 16.30 3.78
CA MET B 581 -3.30 16.18 2.62
C MET B 581 -2.48 14.89 2.72
N ASN B 582 -3.20 13.80 2.93
CA ASN B 582 -2.60 12.48 3.03
C ASN B 582 -2.19 11.94 1.65
N ASP B 583 -1.11 11.16 1.65
CA ASP B 583 -0.71 10.37 0.50
C ASP B 583 -0.43 11.26 -0.70
N ASN B 584 0.19 12.41 -0.47
CA ASN B 584 0.55 13.28 -1.58
C ASN B 584 2.02 13.17 -1.95
N ASP B 585 2.80 12.35 -1.23
CA ASP B 585 4.23 12.19 -1.52
C ASP B 585 4.96 13.52 -1.50
N ILE B 586 4.58 14.40 -0.58
CA ILE B 586 5.19 15.72 -0.55
C ILE B 586 6.61 15.60 -0.01
N SER B 587 7.58 16.00 -0.83
CA SER B 587 8.98 15.97 -0.43
C SER B 587 9.69 17.30 -0.62
N SER B 588 8.98 18.32 -1.12
CA SER B 588 9.57 19.62 -1.37
C SER B 588 8.47 20.66 -1.23
N SER B 589 8.88 21.89 -0.94
CA SER B 589 7.92 22.97 -0.81
C SER B 589 8.66 24.26 -1.07
N THR B 590 8.03 25.15 -1.82
CA THR B 590 8.63 26.45 -2.09
C THR B 590 8.51 27.36 -0.88
N SER B 591 7.40 27.28 -0.17
CA SER B 591 7.24 27.98 1.09
C SER B 591 7.70 27.11 2.25
N ARG B 592 8.27 27.75 3.27
CA ARG B 592 8.87 27.03 4.39
C ARG B 592 7.97 26.96 5.60
N THR B 593 6.82 27.63 5.58
CA THR B 593 5.88 27.63 6.69
C THR B 593 4.48 27.58 6.12
N MET B 594 3.61 26.80 6.76
CA MET B 594 2.17 26.90 6.55
C MET B 594 1.60 27.73 7.68
N GLU B 595 0.66 28.61 7.38
CA GLU B 595 0.04 29.33 8.47
C GLU B 595 -1.46 29.40 8.27
N SER B 596 -2.13 29.31 9.39
CA SER B 596 -3.58 29.28 9.46
C SER B 596 -3.89 29.67 10.90
N GLU B 597 -4.90 30.47 11.05
CA GLU B 597 -5.18 31.01 12.32
C GLU B 597 -6.43 30.39 12.91
N SER B 598 -6.98 29.43 12.16
CA SER B 598 -8.14 28.64 12.51
C SER B 598 -7.89 27.12 12.54
N LEU B 599 -6.93 26.60 11.79
CA LEU B 599 -6.80 25.14 11.60
C LEU B 599 -6.58 24.41 12.92
N ARG B 600 -7.47 23.46 13.23
CA ARG B 600 -7.35 22.61 14.40
C ARG B 600 -6.76 21.24 14.09
N THR B 601 -7.02 20.71 12.90
CA THR B 601 -6.64 19.36 12.53
C THR B 601 -5.95 19.37 11.17
N LEU B 602 -4.73 18.82 11.13
CA LEU B 602 -3.99 18.62 9.89
C LEU B 602 -3.61 17.14 9.76
N GLU B 603 -4.04 16.52 8.66
CA GLU B 603 -3.59 15.16 8.30
C GLU B 603 -2.55 15.24 7.19
N PHE B 604 -1.34 14.79 7.48
CA PHE B 604 -0.18 14.90 6.62
C PHE B 604 0.48 13.54 6.44
N ARG B 605 -0.33 12.50 6.43
CA ARG B 605 0.13 11.13 6.40
C ARG B 605 0.55 10.76 4.98
N GLY B 606 1.55 9.88 4.87
CA GLY B 606 1.92 9.39 3.53
C GLY B 606 2.66 10.41 2.69
N ASN B 607 3.53 11.21 3.31
CA ASN B 607 4.34 12.18 2.59
C ASN B 607 5.81 11.90 2.86
N HIS B 608 6.68 12.84 2.60
CA HIS B 608 8.10 12.60 2.73
C HIS B 608 8.76 13.69 3.56
N LEU B 609 8.24 13.86 4.77
CA LEU B 609 8.87 14.74 5.74
C LEU B 609 10.29 14.29 6.02
N ASP B 610 10.61 13.02 5.79
CA ASP B 610 11.99 12.60 5.96
C ASP B 610 12.90 13.33 4.97
N VAL B 611 12.41 13.58 3.75
CA VAL B 611 13.19 14.36 2.79
C VAL B 611 13.15 15.85 3.17
N LEU B 612 11.97 16.37 3.54
CA LEU B 612 11.88 17.78 3.89
C LEU B 612 12.77 18.12 5.07
N TRP B 613 12.87 17.20 6.05
CA TRP B 613 13.64 17.42 7.27
C TRP B 613 14.98 16.71 7.24
N ARG B 614 15.51 16.47 6.05
CA ARG B 614 16.80 15.81 5.90
C ARG B 614 17.83 16.47 6.81
N ASP B 615 18.62 15.64 7.49
CA ASP B 615 19.55 16.15 8.49
C ASP B 615 20.53 17.14 7.87
N GLY B 616 20.65 18.30 8.48
CA GLY B 616 21.46 19.39 7.99
C GLY B 616 20.68 20.48 7.26
N ASP B 617 19.43 20.20 6.89
CA ASP B 617 18.56 21.17 6.24
C ASP B 617 17.56 21.64 7.27
N ASN B 618 17.73 22.87 7.74
CA ASN B 618 16.92 23.45 8.79
C ASN B 618 15.73 24.22 8.27
N ARG B 619 15.53 24.24 6.95
CA ARG B 619 14.62 25.23 6.37
C ARG B 619 13.15 24.93 6.67
N TYR B 620 12.77 23.66 6.81
CA TYR B 620 11.36 23.32 6.97
C TYR B 620 11.03 22.85 8.38
N LEU B 621 11.92 23.05 9.35
CA LEU B 621 11.67 22.61 10.72
C LEU B 621 10.58 23.40 11.42
N GLN B 622 10.09 24.48 10.81
CA GLN B 622 8.98 25.25 11.35
C GLN B 622 7.77 25.18 10.43
N LEU B 623 7.70 24.14 9.60
CA LEU B 623 6.62 24.03 8.61
C LEU B 623 5.24 24.19 9.24
N PHE B 624 5.03 23.63 10.44
CA PHE B 624 3.74 23.65 11.10
C PHE B 624 3.66 24.62 12.26
N LYS B 625 4.76 25.35 12.56
CA LYS B 625 4.83 26.17 13.77
C LYS B 625 3.73 27.24 13.81
N ASN B 626 3.42 27.85 12.68
CA ASN B 626 2.46 28.95 12.62
C ASN B 626 1.03 28.50 12.34
N LEU B 627 0.74 27.21 12.51
CA LEU B 627 -0.65 26.77 12.61
C LEU B 627 -1.03 26.92 14.09
N LEU B 628 -1.28 28.17 14.52
CA LEU B 628 -1.26 28.47 15.95
C LEU B 628 -2.34 27.74 16.72
N LYS B 629 -3.46 27.41 16.08
CA LYS B 629 -4.54 26.71 16.77
C LYS B 629 -4.52 25.20 16.55
N LEU B 630 -3.46 24.66 15.94
CA LEU B 630 -3.40 23.23 15.62
C LEU B 630 -3.41 22.39 16.87
N GLU B 631 -4.35 21.45 16.95
CA GLU B 631 -4.41 20.53 18.07
C GLU B 631 -4.11 19.10 17.70
N GLU B 632 -4.35 18.71 16.45
CA GLU B 632 -4.18 17.32 16.00
C GLU B 632 -3.33 17.32 14.74
N LEU B 633 -2.22 16.57 14.79
CA LEU B 633 -1.27 16.48 13.68
C LEU B 633 -0.95 15.01 13.46
N ASP B 634 -1.27 14.52 12.28
CA ASP B 634 -0.94 13.16 11.89
C ASP B 634 0.22 13.19 10.89
N ILE B 635 1.43 12.85 11.35
CA ILE B 635 2.55 12.72 10.42
C ILE B 635 3.08 11.29 10.47
N SER B 636 2.18 10.33 10.55
CA SER B 636 2.51 8.93 10.36
C SER B 636 2.86 8.65 8.90
N LYS B 637 3.51 7.51 8.63
CA LYS B 637 3.84 7.09 7.26
C LYS B 637 4.60 8.19 6.51
N ASN B 638 5.64 8.72 7.16
CA ASN B 638 6.48 9.72 6.52
C ASN B 638 7.94 9.27 6.43
N SER B 639 8.19 7.96 6.57
CA SER B 639 9.56 7.42 6.51
C SER B 639 10.49 8.10 7.52
N LEU B 640 9.93 8.58 8.62
CA LEU B 640 10.81 9.27 9.58
C LEU B 640 11.51 8.21 10.43
N SER B 641 12.71 7.81 10.00
CA SER B 641 13.46 6.84 10.80
C SER B 641 14.15 7.50 11.97
N PHE B 642 14.24 8.84 11.96
CA PHE B 642 14.63 9.63 13.12
C PHE B 642 13.94 10.97 13.01
N LEU B 643 13.92 11.68 14.13
CA LEU B 643 13.43 13.05 14.12
C LEU B 643 14.61 13.97 14.35
N PRO B 644 14.95 14.84 13.41
CA PRO B 644 16.04 15.79 13.66
C PRO B 644 15.70 16.67 14.84
N SER B 645 16.73 17.10 15.56
CA SER B 645 16.50 18.07 16.62
C SER B 645 15.94 19.34 16.00
N GLY B 646 14.97 19.93 16.70
CA GLY B 646 14.26 21.08 16.20
C GLY B 646 12.85 20.80 15.73
N VAL B 647 12.53 19.54 15.43
CA VAL B 647 11.16 19.22 15.02
C VAL B 647 10.18 19.53 16.15
N PHE B 648 10.53 19.16 17.38
CA PHE B 648 9.60 19.37 18.48
C PHE B 648 9.49 20.84 18.85
N ASP B 649 10.63 21.56 18.91
CA ASP B 649 10.58 23.01 19.07
C ASP B 649 9.76 23.65 17.97
N GLY B 650 9.75 23.07 16.78
CA GLY B 650 8.99 23.66 15.71
C GLY B 650 7.52 23.35 15.70
N MET B 651 7.01 22.53 16.62
CA MET B 651 5.58 22.23 16.61
C MET B 651 4.78 23.42 17.11
N PRO B 652 3.55 23.58 16.64
CA PRO B 652 2.71 24.68 17.13
C PRO B 652 2.39 24.50 18.60
N PRO B 653 2.03 25.58 19.30
CA PRO B 653 2.04 25.54 20.78
C PRO B 653 0.90 24.76 21.39
N ASN B 654 -0.24 24.59 20.70
CA ASN B 654 -1.38 23.93 21.31
C ASN B 654 -1.56 22.48 20.85
N LEU B 655 -0.52 21.87 20.28
CA LEU B 655 -0.64 20.50 19.78
C LEU B 655 -1.00 19.53 20.91
N LYS B 656 -2.09 18.80 20.73
CA LYS B 656 -2.56 17.87 21.74
C LYS B 656 -2.35 16.41 21.37
N ASN B 657 -2.55 16.08 20.10
CA ASN B 657 -2.65 14.72 19.61
C ASN B 657 -1.70 14.61 18.42
N LEU B 658 -0.61 13.87 18.60
CA LEU B 658 0.42 13.71 17.58
C LEU B 658 0.60 12.24 17.25
N SER B 659 0.45 11.89 15.97
CA SER B 659 0.78 10.55 15.50
C SER B 659 2.11 10.54 14.76
N LEU B 660 3.04 9.72 15.23
CA LEU B 660 4.28 9.42 14.52
C LEU B 660 4.33 7.95 14.14
N ALA B 661 3.16 7.33 13.97
CA ALA B 661 3.08 5.90 13.70
C ALA B 661 3.64 5.56 12.32
N LYS B 662 4.01 4.28 12.14
CA LYS B 662 4.33 3.72 10.84
C LYS B 662 5.43 4.52 10.13
N ASN B 663 6.47 4.85 10.88
CA ASN B 663 7.54 5.66 10.34
C ASN B 663 8.87 4.94 10.22
N GLY B 664 8.98 3.72 10.72
CA GLY B 664 10.27 3.09 10.87
C GLY B 664 11.18 3.80 11.85
N LEU B 665 10.62 4.50 12.83
CA LEU B 665 11.43 5.24 13.79
C LEU B 665 12.29 4.28 14.60
N LYS B 666 13.60 4.51 14.63
CA LYS B 666 14.55 3.64 15.32
C LYS B 666 15.07 4.25 16.60
N SER B 667 14.87 5.54 16.81
CA SER B 667 15.36 6.23 17.97
C SER B 667 14.45 7.40 18.21
N PHE B 668 14.46 7.89 19.44
CA PHE B 668 13.51 8.91 19.85
C PHE B 668 14.10 9.57 21.09
N ILE B 669 14.40 10.86 21.01
CA ILE B 669 14.86 11.60 22.17
C ILE B 669 13.63 12.01 22.97
N TRP B 670 13.28 11.17 23.96
CA TRP B 670 12.04 11.37 24.71
C TRP B 670 12.03 12.70 25.44
N GLU B 671 13.19 13.21 25.83
CA GLU B 671 13.25 14.45 26.61
C GLU B 671 12.77 15.65 25.83
N LYS B 672 12.86 15.62 24.48
CA LYS B 672 12.37 16.70 23.63
C LYS B 672 10.86 16.84 23.69
N LEU B 673 10.16 15.89 24.30
CA LEU B 673 8.74 16.09 24.50
C LEU B 673 8.44 17.23 25.47
N ARG B 674 9.45 17.71 26.21
CA ARG B 674 9.24 18.89 27.06
C ARG B 674 8.76 20.10 26.25
N TYR B 675 9.09 20.18 24.96
CA TYR B 675 8.61 21.30 24.15
C TYR B 675 7.12 21.23 23.89
N LEU B 676 6.52 20.05 24.00
CA LEU B 676 5.12 19.87 23.61
C LEU B 676 4.28 20.03 24.87
N LYS B 677 4.08 21.29 25.27
CA LYS B 677 3.56 21.54 26.61
C LYS B 677 2.09 21.20 26.74
N ASN B 678 1.37 21.04 25.62
CA ASN B 678 -0.03 20.66 25.66
C ASN B 678 -0.28 19.24 25.17
N LEU B 679 0.78 18.44 25.00
CA LEU B 679 0.65 17.11 24.43
C LEU B 679 -0.18 16.20 25.33
N GLU B 680 -1.21 15.59 24.77
CA GLU B 680 -2.00 14.64 25.54
C GLU B 680 -2.05 13.23 24.96
N THR B 681 -1.97 13.08 23.63
CA THR B 681 -1.88 11.77 22.98
C THR B 681 -0.62 11.71 22.11
N LEU B 682 0.22 10.71 22.36
CA LEU B 682 1.40 10.44 21.55
C LEU B 682 1.29 9.03 20.99
N ASP B 683 1.17 8.93 19.66
CA ASP B 683 1.03 7.65 18.98
C ASP B 683 2.34 7.30 18.29
N LEU B 684 3.07 6.34 18.85
CA LEU B 684 4.32 5.85 18.27
C LEU B 684 4.21 4.41 17.76
N SER B 685 3.01 3.98 17.40
CA SER B 685 2.79 2.59 17.05
C SER B 685 3.48 2.20 15.74
N HIS B 686 3.83 0.92 15.61
CA HIS B 686 4.37 0.38 14.36
C HIS B 686 5.64 1.12 13.95
N ASN B 687 6.61 1.11 14.85
CA ASN B 687 7.92 1.70 14.61
C ASN B 687 8.95 0.66 15.03
N GLN B 688 10.17 1.08 15.27
CA GLN B 688 11.24 0.15 15.66
C GLN B 688 11.93 0.60 16.94
N LEU B 689 11.17 1.20 17.87
CA LEU B 689 11.78 1.68 19.10
C LEU B 689 12.15 0.49 20.01
N THR B 690 13.29 0.62 20.70
CA THR B 690 13.75 -0.43 21.61
C THR B 690 13.71 -0.04 23.07
N THR B 691 13.58 1.24 23.39
CA THR B 691 13.61 1.67 24.77
C THR B 691 12.49 2.66 25.03
N VAL B 692 12.11 2.78 26.30
CA VAL B 692 11.22 3.80 26.81
C VAL B 692 12.10 4.79 27.55
N PRO B 693 11.63 5.97 27.92
CA PRO B 693 12.49 6.91 28.65
C PRO B 693 12.79 6.42 30.07
N GLU B 694 13.92 6.88 30.60
CA GLU B 694 14.31 6.52 31.97
C GLU B 694 13.28 6.98 32.98
N ARG B 695 12.72 8.17 32.78
CA ARG B 695 11.67 8.73 33.62
C ARG B 695 10.69 9.43 32.70
N LEU B 696 9.53 8.81 32.47
CA LEU B 696 8.53 9.44 31.61
C LEU B 696 8.14 10.81 32.15
N SER B 697 7.97 10.92 33.48
CA SER B 697 7.45 12.15 34.07
C SER B 697 8.35 13.34 33.77
N ASN B 698 9.65 13.11 33.60
CA ASN B 698 10.61 14.14 33.25
C ASN B 698 10.58 14.51 31.77
N CYS B 699 9.78 13.82 30.95
CA CYS B 699 9.70 14.09 29.51
C CYS B 699 8.47 14.87 29.12
N SER B 700 7.39 14.66 29.82
CA SER B 700 6.13 15.30 29.51
C SER B 700 5.35 15.39 30.80
N ARG B 701 4.82 16.55 31.05
CA ARG B 701 4.15 16.79 32.30
C ARG B 701 2.66 16.63 32.14
N SER B 702 2.22 16.49 30.87
CA SER B 702 0.83 16.49 30.45
C SER B 702 0.37 15.19 29.80
N LEU B 703 1.30 14.35 29.37
CA LEU B 703 0.96 13.21 28.52
C LEU B 703 -0.02 12.29 29.24
N LYS B 704 -1.19 12.10 28.62
CA LYS B 704 -2.23 11.17 29.09
C LYS B 704 -2.15 9.81 28.41
N ASN B 705 -1.98 9.77 27.09
CA ASN B 705 -2.14 8.56 26.29
C ASN B 705 -0.87 8.29 25.50
N LEU B 706 -0.22 7.18 25.83
CA LEU B 706 1.02 6.77 25.20
C LEU B 706 0.77 5.44 24.51
N ILE B 707 0.91 5.42 23.19
CA ILE B 707 0.68 4.25 22.36
C ILE B 707 2.04 3.80 21.83
N LEU B 708 2.51 2.67 22.35
CA LEU B 708 3.80 2.14 21.92
C LEU B 708 3.67 0.77 21.27
N LYS B 709 2.47 0.39 20.83
CA LYS B 709 2.28 -0.96 20.32
C LYS B 709 3.11 -1.21 19.05
N ASN B 710 3.48 -2.48 18.85
CA ASN B 710 4.17 -2.93 17.63
C ASN B 710 5.51 -2.23 17.48
N ASN B 711 6.32 -2.30 18.53
CA ASN B 711 7.69 -1.83 18.47
C ASN B 711 8.63 -2.97 18.87
N GLN B 712 9.87 -2.66 19.22
CA GLN B 712 10.84 -3.69 19.56
C GLN B 712 11.30 -3.60 21.02
N ILE B 713 10.44 -3.16 21.91
CA ILE B 713 10.86 -2.90 23.30
C ILE B 713 11.01 -4.22 24.03
N ARG B 714 12.19 -4.46 24.61
CA ARG B 714 12.43 -5.74 25.29
C ARG B 714 12.50 -5.63 26.81
N SER B 715 12.54 -4.43 27.36
CA SER B 715 12.50 -4.23 28.82
C SER B 715 12.18 -2.77 29.09
N LEU B 716 11.63 -2.50 30.26
CA LEU B 716 11.32 -1.13 30.65
C LEU B 716 12.45 -0.58 31.52
N THR B 717 12.60 0.74 31.52
CA THR B 717 13.61 1.36 32.37
C THR B 717 13.23 1.20 33.83
N LYS B 718 14.25 1.26 34.69
CA LYS B 718 14.08 0.90 36.10
C LYS B 718 12.99 1.73 36.78
N TYR B 719 12.85 3.01 36.42
CA TYR B 719 11.84 3.85 37.07
C TYR B 719 10.86 4.48 36.07
N PHE B 720 10.62 3.79 34.95
CA PHE B 720 9.78 4.22 33.82
C PHE B 720 8.62 5.14 34.20
N LEU B 721 7.63 4.65 34.93
CA LEU B 721 6.43 5.44 35.16
C LEU B 721 6.42 6.15 36.52
N GLN B 722 7.53 6.15 37.23
CA GLN B 722 7.66 6.82 38.53
C GLN B 722 7.11 8.24 38.48
N ASP B 723 6.08 8.48 39.28
CA ASP B 723 5.49 9.81 39.47
C ASP B 723 4.87 10.37 38.19
N ALA B 724 4.58 9.53 37.19
CA ALA B 724 3.85 9.97 36.00
C ALA B 724 2.35 9.91 36.29
N PHE B 725 1.92 10.77 37.22
CA PHE B 725 0.55 10.69 37.74
C PHE B 725 -0.49 11.01 36.69
N GLN B 726 -0.13 11.77 35.64
CA GLN B 726 -1.17 12.16 34.69
C GLN B 726 -1.49 11.08 33.67
N LEU B 727 -0.69 10.01 33.55
CA LEU B 727 -0.90 8.98 32.55
C LEU B 727 -2.20 8.21 32.80
N ARG B 728 -2.99 8.01 31.74
CA ARG B 728 -4.26 7.29 31.84
C ARG B 728 -4.39 6.11 30.87
N TYR B 729 -3.51 5.98 29.88
CA TYR B 729 -3.66 4.95 28.84
C TYR B 729 -2.27 4.63 28.32
N LEU B 730 -1.89 3.36 28.42
CA LEU B 730 -0.56 2.91 27.99
C LEU B 730 -0.73 1.62 27.20
N ASP B 731 -0.32 1.63 25.94
CA ASP B 731 -0.36 0.44 25.07
C ASP B 731 1.08 0.01 24.79
N LEU B 732 1.49 -1.08 25.43
CA LEU B 732 2.78 -1.71 25.20
C LEU B 732 2.63 -3.04 24.47
N SER B 733 1.48 -3.28 23.86
CA SER B 733 1.24 -4.58 23.25
C SER B 733 2.12 -4.80 22.01
N SER B 734 2.31 -6.07 21.65
CA SER B 734 3.12 -6.45 20.50
C SER B 734 4.50 -5.81 20.57
N ASN B 735 5.16 -6.03 21.71
CA ASN B 735 6.56 -5.67 21.84
C ASN B 735 7.29 -6.97 22.21
N LYS B 736 8.45 -6.89 22.81
CA LYS B 736 9.20 -8.09 23.17
C LYS B 736 9.52 -8.10 24.66
N ILE B 737 8.59 -7.59 25.47
CA ILE B 737 8.92 -7.41 26.87
C ILE B 737 8.94 -8.77 27.56
N GLN B 738 9.98 -9.02 28.34
CA GLN B 738 10.10 -10.25 29.11
C GLN B 738 9.64 -10.10 30.55
N MET B 739 9.96 -8.99 31.20
CA MET B 739 9.71 -8.81 32.61
C MET B 739 9.29 -7.38 32.86
N ILE B 740 8.41 -7.20 33.86
CA ILE B 740 8.01 -5.88 34.33
C ILE B 740 8.05 -5.88 35.85
N GLN B 741 8.87 -5.00 36.43
CA GLN B 741 8.98 -4.88 37.88
C GLN B 741 8.24 -3.65 38.38
N LYS B 742 8.01 -3.65 39.69
CA LYS B 742 7.22 -2.59 40.33
C LYS B 742 7.97 -1.26 40.31
N THR B 743 9.31 -1.29 40.34
CA THR B 743 10.08 -0.07 40.11
C THR B 743 9.64 0.62 38.82
N SER B 744 9.52 -0.13 37.73
CA SER B 744 9.11 0.46 36.46
C SER B 744 7.64 0.81 36.44
N PHE B 745 6.81 0.05 37.15
CA PHE B 745 5.36 0.14 37.10
C PHE B 745 4.82 0.39 38.51
N PRO B 746 5.02 1.60 39.05
CA PRO B 746 4.49 1.86 40.39
C PRO B 746 2.97 1.80 40.43
N GLU B 747 2.47 1.20 41.50
CA GLU B 747 1.02 1.02 41.69
C GLU B 747 0.28 2.35 41.70
N ASN B 748 0.85 3.37 42.36
CA ASN B 748 0.13 4.65 42.45
C ASN B 748 -0.13 5.24 41.07
N VAL B 749 0.64 4.83 40.07
CA VAL B 749 0.37 5.21 38.69
C VAL B 749 -0.51 4.16 38.00
N LEU B 750 -0.19 2.87 38.18
CA LEU B 750 -0.92 1.88 37.38
C LEU B 750 -2.41 1.90 37.64
N ASN B 751 -2.82 2.21 38.88
CA ASN B 751 -4.22 2.09 39.26
C ASN B 751 -5.07 3.26 38.79
N ASN B 752 -4.46 4.34 38.29
CA ASN B 752 -5.21 5.40 37.64
C ASN B 752 -5.49 5.16 36.16
N LEU B 753 -4.90 4.13 35.55
CA LEU B 753 -4.99 3.94 34.09
C LEU B 753 -6.41 3.56 33.70
N LYS B 754 -6.96 4.18 32.67
CA LYS B 754 -8.21 3.64 32.16
C LYS B 754 -8.00 2.34 31.39
N MET B 755 -6.83 2.17 30.78
CA MET B 755 -6.55 0.93 30.05
C MET B 755 -5.04 0.70 30.00
N LEU B 756 -4.66 -0.57 30.09
CA LEU B 756 -3.26 -0.96 30.04
C LEU B 756 -3.19 -2.18 29.14
N LEU B 757 -2.51 -2.03 28.01
CA LEU B 757 -2.46 -3.07 26.98
C LEU B 757 -1.09 -3.73 27.00
N LEU B 758 -1.07 -5.04 27.16
CA LEU B 758 0.15 -5.78 27.38
C LEU B 758 0.25 -7.03 26.53
N HIS B 759 -0.72 -7.27 25.66
CA HIS B 759 -0.79 -8.57 25.00
C HIS B 759 0.28 -8.67 23.93
N HIS B 760 0.59 -9.91 23.58
CA HIS B 760 1.55 -10.31 22.55
C HIS B 760 2.94 -9.78 22.87
N ASN B 761 3.37 -10.07 24.09
CA ASN B 761 4.73 -9.83 24.46
C ASN B 761 5.48 -11.15 24.64
N ARG B 762 6.46 -11.13 25.52
CA ARG B 762 7.57 -12.03 25.64
C ARG B 762 7.81 -12.45 27.12
N PHE B 763 6.68 -12.59 27.82
CA PHE B 763 6.72 -12.68 29.29
C PHE B 763 7.38 -13.97 29.77
N LEU B 764 8.32 -13.80 30.68
CA LEU B 764 9.06 -14.91 31.27
C LEU B 764 8.50 -15.11 32.67
N CYS B 765 7.83 -16.23 32.90
CA CYS B 765 7.05 -16.41 34.12
C CYS B 765 7.83 -17.23 35.14
N THR B 766 8.89 -16.62 35.66
CA THR B 766 9.70 -17.19 36.72
C THR B 766 9.37 -16.49 38.03
N CYS B 767 10.07 -16.87 39.10
CA CYS B 767 9.82 -16.28 40.40
C CYS B 767 10.17 -14.79 40.45
N ASP B 768 10.95 -14.29 39.49
CA ASP B 768 11.16 -12.85 39.39
C ASP B 768 9.88 -12.11 38.99
N ALA B 769 8.91 -12.81 38.38
CA ALA B 769 7.70 -12.21 37.85
C ALA B 769 6.57 -12.22 38.86
N VAL B 770 6.87 -12.54 40.12
CA VAL B 770 5.81 -12.76 41.09
C VAL B 770 4.95 -11.50 41.27
N TRP B 771 5.58 -10.32 41.31
CA TRP B 771 4.79 -9.11 41.50
C TRP B 771 3.86 -8.86 40.31
N PHE B 772 4.41 -8.89 39.10
CA PHE B 772 3.63 -8.60 37.91
C PHE B 772 2.46 -9.56 37.77
N VAL B 773 2.73 -10.86 37.91
CA VAL B 773 1.67 -11.88 37.80
C VAL B 773 0.59 -11.62 38.85
N TRP B 774 1.00 -11.36 40.09
CA TRP B 774 0.02 -11.08 41.13
C TRP B 774 -0.77 -9.82 40.79
N TRP B 775 -0.08 -8.76 40.35
CA TRP B 775 -0.78 -7.52 40.03
C TRP B 775 -1.77 -7.71 38.89
N VAL B 776 -1.37 -8.41 37.81
CA VAL B 776 -2.29 -8.62 36.69
C VAL B 776 -3.51 -9.41 37.13
N GLN B 777 -3.31 -10.41 38.00
CA GLN B 777 -4.41 -11.27 38.40
C GLN B 777 -5.45 -10.53 39.23
N HIS B 778 -5.01 -9.55 40.01
CA HIS B 778 -5.85 -8.91 41.01
C HIS B 778 -6.20 -7.47 40.68
N THR B 779 -5.77 -6.95 39.53
CA THR B 779 -5.94 -5.55 39.24
C THR B 779 -7.36 -5.21 38.81
N GLU B 780 -7.70 -3.95 39.08
CA GLU B 780 -8.91 -3.24 38.76
C GLU B 780 -8.83 -2.67 37.35
N VAL B 781 -7.62 -2.36 36.89
CA VAL B 781 -7.34 -1.82 35.57
C VAL B 781 -7.73 -2.78 34.46
N THR B 782 -8.34 -2.23 33.42
CA THR B 782 -8.74 -3.03 32.26
C THR B 782 -7.52 -3.41 31.42
N ILE B 783 -7.38 -4.71 31.17
CA ILE B 783 -6.30 -5.25 30.35
C ILE B 783 -6.96 -6.18 29.33
N PRO B 784 -6.99 -5.82 28.06
CA PRO B 784 -7.65 -6.68 27.07
C PRO B 784 -6.84 -7.93 26.75
N TYR B 785 -7.56 -8.95 26.27
CA TYR B 785 -7.01 -10.20 25.75
C TYR B 785 -6.34 -11.07 26.82
N LEU B 786 -6.66 -10.84 28.10
CA LEU B 786 -6.15 -11.71 29.15
C LEU B 786 -6.40 -13.18 28.86
N ALA B 787 -7.56 -13.50 28.28
CA ALA B 787 -7.92 -14.91 28.07
C ALA B 787 -7.14 -15.53 26.92
N THR B 788 -6.67 -14.73 25.98
CA THR B 788 -6.17 -15.30 24.73
C THR B 788 -4.73 -14.93 24.39
N ASP B 789 -4.19 -13.79 24.87
CA ASP B 789 -2.88 -13.38 24.38
C ASP B 789 -2.04 -12.63 25.41
N VAL B 790 -2.23 -12.87 26.70
CA VAL B 790 -1.30 -12.41 27.74
C VAL B 790 -0.72 -13.67 28.38
N THR B 791 0.39 -14.13 27.81
CA THR B 791 0.81 -15.52 27.86
C THR B 791 2.27 -15.61 28.25
N CYS B 792 2.62 -16.63 29.02
CA CYS B 792 4.03 -16.94 29.28
C CYS B 792 4.63 -17.61 28.05
N VAL B 793 5.84 -17.18 27.68
CA VAL B 793 6.60 -17.91 26.66
C VAL B 793 7.60 -18.88 27.28
N GLY B 794 7.76 -18.85 28.59
CA GLY B 794 8.63 -19.74 29.31
C GLY B 794 8.47 -19.47 30.79
N PRO B 795 9.19 -20.22 31.63
CA PRO B 795 10.14 -21.26 31.21
C PRO B 795 9.41 -22.57 30.94
N GLY B 796 9.94 -23.36 30.01
CA GLY B 796 9.46 -24.68 29.63
C GLY B 796 8.12 -25.12 30.18
N ALA B 797 8.02 -25.25 31.50
CA ALA B 797 6.77 -25.66 32.13
C ALA B 797 5.62 -24.76 31.69
N HIS B 798 5.76 -23.45 31.91
CA HIS B 798 4.66 -22.51 31.73
C HIS B 798 4.50 -21.99 30.31
N LYS B 799 5.28 -22.50 29.35
CA LYS B 799 5.23 -21.96 28.00
C LYS B 799 3.82 -22.11 27.45
N GLY B 800 3.30 -21.04 26.86
CA GLY B 800 1.96 -21.01 26.35
C GLY B 800 0.88 -20.77 27.39
N GLN B 801 1.22 -20.74 28.67
CA GLN B 801 0.21 -20.59 29.70
C GLN B 801 -0.13 -19.13 29.93
N SER B 802 -1.43 -18.86 30.07
CA SER B 802 -1.90 -17.51 30.35
C SER B 802 -1.43 -17.07 31.73
N VAL B 803 -1.01 -15.80 31.85
CA VAL B 803 -0.54 -15.38 33.15
C VAL B 803 -1.70 -15.23 34.13
N ILE B 804 -2.93 -15.03 33.64
CA ILE B 804 -4.07 -14.92 34.55
C ILE B 804 -4.30 -16.23 35.30
N SER B 805 -3.99 -17.38 34.68
CA SER B 805 -4.13 -18.69 35.30
C SER B 805 -2.89 -19.16 36.03
N LEU B 806 -1.83 -18.37 36.04
CA LEU B 806 -0.55 -18.81 36.56
C LEU B 806 -0.57 -18.98 38.07
N ASP B 807 -0.07 -20.13 38.54
CA ASP B 807 0.06 -20.41 39.97
C ASP B 807 1.54 -20.50 40.30
N LEU B 808 2.04 -19.54 41.10
CA LEU B 808 3.45 -19.46 41.44
C LEU B 808 3.72 -19.75 42.91
N TYR B 809 2.94 -20.65 43.51
CA TYR B 809 3.13 -20.95 44.94
C TYR B 809 4.54 -21.47 45.23
N THR B 810 5.15 -22.19 44.29
CA THR B 810 6.51 -22.71 44.53
C THR B 810 7.51 -21.60 44.79
N CYS B 811 7.21 -20.37 44.38
CA CYS B 811 8.09 -19.25 44.70
C CYS B 811 7.96 -18.77 46.14
N GLU B 812 6.99 -19.25 46.90
CA GLU B 812 6.74 -18.78 48.26
C GLU B 812 6.92 -19.88 49.31
N LEU B 813 7.53 -21.01 48.96
CA LEU B 813 7.62 -22.15 49.88
C LEU B 813 8.39 -21.82 51.15
C1 NAG E . 31.94 27.57 4.23
C2 NAG E . 31.16 27.06 5.46
C3 NAG E . 30.44 28.23 6.17
C4 NAG E . 31.38 29.39 6.42
C5 NAG E . 32.14 29.77 5.14
C6 NAG E . 33.19 30.81 5.36
C7 NAG E . 30.17 24.83 5.68
C8 NAG E . 29.12 23.88 5.17
N2 NAG E . 30.20 26.03 5.09
O3 NAG E . 29.88 27.77 7.39
O4 NAG E . 30.65 30.53 6.88
O5 NAG E . 32.81 28.61 4.60
O6 NAG E . 33.93 31.03 4.16
O7 NAG E . 30.96 24.52 6.56
C1 NAG E . 30.93 30.96 8.21
C2 NAG E . 30.47 32.39 8.27
C3 NAG E . 30.60 32.94 9.69
C4 NAG E . 29.86 32.04 10.67
C5 NAG E . 30.37 30.62 10.54
C6 NAG E . 29.58 29.64 11.37
C7 NAG E . 30.69 33.70 6.19
C8 NAG E . 31.60 34.57 5.37
N2 NAG E . 31.21 33.23 7.33
O3 NAG E . 30.06 34.25 9.75
O4 NAG E . 30.04 32.51 12.01
O5 NAG E . 30.25 30.18 9.17
O6 NAG E . 28.49 29.13 10.62
O7 NAG E . 29.54 33.45 5.84
C1 NAG F . -32.59 -26.58 -5.26
C2 NAG F . -31.18 -27.13 -5.11
C3 NAG F . -30.73 -27.81 -6.41
C4 NAG F . -31.74 -28.84 -6.86
C5 NAG F . -33.11 -28.19 -6.97
C6 NAG F . -34.21 -29.17 -7.33
C7 NAG F . -29.42 -26.12 -3.71
C8 NAG F . -28.58 -24.90 -3.48
N2 NAG F . -30.27 -26.06 -4.74
O3 NAG F . -29.46 -28.43 -6.21
O4 NAG F . -31.43 -29.34 -8.16
O5 NAG F . -33.45 -27.61 -5.70
O6 NAG F . -35.49 -28.57 -7.25
O7 NAG F . -29.31 -27.13 -3.02
C1 NAG F . -31.25 -30.76 -8.26
C2 NAG F . -31.58 -31.12 -9.71
C3 NAG F . -31.18 -32.56 -10.03
C4 NAG F . -29.73 -32.80 -9.64
C5 NAG F . -29.56 -32.45 -8.17
C6 NAG F . -28.14 -32.57 -7.69
C7 NAG F . -33.44 -29.88 -10.74
C8 NAG F . -34.92 -29.83 -10.93
N2 NAG F . -32.99 -30.91 -10.00
O3 NAG F . -31.36 -32.81 -11.42
O4 NAG F . -29.37 -34.16 -9.88
O5 NAG F . -29.94 -31.09 -7.97
O6 NAG F . -27.37 -31.44 -8.07
O7 NAG F . -32.68 -29.05 -11.23
C1 NAG G . -29.91 -10.48 26.78
C2 NAG G . -29.73 -9.41 25.69
C3 NAG G . -31.05 -8.66 25.52
C4 NAG G . -32.18 -9.63 25.20
C5 NAG G . -32.24 -10.73 26.26
C6 NAG G . -33.25 -11.81 25.92
C7 NAG G . -27.38 -8.73 25.71
C8 NAG G . -26.40 -7.66 26.11
N2 NAG G . -28.65 -8.50 26.02
O3 NAG G . -30.88 -7.71 24.46
O4 NAG G . -33.42 -8.92 25.24
O5 NAG G . -30.97 -11.38 26.40
O6 NAG G . -33.18 -12.15 24.54
O7 NAG G . -27.02 -9.76 25.14
C1 NAG G . -34.06 -8.64 23.99
C2 NAG G . -35.57 -8.71 24.22
C3 NAG G . -36.32 -8.34 22.95
C4 NAG G . -35.91 -6.94 22.53
C5 NAG G . -34.40 -6.93 22.30
C6 NAG G . -33.89 -5.54 21.97
C7 NAG G . -36.59 -10.19 25.88
C8 NAG G . -36.76 -8.96 26.72
N2 NAG G . -36.00 -10.02 24.70
O3 NAG G . -37.72 -8.42 23.20
O4 NAG G . -36.61 -6.55 21.35
O5 NAG G . -33.71 -7.35 23.49
O6 NAG G . -34.91 -4.79 21.33
O7 NAG G . -36.96 -11.30 26.26
C1 NAG H . 6.31 4.33 -18.77
C2 NAG H . 7.38 3.29 -18.35
C3 NAG H . 7.36 3.07 -16.84
C4 NAG H . 7.41 4.39 -16.09
C5 NAG H . 6.26 5.27 -16.59
C6 NAG H . 6.18 6.63 -15.92
C7 NAG H . 7.95 1.42 -19.87
C8 NAG H . 7.46 0.14 -20.47
N2 NAG H . 7.10 2.04 -19.04
O3 NAG H . 8.46 2.25 -16.47
O4 NAG H . 7.28 4.15 -14.69
O5 NAG H . 6.46 5.51 -17.99
O6 NAG H . 7.42 7.32 -16.00
O7 NAG H . 9.06 1.88 -20.13
C1 NAG I . 2.11 -40.93 -4.07
C2 NAG I . 1.92 -41.26 -5.55
C3 NAG I . 1.01 -42.47 -5.71
C4 NAG I . 1.61 -43.67 -4.98
C5 NAG I . 1.77 -43.32 -3.51
C6 NAG I . 2.49 -44.41 -2.74
C7 NAG I . 2.12 -39.34 -7.03
C8 NAG I . 1.41 -38.23 -7.75
N2 NAG I . 1.36 -40.13 -6.28
O3 NAG I . 0.83 -42.78 -7.09
O4 NAG I . 0.76 -44.79 -5.13
O5 NAG I . 2.56 -42.13 -3.35
O6 NAG I . 3.86 -44.46 -3.11
O7 NAG I . 3.33 -39.51 -7.13
C1 NAG J . -16.27 -12.56 -24.66
C2 NAG J . -16.51 -12.80 -26.14
C3 NAG J . -17.86 -12.22 -26.55
C4 NAG J . -18.98 -12.77 -25.68
C5 NAG J . -18.65 -12.60 -24.20
C6 NAG J . -19.63 -13.34 -23.31
C7 NAG J . -14.40 -12.91 -27.37
C8 NAG J . -13.41 -12.15 -28.20
N2 NAG J . -15.45 -12.22 -26.95
O3 NAG J . -18.12 -12.52 -27.92
O4 NAG J . -20.17 -12.03 -25.92
O5 NAG J . -17.35 -13.11 -23.89
O6 NAG J . -19.56 -12.90 -21.97
O7 NAG J . -14.25 -14.10 -27.12
C1 NAG K . 14.81 33.12 -31.02
C2 NAG K . 14.21 34.10 -32.05
C3 NAG K . 15.33 34.92 -32.70
C4 NAG K . 16.21 35.57 -31.64
C5 NAG K . 16.71 34.52 -30.66
C6 NAG K . 17.50 35.11 -29.52
C7 NAG K . 12.13 33.20 -32.97
C8 NAG K . 11.50 32.43 -34.09
N2 NAG K . 13.44 33.38 -33.06
O3 NAG K . 14.77 35.92 -33.55
O4 NAG K . 17.35 36.17 -32.26
O5 NAG K . 15.59 33.84 -30.08
O6 NAG K . 16.67 35.46 -28.42
O7 NAG K . 11.47 33.61 -32.02
C1 NAG L . -1.13 17.02 -37.23
C2 NAG L . -2.43 17.55 -37.85
C3 NAG L . -2.80 16.79 -39.14
C4 NAG L . -1.60 16.49 -40.03
C5 NAG L . -0.44 15.98 -39.18
C6 NAG L . 0.84 15.69 -39.95
C7 NAG L . -3.89 18.43 -36.09
C8 NAG L . -5.02 18.13 -35.14
N2 NAG L . -3.52 17.44 -36.88
O3 NAG L . -3.76 17.54 -39.86
O4 NAG L . -1.97 15.48 -40.96
O5 NAG L . -0.14 16.98 -38.20
O6 NAG L . 1.13 16.74 -40.86
O7 NAG L . -3.35 19.54 -36.13
C1 NAG M . 40.78 -5.88 -5.72
C2 NAG M . 39.59 -5.49 -6.61
C3 NAG M . 40.09 -4.96 -7.96
C4 NAG M . 41.11 -3.85 -7.77
C5 NAG M . 42.24 -4.34 -6.87
C6 NAG M . 43.28 -3.29 -6.57
C7 NAG M . 37.64 -6.84 -6.00
C8 NAG M . 36.78 -8.01 -6.37
N2 NAG M . 38.68 -6.59 -6.82
O3 NAG M . 38.98 -4.45 -8.68
O4 NAG M . 41.64 -3.44 -9.04
O5 NAG M . 41.69 -4.77 -5.62
O6 NAG M . 42.73 -2.14 -5.95
O7 NAG M . 37.42 -6.15 -5.01
C1 NAG N . 9.29 -17.02 -11.67
C2 NAG N . 10.76 -16.77 -12.04
C3 NAG N . 11.30 -15.57 -11.25
C4 NAG N . 10.42 -14.35 -11.46
C5 NAG N . 8.99 -14.69 -11.04
C6 NAG N . 8.01 -13.56 -11.27
C7 NAG N . 11.95 -18.82 -12.73
C8 NAG N . 12.85 -19.93 -12.27
N2 NAG N . 11.59 -17.93 -11.79
O3 NAG N . 12.64 -15.29 -11.67
O4 NAG N . 10.89 -13.26 -10.68
O5 NAG N . 8.53 -15.81 -11.82
O6 NAG N . 6.84 -13.71 -10.47
O7 NAG N . 11.56 -18.73 -13.89
C1 NAG O . -15.57 2.50 -31.98
C2 NAG O . -16.58 2.44 -33.13
C3 NAG O . -16.43 3.66 -34.05
C4 NAG O . -16.33 4.97 -33.27
C5 NAG O . -15.34 4.85 -32.12
C6 NAG O . -15.33 6.06 -31.21
C7 NAG O . -17.17 0.12 -33.74
C8 NAG O . -16.83 -1.04 -34.63
N2 NAG O . -16.41 1.21 -33.90
O3 NAG O . -17.54 3.73 -34.93
O4 NAG O . -15.88 5.98 -34.15
O5 NAG O . -15.69 3.73 -31.30
O6 NAG O . -16.50 6.13 -30.42
O7 NAG O . -18.08 0.07 -32.92
N4 IDQ P . -23.38 -0.67 -26.64
C21 IDQ P . -24.42 -1.34 -25.86
C18 IDQ P . -24.33 -1.02 -24.38
C17 IDQ P . -25.22 -0.12 -23.81
C16 IDQ P . -25.18 0.21 -22.46
C20 IDQ P . -23.38 -1.62 -23.55
C19 IDQ P . -23.33 -1.32 -22.18
C15 IDQ P . -24.23 -0.40 -21.63
C14 IDQ P . -24.19 -0.05 -20.15
N2 IDQ P . -22.89 -0.43 -19.61
C9 IDQ P . -22.64 -1.55 -18.87
C10 IDQ P . -23.64 -2.59 -18.44
C11 IDQ P . -24.03 -2.34 -16.99
C12 IDQ P . -24.60 -0.93 -16.81
C13 IDQ P . -25.05 -0.69 -15.38
N1 IDQ P . -21.34 -1.61 -18.54
C7 IDQ P . -20.72 -0.55 -19.06
C6 IDQ P . -19.33 -0.07 -19.07
N3 IDQ P . -18.38 -0.80 -18.43
N IDQ P . -19.03 1.09 -19.70
C IDQ P . -19.96 1.83 -20.37
C8 IDQ P . -21.73 0.23 -19.76
C1 IDQ P . -21.39 1.42 -20.42
C3 IDQ P . -22.29 2.26 -21.12
C5 IDQ P . -21.85 3.42 -21.73
C4 IDQ P . -20.50 3.79 -21.67
C2 IDQ P . -19.57 3.01 -21.01
S SO4 Q . -18.04 -6.80 -27.50
O1 SO4 Q . -17.09 -6.38 -28.52
O2 SO4 Q . -18.66 -5.60 -26.94
O3 SO4 Q . -19.06 -7.67 -28.11
O4 SO4 Q . -17.40 -7.59 -26.45
S SO4 R . 13.83 9.97 -40.06
O1 SO4 R . 14.32 11.11 -40.85
O2 SO4 R . 14.34 10.07 -38.71
O3 SO4 R . 14.34 8.70 -40.60
O4 SO4 R . 12.35 9.99 -40.10
S SO4 S . 46.13 -19.15 7.11
O1 SO4 S . 47.42 -18.74 7.67
O2 SO4 S . 45.12 -18.13 7.44
O3 SO4 S . 46.24 -19.30 5.65
O4 SO4 S . 45.76 -20.45 7.70
S SO4 T . -9.37 5.76 -8.97
O1 SO4 T . -8.91 6.86 -8.10
O2 SO4 T . -10.81 5.92 -9.23
O3 SO4 T . -8.58 5.81 -10.21
O4 SO4 T . -9.17 4.47 -8.30
S SO4 U . 2.17 21.25 -36.29
O1 SO4 U . 2.66 22.54 -36.79
O2 SO4 U . 0.77 21.38 -35.85
O3 SO4 U . 2.28 20.28 -37.39
O4 SO4 U . 3.01 20.78 -35.18
S SO4 V . 30.76 44.08 -5.85
O1 SO4 V . 31.78 45.15 -5.75
O2 SO4 V . 29.99 44.03 -4.61
O3 SO4 V . 29.86 44.39 -6.95
O4 SO4 V . 31.44 42.80 -6.08
S SO4 W . 42.24 11.56 16.82
O1 SO4 W . 43.44 12.21 16.27
O2 SO4 W . 41.28 12.55 17.28
O3 SO4 W . 41.62 10.73 15.78
O4 SO4 W . 42.65 10.69 17.94
S SO4 X . 26.06 17.35 -9.63
O1 SO4 X . 26.42 18.69 -10.13
O2 SO4 X . 26.39 17.30 -8.20
O3 SO4 X . 26.87 16.38 -10.38
O4 SO4 X . 24.63 17.03 -9.74
S SO4 Y . 12.01 0.39 -38.46
O1 SO4 Y . 12.72 0.13 -37.21
O2 SO4 Y . 11.53 1.77 -38.49
O3 SO4 Y . 10.86 -0.52 -38.56
O4 SO4 Y . 12.91 0.16 -39.59
C1 NAG Z . -16.63 11.62 -1.56
C2 NAG Z . -16.79 11.22 -0.08
C3 NAG Z . -15.93 9.99 0.25
C4 NAG Z . -16.15 8.87 -0.75
C5 NAG Z . -15.85 9.43 -2.13
C6 NAG Z . -15.92 8.41 -3.25
C7 NAG Z . -17.20 12.78 1.77
C8 NAG Z . -16.63 13.90 2.58
N2 NAG Z . -16.41 12.33 0.78
O3 NAG Z . -16.21 9.56 1.57
O4 NAG Z . -15.25 7.78 -0.48
O5 NAG Z . -16.80 10.47 -2.39
O6 NAG Z . -17.22 7.86 -3.43
O7 NAG Z . -18.30 12.30 1.99
C1 NAG AA . 3.57 32.03 0.15
C2 NAG AA . 2.91 33.42 0.06
C3 NAG AA . 3.28 34.08 -1.27
C4 NAG AA . 4.80 34.15 -1.44
C5 NAG AA . 5.41 32.76 -1.27
C6 NAG AA . 6.92 32.77 -1.31
C7 NAG AA . 0.84 33.38 1.37
C8 NAG AA . -0.66 33.29 1.31
N2 NAG AA . 1.48 33.33 0.18
O3 NAG AA . 2.70 35.38 -1.31
O4 NAG AA . 5.11 34.61 -2.75
O5 NAG AA . 5.02 32.17 -0.02
O6 NAG AA . 7.48 31.60 -0.73
O7 NAG AA . 1.46 33.46 2.42
C1 NAG BA . -7.52 32.54 -12.54
C2 NAG BA . -7.60 33.99 -13.01
C3 NAG BA . -8.78 34.17 -13.98
C4 NAG BA . -8.83 33.08 -15.05
C5 NAG BA . -8.66 31.69 -14.43
C6 NAG BA . -8.54 30.59 -15.46
C7 NAG BA . -6.77 35.59 -11.33
C8 NAG BA . -7.15 36.41 -10.12
N2 NAG BA . -7.77 34.86 -11.86
O3 NAG BA . -8.67 35.43 -14.62
O4 NAG BA . -10.10 33.11 -15.71
O5 NAG BA . -7.45 31.67 -13.65
O6 NAG BA . -7.24 30.54 -16.05
O7 NAG BA . -5.64 35.60 -11.80
N4 IDQ CA . 4.58 33.24 -13.15
C21 IDQ CA . 3.82 32.30 -13.97
C18 IDQ CA . 4.57 30.97 -14.01
C17 IDQ CA . 5.14 30.57 -15.21
C16 IDQ CA . 5.81 29.35 -15.30
C20 IDQ CA . 4.70 30.17 -12.88
C19 IDQ CA . 5.40 28.96 -12.97
C15 IDQ CA . 5.97 28.55 -14.18
C14 IDQ CA . 6.71 27.20 -14.32
N2 IDQ CA . 6.16 26.32 -13.28
C9 IDQ CA . 6.80 26.01 -12.12
C10 IDQ CA . 8.20 26.40 -11.76
C11 IDQ CA . 9.05 25.17 -12.14
C12 IDQ CA . 9.00 24.91 -13.64
C13 IDQ CA . 10.01 23.87 -14.11
N1 IDQ CA . 6.05 25.24 -11.33
C7 IDQ CA . 4.88 25.03 -11.94
C6 IDQ CA . 3.65 24.31 -11.60
N3 IDQ CA . 3.57 23.64 -10.41
N IDQ CA . 2.62 24.31 -12.47
C IDQ CA . 2.64 24.98 -13.65
C8 IDQ CA . 4.95 25.75 -13.22
C1 IDQ CA . 3.84 25.74 -14.08
C3 IDQ CA . 3.78 26.38 -15.33
C5 IDQ CA . 2.63 26.30 -16.12
C4 IDQ CA . 1.52 25.58 -15.70
C2 IDQ CA . 1.52 24.92 -14.48
S SO4 DA . 1.06 33.14 -5.72
O1 SO4 DA . 1.96 34.25 -6.04
O2 SO4 DA . -0.06 33.57 -4.90
O3 SO4 DA . 0.51 32.58 -6.96
O4 SO4 DA . 1.85 32.21 -4.91
S SO4 EA . -3.82 24.82 -15.74
O1 SO4 EA . -2.70 25.50 -16.40
O2 SO4 EA . -4.94 25.74 -15.56
O3 SO4 EA . -4.25 23.63 -16.48
O4 SO4 EA . -3.38 24.44 -14.41
S SO4 FA . -16.65 6.29 -23.62
O1 SO4 FA . -17.78 6.26 -24.56
O2 SO4 FA . -16.63 7.55 -22.86
O3 SO4 FA . -15.41 6.13 -24.37
O4 SO4 FA . -16.77 5.22 -22.64
S SO4 GA . -34.05 7.30 -25.65
O1 SO4 GA . -34.39 8.24 -26.74
O2 SO4 GA . -34.19 7.99 -24.37
O3 SO4 GA . -32.69 6.81 -25.86
O4 SO4 GA . -34.97 6.15 -25.71
S SO4 HA . -31.20 -8.74 -0.71
O1 SO4 HA . -29.85 -8.39 -1.21
O2 SO4 HA . -31.63 -7.79 0.32
O3 SO4 HA . -32.23 -8.77 -1.78
O4 SO4 HA . -31.09 -10.05 -0.07
S SO4 IA . -61.33 -4.99 -8.82
O1 SO4 IA . -60.59 -4.32 -9.91
O2 SO4 IA . -61.03 -4.32 -7.55
O3 SO4 IA . -62.77 -4.89 -9.08
O4 SO4 IA . -60.97 -6.40 -8.74
S SO4 JA . -1.58 9.69 -10.22
O1 SO4 JA . -0.28 10.23 -10.67
O2 SO4 JA . -2.70 10.47 -10.77
O3 SO4 JA . -1.67 8.29 -10.65
O4 SO4 JA . -1.67 9.73 -8.74
#